data_5WJ9
#
_entry.id   5WJ9
#
_cell.length_a   1
_cell.length_b   1
_cell.length_c   1
_cell.angle_alpha   90.00
_cell.angle_beta   90.00
_cell.angle_gamma   90.00
#
_symmetry.space_group_name_H-M   'P 1'
#
loop_
_entity.id
_entity.type
_entity.pdbx_description
1 polymer Mucolipin-1
2 non-polymer 2-{2-oxo-2-[(4S)-2,2,4-trimethyl-3,4-dihydroquinolin-1(2H)-yl]ethyl}-1H-isoindole-1,3(2H)-dione
#
_entity_poly.entity_id   1
_entity_poly.type   'polypeptide(L)'
_entity_poly.pdbx_seq_one_letter_code
;MTAPAGPRGSETERLLTPNPGYGTQAGPSPAPPTPPEEEDLRRRLKYFFMSPCDKFRAKGRKPCKLMLQVVKILVVTVQL
ILFGLSNQLAVTFREENTIAFRHLFLLGYSDGADDTFAAYTREQLYQAIFHAVDQYLALPDVSLGRYAYVRGGGDPWTNG
SGLALCQRYYHRGHVDPANDTFDIDPMVVTDCIQVDPPERPPPPPSDDLTLLESSSSYKNLTLKFHKLVNVTIHFRLKTI
NLQSLINNEIPDCYTFSVLITFDNKAHSGRIPISLETQAHIQECKHPSVFQHGDNSFRLLFDVVVILTCSLSFLLCARSL
LRGFLLQNEFVGFMWRQRGRVISLWERLEFVNGWYILLVTSDVLTISGTIMKIGIEAKNLASYDVCSILLGTSTLLVWVG
VIRYLTFFHNYNILIATLRVALPSVMRFCCCVAVIYLGYCFCGWIVLGPYHVKFRSLSMVSECLFSLINGDDMFVTFAAM
QAQQGRSSLVWLFSQLYLYSFISLFIYMVLSLFIALITGAYDTIKHPGGAGAEESELQAYIAQCQDSPTSGKFRRGSGSA
CSLLCCCGRDPSEEHSLLVN
;
_entity_poly.pdbx_strand_id   A,B,C,D
#
# COMPACT_ATOMS: atom_id res chain seq x y z
N GLU A 38 6.50 -44.93 41.66
CA GLU A 38 6.61 -46.42 41.53
C GLU A 38 7.81 -46.99 42.29
N GLU A 39 7.89 -48.32 42.38
CA GLU A 39 8.92 -48.99 43.17
C GLU A 39 10.26 -49.12 42.42
N ASP A 40 10.25 -49.88 41.32
CA ASP A 40 11.48 -50.30 40.65
C ASP A 40 12.00 -49.32 39.59
N LEU A 41 11.17 -49.02 38.60
CA LEU A 41 11.58 -48.22 37.44
C LEU A 41 11.17 -46.73 37.49
N ARG A 42 10.81 -46.24 38.68
CA ARG A 42 10.52 -44.81 38.90
C ARG A 42 11.72 -43.91 38.56
N ARG A 43 12.92 -44.37 38.91
CA ARG A 43 14.16 -43.65 38.62
C ARG A 43 14.34 -43.45 37.11
N ARG A 44 14.20 -44.53 36.35
CA ARG A 44 14.29 -44.48 34.88
C ARG A 44 13.12 -43.73 34.25
N LEU A 45 11.92 -43.92 34.80
CA LEU A 45 10.73 -43.14 34.40
C LEU A 45 10.95 -41.64 34.52
N LYS A 46 11.37 -41.20 35.72
CA LYS A 46 11.64 -39.78 36.00
C LYS A 46 12.86 -39.23 35.25
N TYR A 47 13.95 -40.02 35.21
CA TYR A 47 15.20 -39.63 34.54
C TYR A 47 15.04 -39.32 33.05
N PHE A 48 14.08 -39.98 32.38
CA PHE A 48 13.80 -39.72 30.97
C PHE A 48 13.29 -38.30 30.69
N PHE A 49 12.38 -37.81 31.52
CA PHE A 49 11.74 -36.50 31.31
C PHE A 49 12.45 -35.29 31.94
N MET A 50 13.49 -35.53 32.75
CA MET A 50 14.25 -34.43 33.37
C MET A 50 15.05 -33.65 32.34
N SER A 51 15.33 -32.39 32.65
CA SER A 51 16.07 -31.48 31.77
C SER A 51 17.54 -31.93 31.63
N PRO A 52 18.20 -31.58 30.49
CA PRO A 52 19.58 -32.04 30.24
C PRO A 52 20.62 -31.71 31.32
N CYS A 53 20.48 -30.56 31.97
CA CYS A 53 21.39 -30.15 33.05
C CYS A 53 21.31 -31.11 34.25
N ASP A 54 20.10 -31.27 34.77
CA ASP A 54 19.85 -32.19 35.90
C ASP A 54 20.07 -33.66 35.51
N LYS A 55 19.74 -34.00 34.27
CA LYS A 55 20.02 -35.34 33.73
C LYS A 55 21.52 -35.62 33.66
N PHE A 56 22.30 -34.61 33.22
CA PHE A 56 23.76 -34.73 33.17
C PHE A 56 24.39 -34.71 34.57
N ARG A 57 23.86 -33.88 35.47
CA ARG A 57 24.31 -33.84 36.87
C ARG A 57 24.18 -35.18 37.59
N ALA A 58 23.08 -35.90 37.34
CA ALA A 58 22.80 -37.18 38.01
C ALA A 58 23.64 -38.35 37.49
N LYS A 59 23.32 -38.84 36.29
CA LYS A 59 23.93 -40.06 35.73
C LYS A 59 24.07 -39.98 34.20
N GLY A 60 24.69 -41.00 33.61
CA GLY A 60 24.80 -41.14 32.16
C GLY A 60 26.17 -40.75 31.63
N ARG A 61 26.18 -40.05 30.48
CA ARG A 61 27.41 -39.65 29.79
C ARG A 61 27.44 -38.13 29.53
N LYS A 62 28.54 -37.65 28.97
CA LYS A 62 28.71 -36.24 28.57
C LYS A 62 27.69 -35.82 27.50
N PRO A 63 27.32 -34.51 27.45
CA PRO A 63 26.29 -34.06 26.51
C PRO A 63 26.82 -33.82 25.09
N CYS A 64 27.18 -34.90 24.40
CA CYS A 64 27.63 -34.85 23.01
C CYS A 64 26.45 -34.57 22.07
N LYS A 65 25.28 -35.12 22.41
CA LYS A 65 24.03 -34.82 21.73
C LYS A 65 23.70 -33.32 21.70
N LEU A 66 23.99 -32.63 22.79
CA LEU A 66 23.65 -31.21 22.94
C LEU A 66 24.42 -30.31 21.97
N MET A 67 25.73 -30.52 21.89
CA MET A 67 26.62 -29.70 21.05
C MET A 67 26.34 -29.88 19.55
N LEU A 68 26.16 -31.14 19.13
CA LEU A 68 25.93 -31.45 17.71
C LEU A 68 24.65 -30.83 17.15
N GLN A 69 23.64 -30.62 18.00
CA GLN A 69 22.44 -29.87 17.62
C GLN A 69 22.73 -28.40 17.35
N VAL A 70 23.57 -27.80 18.19
CA VAL A 70 23.99 -26.40 18.04
C VAL A 70 24.88 -26.27 16.80
N VAL A 71 25.78 -27.23 16.61
CA VAL A 71 26.66 -27.28 15.44
C VAL A 71 25.83 -27.46 14.17
N LYS A 72 24.82 -28.34 14.24
CA LYS A 72 23.90 -28.54 13.12
C LYS A 72 23.27 -27.24 12.63
N ILE A 73 22.85 -26.38 13.55
CA ILE A 73 22.19 -25.12 13.20
C ILE A 73 23.12 -24.23 12.37
N LEU A 74 24.39 -24.13 12.78
CA LEU A 74 25.39 -23.32 12.07
C LEU A 74 25.85 -23.99 10.76
N VAL A 75 26.02 -25.30 10.81
CA VAL A 75 26.44 -26.10 9.65
C VAL A 75 25.39 -26.05 8.54
N VAL A 76 24.11 -26.26 8.88
CA VAL A 76 23.03 -26.30 7.87
C VAL A 76 22.68 -24.92 7.31
N THR A 77 22.79 -23.88 8.13
CA THR A 77 22.48 -22.50 7.71
C THR A 77 23.52 -21.94 6.72
N VAL A 78 24.80 -22.26 6.94
CA VAL A 78 25.87 -21.84 6.01
C VAL A 78 25.82 -22.69 4.73
N GLN A 79 25.47 -23.97 4.87
CA GLN A 79 25.14 -24.84 3.74
C GLN A 79 24.02 -24.23 2.90
N LEU A 80 22.94 -23.86 3.59
CA LEU A 80 21.76 -23.22 3.00
C LEU A 80 22.12 -21.97 2.19
N ILE A 81 22.94 -21.11 2.78
CA ILE A 81 23.38 -19.87 2.13
C ILE A 81 24.35 -20.15 0.99
N LEU A 82 25.32 -21.03 1.21
CA LEU A 82 26.29 -21.45 0.16
C LEU A 82 25.60 -22.08 -1.05
N PHE A 83 24.53 -22.83 -0.80
CA PHE A 83 23.63 -23.27 -1.87
C PHE A 83 22.91 -22.08 -2.51
N GLY A 84 22.45 -21.15 -1.66
CA GLY A 84 21.76 -19.93 -2.09
C GLY A 84 22.51 -19.03 -3.05
N LEU A 85 23.84 -18.98 -2.93
CA LEU A 85 24.68 -18.19 -3.85
C LEU A 85 24.53 -18.68 -5.30
N SER A 86 24.70 -19.98 -5.49
CA SER A 86 24.50 -20.62 -6.80
C SER A 86 23.02 -20.74 -7.19
N ASN A 87 22.13 -20.85 -6.20
CA ASN A 87 20.68 -20.93 -6.44
C ASN A 87 20.14 -19.72 -7.20
N GLN A 88 20.32 -18.52 -6.64
CA GLN A 88 19.87 -17.28 -7.29
C GLN A 88 20.65 -16.94 -8.57
N LEU A 89 21.88 -17.44 -8.67
CA LEU A 89 22.69 -17.30 -9.88
C LEU A 89 22.03 -17.98 -11.09
N ALA A 90 21.41 -19.13 -10.83
CA ALA A 90 20.59 -19.83 -11.84
C ALA A 90 19.30 -19.07 -12.20
N VAL A 91 18.59 -18.57 -11.18
CA VAL A 91 17.29 -17.88 -11.40
C VAL A 91 17.47 -16.52 -12.08
N THR A 92 18.45 -15.75 -11.63
CA THR A 92 18.77 -14.45 -12.25
C THR A 92 19.15 -14.62 -13.72
N PHE A 93 19.97 -15.63 -14.01
CA PHE A 93 20.35 -15.94 -15.40
C PHE A 93 19.15 -16.31 -16.27
N ARG A 94 18.37 -17.29 -15.83
CA ARG A 94 17.10 -17.64 -16.49
C ARG A 94 16.18 -16.43 -16.70
N GLU A 95 15.94 -15.66 -15.65
CA GLU A 95 14.98 -14.55 -15.71
C GLU A 95 15.48 -13.40 -16.57
N GLU A 96 16.73 -12.98 -16.36
CA GLU A 96 17.31 -11.86 -17.11
C GLU A 96 17.41 -12.15 -18.61
N ASN A 97 17.71 -13.41 -18.96
CA ASN A 97 17.59 -13.88 -20.35
C ASN A 97 16.17 -13.75 -20.88
N THR A 98 15.17 -14.12 -20.08
CA THR A 98 13.76 -13.92 -20.44
C THR A 98 13.48 -12.43 -20.69
N ILE A 99 13.93 -11.58 -19.78
CA ILE A 99 13.79 -10.12 -19.91
C ILE A 99 14.47 -9.64 -21.20
N ALA A 100 15.65 -10.18 -21.49
CA ALA A 100 16.37 -9.88 -22.73
C ALA A 100 15.62 -10.33 -23.98
N PHE A 101 14.99 -11.50 -23.92
CA PHE A 101 14.18 -12.00 -25.04
C PHE A 101 12.95 -11.15 -25.32
N ARG A 102 12.34 -10.60 -24.27
CA ARG A 102 11.20 -9.69 -24.44
C ARG A 102 11.58 -8.40 -25.16
N HIS A 103 12.78 -7.88 -24.86
CA HIS A 103 13.27 -6.66 -25.51
C HIS A 103 13.89 -6.85 -26.90
N LEU A 104 14.06 -8.11 -27.31
CA LEU A 104 14.43 -8.43 -28.69
C LEU A 104 13.19 -8.83 -29.49
N PHE A 105 12.46 -9.84 -29.02
CA PHE A 105 11.37 -10.46 -29.80
C PHE A 105 9.94 -10.00 -29.43
N LEU A 106 9.79 -8.78 -28.90
CA LEU A 106 8.49 -8.11 -28.79
C LEU A 106 8.66 -6.65 -29.22
N LEU A 107 7.86 -6.23 -30.19
CA LEU A 107 7.99 -4.89 -30.78
C LEU A 107 7.23 -3.85 -29.95
N GLY A 108 7.98 -3.10 -29.14
CA GLY A 108 7.43 -2.03 -28.30
C GLY A 108 7.28 -2.34 -26.81
N TYR A 109 7.76 -3.52 -26.37
CA TYR A 109 7.68 -3.91 -24.96
C TYR A 109 8.77 -3.21 -24.17
N SER A 110 8.37 -2.46 -23.14
CA SER A 110 9.31 -1.96 -22.12
C SER A 110 9.15 -2.76 -20.84
N ASP A 111 10.08 -2.59 -19.90
CA ASP A 111 10.01 -3.27 -18.60
C ASP A 111 8.89 -2.60 -17.81
N GLY A 112 7.73 -3.25 -17.85
CA GLY A 112 6.48 -2.65 -17.38
C GLY A 112 5.40 -3.06 -18.37
N ALA A 113 4.25 -3.50 -17.84
CA ALA A 113 3.17 -4.10 -18.61
C ALA A 113 3.59 -5.41 -19.31
N ASP A 114 3.77 -6.45 -18.49
CA ASP A 114 3.88 -7.83 -18.97
C ASP A 114 2.48 -8.21 -19.48
N ASP A 115 1.49 -8.12 -18.59
CA ASP A 115 0.09 -8.07 -18.98
C ASP A 115 -0.23 -6.65 -19.42
N THR A 116 -1.29 -6.48 -20.20
CA THR A 116 -1.57 -5.24 -20.93
C THR A 116 -0.48 -4.92 -21.97
N PHE A 117 0.04 -5.98 -22.61
CA PHE A 117 0.87 -5.85 -23.80
C PHE A 117 0.29 -6.75 -24.90
N ALA A 118 -0.43 -6.12 -25.82
CA ALA A 118 -1.22 -6.82 -26.82
C ALA A 118 -1.22 -6.06 -28.13
N ALA A 119 -1.57 -6.78 -29.20
CA ALA A 119 -1.86 -6.17 -30.49
C ALA A 119 -3.32 -5.76 -30.56
N TYR A 120 -3.58 -4.60 -31.14
CA TYR A 120 -4.95 -4.13 -31.43
C TYR A 120 -5.26 -3.96 -32.94
N THR A 121 -4.23 -3.99 -33.79
CA THR A 121 -4.36 -3.75 -35.22
C THR A 121 -3.64 -4.86 -36.02
N ARG A 122 -4.20 -5.17 -37.19
CA ARG A 122 -3.74 -6.24 -38.07
C ARG A 122 -2.26 -6.11 -38.46
N GLU A 123 -1.91 -4.99 -39.11
CA GLU A 123 -0.54 -4.69 -39.52
C GLU A 123 0.41 -4.56 -38.32
N GLN A 124 -0.14 -4.12 -37.19
CA GLN A 124 0.61 -3.99 -35.95
C GLN A 124 0.98 -5.37 -35.35
N LEU A 125 0.00 -6.29 -35.35
CA LEU A 125 0.23 -7.70 -35.04
C LEU A 125 1.20 -8.36 -36.03
N TYR A 126 0.99 -8.12 -37.33
CA TYR A 126 1.94 -8.55 -38.36
C TYR A 126 3.36 -8.10 -38.03
N GLN A 127 3.51 -6.80 -37.75
CA GLN A 127 4.80 -6.23 -37.32
C GLN A 127 5.34 -6.89 -36.07
N ALA A 128 4.47 -7.16 -35.09
CA ALA A 128 4.88 -7.91 -33.89
C ALA A 128 5.45 -9.29 -34.25
N ILE A 129 4.73 -10.02 -35.12
CA ILE A 129 5.15 -11.36 -35.54
C ILE A 129 6.44 -11.34 -36.36
N PHE A 130 6.50 -10.43 -37.34
CA PHE A 130 7.70 -10.22 -38.16
C PHE A 130 8.90 -9.72 -37.35
N HIS A 131 8.67 -8.95 -36.30
CA HIS A 131 9.78 -8.43 -35.48
C HIS A 131 10.52 -9.55 -34.77
N ALA A 132 9.75 -10.46 -34.18
CA ALA A 132 10.30 -11.68 -33.57
C ALA A 132 11.16 -12.49 -34.54
N VAL A 133 10.63 -12.71 -35.75
CA VAL A 133 11.34 -13.48 -36.79
C VAL A 133 12.58 -12.73 -37.29
N ASP A 134 12.44 -11.42 -37.52
CA ASP A 134 13.56 -10.53 -37.91
C ASP A 134 14.68 -10.62 -36.88
N GLN A 135 14.31 -10.44 -35.62
CA GLN A 135 15.28 -10.46 -34.52
C GLN A 135 15.83 -11.86 -34.26
N TYR A 136 15.06 -12.89 -34.59
CA TYR A 136 15.58 -14.27 -34.60
C TYR A 136 16.61 -14.47 -35.72
N LEU A 137 16.29 -14.00 -36.93
CA LEU A 137 17.23 -14.05 -38.05
C LEU A 137 18.52 -13.22 -37.84
N ALA A 138 18.37 -12.04 -37.23
CA ALA A 138 19.53 -11.16 -36.96
C ALA A 138 19.89 -11.13 -35.46
N LEU A 139 19.92 -12.31 -34.83
CA LEU A 139 20.16 -12.42 -33.38
C LEU A 139 21.64 -12.16 -32.98
N PRO A 140 22.60 -12.94 -33.53
CA PRO A 140 24.00 -12.72 -33.12
C PRO A 140 24.60 -11.36 -33.55
N ASP A 141 23.98 -10.71 -34.53
CA ASP A 141 24.32 -9.33 -34.87
C ASP A 141 23.94 -8.39 -33.73
N VAL A 142 22.65 -8.39 -33.38
CA VAL A 142 22.08 -7.41 -32.45
C VAL A 142 22.37 -7.71 -30.97
N SER A 143 22.28 -8.98 -30.57
CA SER A 143 22.30 -9.32 -29.13
C SER A 143 23.62 -8.99 -28.41
N LEU A 144 23.51 -8.85 -27.09
CA LEU A 144 24.66 -8.58 -26.21
C LEU A 144 25.28 -9.86 -25.67
N GLY A 145 24.44 -10.87 -25.42
CA GLY A 145 24.91 -12.17 -24.93
C GLY A 145 25.52 -13.05 -26.00
N ARG A 146 25.04 -14.29 -26.08
CA ARG A 146 25.60 -15.30 -26.97
C ARG A 146 24.60 -16.44 -27.02
N TYR A 147 23.84 -16.49 -28.11
CA TYR A 147 22.76 -17.47 -28.28
C TYR A 147 22.98 -18.30 -29.53
N ALA A 148 23.27 -19.59 -29.35
CA ALA A 148 23.40 -20.52 -30.46
C ALA A 148 22.04 -21.09 -30.76
N TYR A 149 21.78 -21.33 -32.04
CA TYR A 149 20.51 -21.89 -32.50
C TYR A 149 20.45 -23.42 -32.28
N VAL A 150 19.31 -24.01 -32.65
CA VAL A 150 19.12 -25.46 -32.63
C VAL A 150 18.46 -25.96 -33.93
N ARG A 151 18.82 -27.18 -34.33
CA ARG A 151 18.18 -27.86 -35.45
C ARG A 151 17.00 -28.69 -34.95
N GLY A 152 15.98 -28.82 -35.78
CA GLY A 152 14.68 -29.36 -35.36
C GLY A 152 14.64 -30.85 -35.05
N GLY A 153 14.77 -31.19 -33.77
CA GLY A 153 14.59 -32.56 -33.29
C GLY A 153 13.16 -32.86 -32.84
N GLY A 154 12.52 -31.89 -32.19
CA GLY A 154 11.18 -32.07 -31.64
C GLY A 154 10.03 -32.09 -32.63
N ASP A 155 8.81 -31.96 -32.11
CA ASP A 155 7.57 -32.13 -32.88
C ASP A 155 7.05 -30.87 -33.59
N PRO A 156 7.17 -29.67 -32.96
CA PRO A 156 6.86 -28.44 -33.71
C PRO A 156 7.84 -28.10 -34.85
N TRP A 157 8.99 -28.78 -34.91
CA TRP A 157 10.02 -28.51 -35.93
C TRP A 157 10.22 -29.69 -36.88
N THR A 158 10.49 -29.38 -38.15
CA THR A 158 10.90 -30.37 -39.14
C THR A 158 12.41 -30.59 -39.05
N ASN A 159 12.90 -31.61 -39.74
CA ASN A 159 14.33 -31.98 -39.68
C ASN A 159 15.19 -30.92 -40.39
N GLY A 160 15.57 -29.89 -39.62
CA GLY A 160 16.37 -28.77 -40.13
C GLY A 160 15.97 -27.41 -39.58
N SER A 161 14.69 -27.24 -39.22
CA SER A 161 14.17 -25.92 -38.81
C SER A 161 14.56 -25.51 -37.40
N GLY A 162 14.50 -24.20 -37.15
CA GLY A 162 14.89 -23.60 -35.86
C GLY A 162 13.78 -22.75 -35.26
N LEU A 163 13.36 -21.72 -36.00
CA LEU A 163 12.17 -20.93 -35.68
C LEU A 163 10.99 -21.52 -36.42
N ALA A 164 9.84 -21.57 -35.76
CA ALA A 164 8.65 -22.20 -36.32
C ALA A 164 7.35 -21.57 -35.80
N LEU A 165 6.88 -20.53 -36.49
CA LEU A 165 5.65 -19.85 -36.12
C LEU A 165 4.47 -20.67 -36.61
N CYS A 166 3.52 -20.95 -35.70
CA CYS A 166 2.42 -21.86 -35.95
C CYS A 166 1.04 -21.23 -35.68
N GLN A 167 0.25 -21.04 -36.73
CA GLN A 167 -1.11 -20.54 -36.59
C GLN A 167 -2.03 -21.65 -36.12
N ARG A 168 -2.55 -21.54 -34.90
CA ARG A 168 -3.70 -22.33 -34.47
C ARG A 168 -4.93 -21.58 -34.98
N TYR A 169 -5.62 -22.15 -35.96
CA TYR A 169 -6.85 -21.56 -36.51
C TYR A 169 -7.92 -22.63 -36.79
N TYR A 170 -9.17 -22.20 -36.84
CA TYR A 170 -10.30 -23.14 -36.99
C TYR A 170 -10.31 -23.82 -38.36
N HIS A 171 -10.68 -25.09 -38.37
CA HIS A 171 -10.81 -25.85 -39.61
C HIS A 171 -12.01 -25.37 -40.43
N ARG A 172 -13.18 -25.33 -39.80
CA ARG A 172 -14.40 -24.78 -40.38
C ARG A 172 -14.68 -23.42 -39.76
N GLY A 173 -15.08 -22.45 -40.58
CA GLY A 173 -15.44 -21.13 -40.09
C GLY A 173 -15.95 -20.19 -41.18
N HIS A 174 -17.06 -19.51 -40.91
CA HIS A 174 -17.61 -18.51 -41.84
C HIS A 174 -18.40 -17.43 -41.08
N VAL A 175 -17.77 -16.87 -40.03
CA VAL A 175 -18.42 -15.88 -39.16
C VAL A 175 -18.75 -14.55 -39.87
N ASP A 176 -19.98 -14.07 -39.65
CA ASP A 176 -20.46 -12.81 -40.24
C ASP A 176 -21.69 -12.34 -39.46
N PRO A 177 -21.50 -11.52 -38.40
CA PRO A 177 -22.58 -11.19 -37.44
C PRO A 177 -23.94 -10.80 -38.04
N ALA A 178 -23.92 -10.10 -39.18
CA ALA A 178 -25.16 -9.71 -39.87
C ALA A 178 -25.92 -10.90 -40.46
N ASN A 179 -25.32 -11.58 -41.44
CA ASN A 179 -26.01 -12.63 -42.21
C ASN A 179 -25.89 -14.02 -41.57
N ASP A 180 -26.72 -14.94 -42.05
CA ASP A 180 -26.84 -16.29 -41.44
C ASP A 180 -25.77 -17.28 -41.88
N THR A 181 -25.68 -18.38 -41.14
CA THR A 181 -24.82 -19.55 -41.46
C THR A 181 -23.31 -19.25 -41.36
N PHE A 182 -22.69 -19.66 -40.24
CA PHE A 182 -21.23 -19.55 -40.07
C PHE A 182 -20.51 -20.91 -39.99
N ASP A 183 -21.13 -21.89 -39.34
CA ASP A 183 -20.69 -23.30 -39.39
C ASP A 183 -19.26 -23.49 -38.85
N ILE A 184 -19.13 -23.46 -37.53
CA ILE A 184 -17.84 -23.58 -36.85
C ILE A 184 -17.80 -24.87 -36.05
N ASP A 185 -16.68 -25.59 -36.12
CA ASP A 185 -16.39 -26.68 -35.18
C ASP A 185 -14.94 -26.53 -34.67
N PRO A 186 -14.71 -26.79 -33.37
CA PRO A 186 -13.37 -26.63 -32.80
C PRO A 186 -12.42 -27.75 -33.23
N MET A 187 -11.85 -27.61 -34.42
CA MET A 187 -10.75 -28.43 -34.90
C MET A 187 -9.63 -27.49 -35.32
N VAL A 188 -8.60 -27.40 -34.48
CA VAL A 188 -7.49 -26.48 -34.71
C VAL A 188 -6.50 -27.03 -35.75
N VAL A 189 -6.42 -26.36 -36.90
CA VAL A 189 -5.45 -26.70 -37.94
C VAL A 189 -4.17 -25.94 -37.61
N THR A 190 -3.03 -26.64 -37.64
CA THR A 190 -1.74 -26.07 -37.23
C THR A 190 -0.86 -25.76 -38.45
N ASP A 191 -1.04 -24.56 -39.00
CA ASP A 191 -0.18 -24.05 -40.09
C ASP A 191 1.13 -23.54 -39.48
N CYS A 192 2.15 -24.41 -39.50
CA CYS A 192 3.49 -24.09 -39.02
C CYS A 192 4.41 -23.71 -40.17
N ILE A 193 5.05 -22.55 -40.07
CA ILE A 193 5.98 -22.08 -41.10
C ILE A 193 7.41 -22.17 -40.53
N GLN A 194 8.19 -23.11 -41.07
CA GLN A 194 9.55 -23.39 -40.58
C GLN A 194 10.59 -22.47 -41.20
N VAL A 195 11.55 -22.02 -40.37
CA VAL A 195 12.69 -21.23 -40.86
C VAL A 195 13.87 -21.28 -39.90
N ASP A 196 15.06 -21.58 -40.43
CA ASP A 196 16.31 -21.62 -39.64
C ASP A 196 17.30 -20.61 -40.22
N PRO A 197 18.19 -20.06 -39.37
CA PRO A 197 19.02 -18.93 -39.78
C PRO A 197 20.32 -19.36 -40.46
N PRO A 198 20.97 -18.44 -41.20
CA PRO A 198 22.26 -18.72 -41.81
C PRO A 198 23.42 -18.43 -40.86
N GLU A 199 24.43 -19.30 -40.87
CA GLU A 199 25.63 -19.12 -40.06
C GLU A 199 26.58 -18.11 -40.71
N ARG A 200 27.65 -17.75 -40.00
CA ARG A 200 28.61 -16.74 -40.49
C ARG A 200 29.40 -17.10 -41.76
N PRO A 201 29.60 -18.42 -42.05
CA PRO A 201 30.09 -18.81 -43.37
C PRO A 201 28.96 -19.40 -44.24
N PRO A 202 28.46 -18.63 -45.24
CA PRO A 202 27.40 -19.15 -46.11
C PRO A 202 27.93 -20.16 -47.14
N PRO A 203 27.35 -21.38 -47.21
CA PRO A 203 27.80 -22.35 -48.23
C PRO A 203 27.40 -21.95 -49.65
N PRO A 204 28.33 -22.06 -50.63
CA PRO A 204 27.96 -21.84 -52.04
C PRO A 204 26.94 -22.83 -52.63
N PRO A 205 26.99 -24.13 -52.23
CA PRO A 205 25.94 -25.06 -52.69
C PRO A 205 24.57 -24.77 -52.07
N SER A 216 11.61 -14.42 -46.91
CA SER A 216 11.53 -15.75 -47.50
C SER A 216 10.44 -16.56 -46.82
N SER A 217 9.40 -16.94 -47.58
CA SER A 217 8.30 -17.80 -47.11
C SER A 217 7.38 -17.16 -46.08
N TYR A 218 7.92 -16.83 -44.89
CA TYR A 218 7.14 -16.18 -43.82
C TYR A 218 6.68 -14.73 -44.13
N LYS A 219 7.27 -14.09 -45.13
CA LYS A 219 6.78 -12.79 -45.63
C LYS A 219 5.42 -12.91 -46.35
N ASN A 220 5.10 -14.11 -46.86
CA ASN A 220 3.80 -14.39 -47.47
C ASN A 220 2.71 -14.75 -46.44
N LEU A 221 3.03 -14.69 -45.14
CA LEU A 221 2.13 -15.17 -44.08
C LEU A 221 0.79 -14.43 -44.02
N THR A 222 -0.29 -15.18 -43.90
CA THR A 222 -1.65 -14.64 -43.71
C THR A 222 -2.38 -15.44 -42.64
N LEU A 223 -3.04 -14.75 -41.71
CA LEU A 223 -3.51 -15.35 -40.46
C LEU A 223 -4.95 -15.86 -40.50
N LYS A 224 -5.83 -15.19 -41.25
CA LYS A 224 -7.27 -15.46 -41.27
C LYS A 224 -7.87 -15.19 -39.89
N PHE A 225 -7.93 -13.91 -39.56
CA PHE A 225 -8.07 -13.42 -38.19
C PHE A 225 -9.42 -13.76 -37.57
N HIS A 226 -10.46 -13.82 -38.41
CA HIS A 226 -11.77 -14.31 -38.00
C HIS A 226 -11.76 -15.78 -37.53
N LYS A 227 -10.87 -16.60 -38.11
CA LYS A 227 -10.74 -18.01 -37.72
C LYS A 227 -9.57 -18.28 -36.75
N LEU A 228 -8.88 -17.22 -36.31
CA LEU A 228 -7.62 -17.37 -35.59
C LEU A 228 -7.85 -17.68 -34.12
N VAL A 229 -7.25 -18.79 -33.65
CA VAL A 229 -7.24 -19.13 -32.23
C VAL A 229 -5.99 -18.51 -31.60
N ASN A 230 -4.84 -18.68 -32.24
CA ASN A 230 -3.61 -17.98 -31.83
C ASN A 230 -2.47 -18.15 -32.85
N VAL A 231 -1.36 -17.46 -32.60
CA VAL A 231 -0.09 -17.69 -33.30
C VAL A 231 0.97 -17.93 -32.24
N THR A 232 1.77 -18.99 -32.45
CA THR A 232 2.79 -19.42 -31.48
C THR A 232 4.14 -19.54 -32.18
N ILE A 233 5.07 -18.69 -31.77
CA ILE A 233 6.44 -18.68 -32.25
C ILE A 233 7.24 -19.47 -31.22
N HIS A 234 7.72 -20.64 -31.65
CA HIS A 234 8.61 -21.47 -30.85
C HIS A 234 10.01 -21.40 -31.42
N PHE A 235 10.99 -21.19 -30.54
CA PHE A 235 12.40 -21.38 -30.89
C PHE A 235 13.22 -21.56 -29.63
N ARG A 236 14.24 -22.40 -29.69
CA ARG A 236 15.13 -22.63 -28.55
C ARG A 236 16.49 -21.98 -28.82
N LEU A 237 17.12 -21.50 -27.75
CA LEU A 237 18.45 -20.89 -27.81
C LEU A 237 19.38 -21.52 -26.79
N LYS A 238 20.49 -22.07 -27.26
CA LYS A 238 21.52 -22.62 -26.40
C LYS A 238 22.44 -21.48 -25.97
N THR A 239 22.84 -21.49 -24.70
CA THR A 239 23.82 -20.53 -24.17
C THR A 239 24.77 -21.20 -23.17
N ILE A 240 25.89 -20.52 -22.91
CA ILE A 240 26.87 -20.95 -21.93
C ILE A 240 26.83 -19.92 -20.80
N ASN A 241 26.31 -20.33 -19.65
CA ASN A 241 26.17 -19.45 -18.49
C ASN A 241 27.53 -19.14 -17.84
N LEU A 242 28.11 -18.00 -18.19
CA LEU A 242 29.40 -17.54 -17.66
C LEU A 242 29.29 -16.77 -16.35
N GLN A 243 28.08 -16.68 -15.79
CA GLN A 243 27.88 -16.06 -14.47
C GLN A 243 28.44 -16.95 -13.37
N SER A 244 28.41 -18.27 -13.59
CA SER A 244 28.95 -19.23 -12.65
C SER A 244 30.50 -19.32 -12.67
N LEU A 245 31.16 -18.22 -12.30
CA LEU A 245 32.58 -18.21 -11.99
C LEU A 245 32.83 -17.41 -10.68
N ILE A 246 31.83 -17.44 -9.78
CA ILE A 246 31.96 -16.93 -8.41
C ILE A 246 32.26 -18.13 -7.51
N ASN A 247 31.41 -19.16 -7.64
CA ASN A 247 31.71 -20.48 -7.05
C ASN A 247 32.62 -21.36 -7.93
N ASN A 248 32.88 -20.92 -9.17
CA ASN A 248 33.79 -21.62 -10.10
C ASN A 248 33.24 -23.00 -10.51
N GLU A 249 32.07 -22.98 -11.13
CA GLU A 249 31.55 -24.13 -11.89
C GLU A 249 31.09 -23.62 -13.26
N ILE A 250 32.03 -23.57 -14.19
CA ILE A 250 31.81 -23.00 -15.53
C ILE A 250 30.78 -23.81 -16.33
N PRO A 251 30.83 -25.17 -16.26
CA PRO A 251 29.87 -25.98 -17.02
C PRO A 251 28.40 -25.80 -16.63
N ASP A 252 27.79 -24.74 -17.16
CA ASP A 252 26.35 -24.49 -17.08
C ASP A 252 25.87 -24.10 -18.47
N CYS A 253 25.70 -25.10 -19.33
CA CYS A 253 25.33 -24.88 -20.73
C CYS A 253 23.81 -25.00 -20.89
N TYR A 254 23.13 -23.86 -20.80
CA TYR A 254 21.65 -23.79 -20.83
C TYR A 254 21.10 -23.90 -22.26
N THR A 255 19.83 -24.28 -22.34
CA THR A 255 19.04 -24.22 -23.57
C THR A 255 17.63 -23.70 -23.28
N PHE A 256 17.40 -22.42 -23.53
CA PHE A 256 16.09 -21.80 -23.31
C PHE A 256 15.14 -22.17 -24.43
N SER A 257 13.86 -22.30 -24.07
CA SER A 257 12.79 -22.62 -25.04
C SER A 257 11.75 -21.49 -25.10
N VAL A 258 12.01 -20.51 -25.98
CA VAL A 258 11.19 -19.32 -26.10
C VAL A 258 9.85 -19.66 -26.77
N LEU A 259 8.75 -19.35 -26.07
CA LEU A 259 7.40 -19.46 -26.64
C LEU A 259 6.74 -18.08 -26.67
N ILE A 260 6.81 -17.43 -27.84
CA ILE A 260 6.12 -16.15 -28.05
C ILE A 260 4.69 -16.48 -28.49
N THR A 261 3.71 -16.15 -27.65
CA THR A 261 2.32 -16.52 -27.86
C THR A 261 1.46 -15.29 -28.10
N PHE A 262 0.87 -15.22 -29.30
CA PHE A 262 -0.17 -14.25 -29.62
C PHE A 262 -1.52 -14.91 -29.31
N ASP A 263 -1.89 -14.87 -28.03
CA ASP A 263 -3.06 -15.60 -27.52
C ASP A 263 -4.34 -14.85 -27.91
N ASN A 264 -5.17 -15.47 -28.75
CA ASN A 264 -6.47 -14.96 -29.14
C ASN A 264 -7.59 -15.97 -28.86
N LYS A 265 -7.64 -16.46 -27.63
CA LYS A 265 -8.73 -17.33 -27.17
C LYS A 265 -10.01 -16.55 -26.88
N ALA A 266 -9.89 -15.22 -26.71
CA ALA A 266 -11.03 -14.34 -26.44
C ALA A 266 -11.81 -13.89 -27.69
N HIS A 267 -11.10 -13.65 -28.79
CA HIS A 267 -11.68 -13.04 -30.01
C HIS A 267 -12.24 -11.65 -29.71
N SER A 268 -11.56 -10.92 -28.84
CA SER A 268 -12.03 -9.66 -28.29
C SER A 268 -11.38 -8.44 -28.95
N GLY A 269 -10.77 -8.62 -30.12
CA GLY A 269 -10.02 -7.56 -30.79
C GLY A 269 -8.76 -7.13 -30.05
N ARG A 270 -8.22 -8.02 -29.20
CA ARG A 270 -7.05 -7.75 -28.40
C ARG A 270 -6.34 -9.07 -28.13
N ILE A 271 -5.13 -9.20 -28.67
CA ILE A 271 -4.38 -10.46 -28.67
C ILE A 271 -3.15 -10.29 -27.78
N PRO A 272 -3.27 -10.65 -26.47
CA PRO A 272 -2.11 -10.53 -25.55
C PRO A 272 -0.84 -11.24 -26.04
N ILE A 273 0.23 -10.47 -26.17
CA ILE A 273 1.52 -10.97 -26.66
C ILE A 273 2.36 -11.26 -25.43
N SER A 274 2.86 -12.50 -25.29
CA SER A 274 3.72 -12.86 -24.16
C SER A 274 4.82 -13.83 -24.57
N LEU A 275 5.87 -13.88 -23.75
CA LEU A 275 7.08 -14.65 -24.01
C LEU A 275 7.51 -15.45 -22.79
N GLU A 276 7.43 -16.77 -22.88
CA GLU A 276 7.76 -17.69 -21.78
C GLU A 276 8.99 -18.54 -22.16
N THR A 277 9.80 -18.88 -21.17
CA THR A 277 11.04 -19.62 -21.35
C THR A 277 11.15 -20.80 -20.39
N GLN A 278 11.49 -21.97 -20.93
CA GLN A 278 11.87 -23.14 -20.14
C GLN A 278 13.37 -23.37 -20.37
N ALA A 279 14.11 -23.43 -19.27
CA ALA A 279 15.53 -23.75 -19.30
C ALA A 279 15.76 -25.26 -19.43
N HIS A 280 17.01 -25.62 -19.71
CA HIS A 280 17.42 -27.01 -19.88
C HIS A 280 18.96 -27.06 -19.80
N ILE A 281 19.48 -27.68 -18.74
CA ILE A 281 20.88 -27.49 -18.32
C ILE A 281 21.67 -28.80 -18.25
N GLN A 282 22.84 -28.82 -18.88
CA GLN A 282 23.88 -29.84 -18.64
C GLN A 282 25.26 -29.33 -19.11
N GLU A 283 26.31 -30.12 -18.88
CA GLU A 283 27.68 -29.69 -19.18
C GLU A 283 27.99 -29.79 -20.69
N CYS A 284 29.10 -29.16 -21.10
CA CYS A 284 29.53 -29.17 -22.51
C CYS A 284 31.06 -29.08 -22.70
N LYS A 285 31.76 -30.04 -22.11
CA LYS A 285 33.19 -30.30 -22.34
C LYS A 285 34.14 -29.13 -22.00
N HIS A 286 34.47 -29.01 -20.72
CA HIS A 286 35.58 -28.19 -20.25
C HIS A 286 35.98 -28.59 -18.82
N PRO A 287 36.88 -29.59 -18.68
CA PRO A 287 37.45 -29.95 -17.38
C PRO A 287 38.80 -29.26 -17.10
N SER A 288 38.95 -28.76 -15.87
CA SER A 288 40.21 -28.21 -15.34
C SER A 288 40.68 -26.89 -15.99
N VAL A 289 40.50 -25.79 -15.26
CA VAL A 289 41.14 -24.49 -15.59
C VAL A 289 41.49 -23.66 -14.33
N PHE A 290 40.56 -23.57 -13.39
CA PHE A 290 40.81 -22.97 -12.07
C PHE A 290 39.73 -23.48 -11.10
N GLN A 291 39.75 -24.78 -10.87
CA GLN A 291 38.64 -25.51 -10.21
C GLN A 291 39.08 -26.47 -9.08
N HIS A 292 40.34 -26.38 -8.64
CA HIS A 292 40.93 -27.41 -7.76
C HIS A 292 40.35 -27.45 -6.34
N GLY A 293 40.30 -26.29 -5.69
CA GLY A 293 39.89 -26.20 -4.28
C GLY A 293 38.40 -26.37 -4.07
N ASP A 294 37.61 -25.55 -4.76
CA ASP A 294 36.15 -25.49 -4.56
C ASP A 294 35.44 -26.83 -4.77
N ASN A 295 35.96 -27.65 -5.68
CA ASN A 295 35.47 -29.01 -5.89
C ASN A 295 35.67 -29.90 -4.65
N SER A 296 36.79 -29.69 -3.94
CA SER A 296 37.07 -30.42 -2.69
C SER A 296 36.36 -29.82 -1.48
N PHE A 297 36.33 -28.48 -1.37
CA PHE A 297 35.77 -27.79 -0.19
C PHE A 297 34.25 -27.98 -0.04
N ARG A 298 33.51 -27.72 -1.12
CA ARG A 298 32.04 -27.85 -1.11
C ARG A 298 31.61 -29.31 -0.94
N LEU A 299 32.38 -30.23 -1.53
CA LEU A 299 32.25 -31.67 -1.29
C LEU A 299 32.49 -32.03 0.17
N LEU A 300 33.58 -31.49 0.73
CA LEU A 300 33.93 -31.72 2.16
C LEU A 300 32.95 -31.07 3.14
N PHE A 301 32.25 -30.01 2.72
CA PHE A 301 31.28 -29.33 3.59
C PHE A 301 29.98 -30.14 3.74
N ASP A 302 29.37 -30.51 2.63
CA ASP A 302 28.09 -31.25 2.65
C ASP A 302 28.18 -32.67 3.25
N VAL A 303 29.32 -33.34 3.10
CA VAL A 303 29.55 -34.63 3.78
C VAL A 303 29.62 -34.46 5.32
N VAL A 304 30.13 -33.32 5.78
CA VAL A 304 30.11 -32.97 7.21
C VAL A 304 28.67 -32.68 7.67
N VAL A 305 27.88 -32.04 6.81
CA VAL A 305 26.46 -31.82 7.07
C VAL A 305 25.74 -33.17 7.18
N ILE A 306 26.01 -34.06 6.22
CA ILE A 306 25.50 -35.43 6.25
C ILE A 306 25.95 -36.17 7.52
N LEU A 307 27.22 -36.02 7.89
CA LEU A 307 27.74 -36.62 9.13
C LEU A 307 27.01 -36.10 10.38
N THR A 308 26.89 -34.76 10.47
CA THR A 308 26.22 -34.13 11.62
C THR A 308 24.73 -34.48 11.70
N CYS A 309 24.06 -34.51 10.54
CA CYS A 309 22.65 -34.90 10.48
C CYS A 309 22.45 -36.40 10.77
N SER A 310 23.31 -37.25 10.24
CA SER A 310 23.24 -38.70 10.50
C SER A 310 23.59 -39.05 11.96
N LEU A 311 24.58 -38.37 12.52
CA LEU A 311 24.95 -38.57 13.93
C LEU A 311 23.81 -38.15 14.87
N SER A 312 23.18 -37.00 14.58
CA SER A 312 21.98 -36.56 15.30
C SER A 312 20.77 -37.49 15.08
N PHE A 313 20.62 -37.98 13.85
CA PHE A 313 19.58 -38.95 13.51
C PHE A 313 19.76 -40.29 14.25
N LEU A 314 21.01 -40.73 14.41
CA LEU A 314 21.34 -41.93 15.20
C LEU A 314 21.00 -41.70 16.68
N LEU A 315 21.47 -40.58 17.23
CA LEU A 315 21.17 -40.19 18.62
C LEU A 315 19.67 -40.00 18.87
N CYS A 316 18.92 -39.56 17.85
CA CYS A 316 17.48 -39.53 17.93
C CYS A 316 16.89 -40.94 17.85
N ALA A 317 17.45 -41.79 16.97
CA ALA A 317 17.05 -43.21 16.91
C ALA A 317 17.23 -43.90 18.28
N ARG A 318 18.31 -43.55 18.98
CA ARG A 318 18.50 -44.00 20.37
C ARG A 318 17.43 -43.42 21.32
N SER A 319 17.00 -42.17 21.11
CA SER A 319 15.94 -41.56 21.91
C SER A 319 14.56 -42.20 21.67
N LEU A 320 14.27 -42.55 20.41
CA LEU A 320 13.06 -43.32 20.08
C LEU A 320 13.16 -44.78 20.57
N LEU A 321 14.37 -45.37 20.51
CA LEU A 321 14.62 -46.70 21.06
C LEU A 321 14.20 -46.81 22.54
N ARG A 322 14.43 -45.75 23.32
CA ARG A 322 13.94 -45.65 24.69
C ARG A 322 12.41 -45.60 24.75
N GLY A 323 11.80 -44.94 23.76
CA GLY A 323 10.34 -44.84 23.65
C GLY A 323 9.61 -46.16 23.67
N PHE A 324 10.11 -47.13 22.91
CA PHE A 324 9.49 -48.47 22.86
C PHE A 324 9.52 -49.28 24.15
N LEU A 325 10.56 -49.11 24.97
CA LEU A 325 10.68 -49.83 26.24
C LEU A 325 9.56 -49.44 27.22
N LEU A 326 9.30 -48.13 27.37
CA LEU A 326 8.24 -47.65 28.26
C LEU A 326 6.90 -48.26 27.89
N GLN A 327 6.57 -48.27 26.61
CA GLN A 327 5.38 -48.95 26.10
C GLN A 327 5.32 -50.42 26.54
N ASN A 328 6.48 -51.08 26.60
CA ASN A 328 6.59 -52.46 27.09
C ASN A 328 6.41 -52.59 28.63
N GLU A 329 6.48 -51.48 29.36
CA GLU A 329 6.14 -51.46 30.79
C GLU A 329 4.63 -51.41 31.04
N PHE A 330 3.88 -50.86 30.08
CA PHE A 330 2.40 -50.76 30.15
C PHE A 330 1.93 -50.06 31.42
N VAL A 331 2.33 -48.79 31.54
CA VAL A 331 2.12 -47.95 32.74
C VAL A 331 2.26 -48.78 34.03
N GLY A 332 3.43 -49.44 34.14
CA GLY A 332 3.77 -50.30 35.28
C GLY A 332 2.68 -51.27 35.67
N PHE A 333 2.06 -51.88 34.65
CA PHE A 333 0.87 -52.73 34.82
C PHE A 333 -0.09 -52.11 35.84
N MET A 334 -0.50 -50.88 35.56
CA MET A 334 -1.41 -50.11 36.41
C MET A 334 -0.86 -49.99 37.86
N TRP A 335 0.46 -49.74 37.98
CA TRP A 335 1.17 -49.69 39.25
C TRP A 335 1.06 -51.02 40.05
N ARG A 336 0.81 -52.13 39.34
CA ARG A 336 0.48 -53.42 39.98
C ARG A 336 -0.71 -53.36 40.96
N GLN A 337 -1.62 -52.39 40.77
CA GLN A 337 -2.80 -52.20 41.61
C GLN A 337 -4.14 -52.21 40.85
N ARG A 338 -4.09 -52.30 39.52
CA ARG A 338 -5.27 -52.18 38.64
C ARG A 338 -6.05 -50.85 38.81
N GLY A 339 -5.35 -49.80 39.24
CA GLY A 339 -6.01 -48.59 39.78
C GLY A 339 -6.96 -47.67 39.00
N ARG A 340 -6.42 -46.90 38.08
CA ARG A 340 -7.17 -45.78 37.46
C ARG A 340 -8.13 -46.16 36.31
N VAL A 341 -8.13 -47.42 35.91
CA VAL A 341 -8.79 -47.89 34.66
C VAL A 341 -8.31 -47.04 33.45
N ILE A 342 -7.04 -47.23 33.10
CA ILE A 342 -6.37 -46.42 32.08
C ILE A 342 -6.79 -46.87 30.69
N SER A 343 -7.03 -45.90 29.81
CA SER A 343 -7.63 -46.11 28.48
C SER A 343 -6.64 -46.30 27.33
N LEU A 344 -5.35 -46.05 27.56
CA LEU A 344 -4.27 -46.25 26.58
C LEU A 344 -4.37 -45.33 25.34
N TRP A 345 -4.81 -44.09 25.57
CA TRP A 345 -4.74 -43.02 24.55
C TRP A 345 -3.59 -42.06 24.88
N GLU A 346 -3.52 -41.62 26.14
CA GLU A 346 -2.36 -40.87 26.67
C GLU A 346 -1.01 -41.59 26.47
N ARG A 347 -1.05 -42.93 26.38
CA ARG A 347 0.12 -43.73 25.98
C ARG A 347 0.68 -43.35 24.60
N LEU A 348 -0.18 -42.90 23.69
CA LEU A 348 0.27 -42.42 22.38
C LEU A 348 0.99 -41.07 22.48
N GLU A 349 0.47 -40.17 23.33
CA GLU A 349 0.99 -38.82 23.45
C GLU A 349 2.36 -38.70 24.17
N PHE A 350 2.74 -39.72 24.95
CA PHE A 350 3.96 -39.58 25.79
C PHE A 350 5.26 -39.22 25.04
N VAL A 351 5.52 -39.80 23.86
CA VAL A 351 6.77 -39.63 23.15
C VAL A 351 6.91 -38.24 22.52
N ASN A 352 8.09 -37.64 22.70
CA ASN A 352 8.25 -36.18 22.48
C ASN A 352 8.28 -35.78 21.00
N GLY A 353 7.40 -34.82 20.69
CA GLY A 353 7.18 -34.34 19.33
C GLY A 353 8.40 -33.63 18.74
N TRP A 354 9.08 -32.80 19.54
CA TRP A 354 10.24 -32.07 19.05
C TRP A 354 11.33 -32.97 18.46
N TYR A 355 11.51 -34.15 19.04
CA TYR A 355 12.40 -35.17 18.46
C TYR A 355 11.88 -35.65 17.08
N ILE A 356 10.57 -35.90 17.01
CA ILE A 356 9.94 -36.32 15.75
C ILE A 356 10.07 -35.24 14.66
N LEU A 357 9.91 -33.98 15.05
CA LEU A 357 10.13 -32.84 14.16
C LEU A 357 11.60 -32.71 13.78
N LEU A 358 12.49 -32.90 14.74
CA LEU A 358 13.95 -32.87 14.52
C LEU A 358 14.36 -33.94 13.48
N VAL A 359 13.82 -35.16 13.63
CA VAL A 359 14.11 -36.19 12.64
C VAL A 359 13.51 -35.91 11.25
N THR A 360 12.29 -35.37 11.23
CA THR A 360 11.67 -34.92 9.98
C THR A 360 12.55 -33.87 9.29
N SER A 361 13.01 -32.89 10.07
CA SER A 361 13.95 -31.87 9.54
C SER A 361 15.30 -32.45 9.12
N ASP A 362 15.81 -33.46 9.83
CA ASP A 362 17.02 -34.18 9.41
C ASP A 362 16.88 -34.76 7.98
N VAL A 363 15.80 -35.50 7.76
CA VAL A 363 15.51 -36.14 6.46
C VAL A 363 15.58 -35.12 5.32
N LEU A 364 14.95 -33.97 5.53
CA LEU A 364 15.02 -32.85 4.58
C LEU A 364 16.45 -32.32 4.38
N THR A 365 17.24 -32.27 5.46
CA THR A 365 18.63 -31.83 5.36
C THR A 365 19.47 -32.80 4.54
N ILE A 366 19.39 -34.08 4.89
CA ILE A 366 20.20 -35.13 4.25
C ILE A 366 19.74 -35.44 2.82
N SER A 367 18.42 -35.39 2.59
CA SER A 367 17.85 -35.43 1.22
C SER A 367 18.27 -34.18 0.43
N GLY A 368 18.30 -33.04 1.11
CA GLY A 368 18.80 -31.80 0.55
C GLY A 368 20.23 -31.93 0.06
N THR A 369 21.15 -32.23 0.99
CA THR A 369 22.58 -32.33 0.68
C THR A 369 22.93 -33.30 -0.48
N ILE A 370 22.26 -34.45 -0.54
CA ILE A 370 22.44 -35.38 -1.67
C ILE A 370 21.90 -34.76 -2.98
N MET A 371 20.83 -33.97 -2.90
CA MET A 371 20.33 -33.22 -4.06
C MET A 371 21.31 -32.11 -4.48
N LYS A 372 21.94 -31.48 -3.49
CA LYS A 372 22.96 -30.45 -3.73
C LYS A 372 24.23 -31.02 -4.35
N ILE A 373 24.73 -32.13 -3.80
CA ILE A 373 25.91 -32.80 -4.37
C ILE A 373 25.63 -33.16 -5.82
N GLY A 374 24.42 -33.69 -6.05
CA GLY A 374 23.95 -34.05 -7.39
C GLY A 374 23.87 -32.86 -8.33
N ILE A 375 23.08 -31.85 -7.95
CA ILE A 375 22.88 -30.67 -8.81
C ILE A 375 24.16 -29.85 -9.03
N GLU A 376 25.04 -29.79 -8.03
CA GLU A 376 26.31 -29.08 -8.16
C GLU A 376 27.28 -29.89 -9.00
N ALA A 377 27.58 -31.11 -8.55
CA ALA A 377 28.68 -31.91 -9.12
C ALA A 377 28.26 -33.14 -9.95
N LYS A 378 27.07 -33.11 -10.55
CA LYS A 378 26.56 -34.24 -11.34
C LYS A 378 25.39 -33.77 -12.22
N ASN A 379 24.84 -34.69 -13.01
CA ASN A 379 23.79 -34.38 -14.02
C ASN A 379 22.41 -33.88 -13.52
N LEU A 380 22.22 -33.67 -12.21
CA LEU A 380 20.91 -33.29 -11.68
C LEU A 380 20.63 -31.81 -11.92
N ALA A 381 19.36 -31.44 -12.00
CA ALA A 381 18.96 -30.07 -12.33
C ALA A 381 17.54 -29.73 -11.86
N SER A 382 17.42 -29.42 -10.56
CA SER A 382 16.19 -28.87 -9.99
C SER A 382 16.50 -28.12 -8.69
N TYR A 383 16.78 -26.83 -8.82
CA TYR A 383 17.11 -25.96 -7.68
C TYR A 383 15.91 -25.75 -6.74
N ASP A 384 14.73 -25.53 -7.34
CA ASP A 384 13.47 -25.35 -6.60
C ASP A 384 13.21 -26.39 -5.48
N VAL A 385 13.45 -27.67 -5.79
CA VAL A 385 13.17 -28.76 -4.83
C VAL A 385 14.18 -28.73 -3.70
N CYS A 386 15.46 -28.67 -4.06
CA CYS A 386 16.57 -28.58 -3.10
C CYS A 386 16.48 -27.35 -2.19
N SER A 387 16.09 -26.21 -2.76
CA SER A 387 15.85 -24.97 -1.99
C SER A 387 14.73 -25.14 -0.97
N ILE A 388 13.59 -25.69 -1.40
CA ILE A 388 12.48 -25.99 -0.47
C ILE A 388 12.95 -26.96 0.61
N LEU A 389 13.66 -28.01 0.19
CA LEU A 389 14.18 -29.03 1.11
C LEU A 389 15.11 -28.43 2.18
N LEU A 390 16.25 -27.88 1.74
CA LEU A 390 17.22 -27.29 2.69
C LEU A 390 16.61 -26.10 3.47
N GLY A 391 15.74 -25.33 2.81
CA GLY A 391 15.06 -24.19 3.45
C GLY A 391 14.11 -24.59 4.57
N THR A 392 13.25 -25.57 4.29
CA THR A 392 12.34 -26.11 5.31
C THR A 392 13.14 -26.83 6.38
N SER A 393 14.21 -27.52 5.96
CA SER A 393 15.17 -28.12 6.89
C SER A 393 15.75 -27.08 7.85
N THR A 394 16.19 -25.94 7.34
CA THR A 394 16.75 -24.88 8.20
C THR A 394 15.68 -24.17 9.03
N LEU A 395 14.50 -23.95 8.43
CA LEU A 395 13.33 -23.43 9.15
C LEU A 395 13.00 -24.30 10.37
N LEU A 396 12.87 -25.61 10.11
CA LEU A 396 12.58 -26.58 11.17
C LEU A 396 13.76 -26.83 12.13
N VAL A 397 15.00 -26.68 11.64
CA VAL A 397 16.20 -26.81 12.50
C VAL A 397 16.33 -25.61 13.45
N TRP A 398 16.17 -24.39 12.92
CA TRP A 398 16.27 -23.18 13.76
C TRP A 398 15.23 -23.21 14.89
N VAL A 399 13.99 -23.64 14.61
CA VAL A 399 12.98 -23.82 15.68
C VAL A 399 13.33 -24.94 16.66
N GLY A 400 14.31 -25.78 16.32
CA GLY A 400 14.92 -26.72 17.27
C GLY A 400 15.61 -26.11 18.49
N VAL A 401 15.96 -24.83 18.42
CA VAL A 401 16.54 -24.12 19.57
C VAL A 401 15.50 -23.98 20.69
N ILE A 402 14.23 -23.80 20.31
CA ILE A 402 13.13 -23.77 21.29
C ILE A 402 13.20 -25.00 22.20
N ARG A 403 13.37 -26.19 21.61
CA ARG A 403 13.63 -27.44 22.35
C ARG A 403 14.79 -27.28 23.34
N TYR A 404 15.89 -26.68 22.90
CA TYR A 404 17.01 -26.34 23.79
C TYR A 404 16.62 -25.34 24.91
N LEU A 405 15.66 -24.45 24.64
CA LEU A 405 15.18 -23.47 25.63
C LEU A 405 14.12 -24.05 26.59
N THR A 406 14.59 -24.60 27.71
CA THR A 406 13.74 -25.07 28.81
C THR A 406 14.37 -24.70 30.18
N PHE A 407 14.98 -23.52 30.26
CA PHE A 407 15.74 -23.09 31.44
C PHE A 407 14.88 -22.16 32.33
N PHE A 408 15.09 -22.27 33.65
CA PHE A 408 14.28 -21.56 34.68
C PHE A 408 12.77 -21.93 34.72
N HIS A 409 12.34 -22.93 33.96
CA HIS A 409 10.92 -23.33 33.85
C HIS A 409 9.95 -22.20 33.50
N ASN A 410 10.41 -21.24 32.68
CA ASN A 410 9.61 -20.05 32.33
C ASN A 410 9.38 -19.83 30.82
N TYR A 411 10.30 -20.28 29.98
CA TYR A 411 10.12 -20.25 28.51
C TYR A 411 8.95 -21.16 28.11
N ASN A 412 8.93 -22.37 28.68
CA ASN A 412 7.88 -23.36 28.39
C ASN A 412 6.48 -22.97 28.90
N ILE A 413 6.39 -21.98 29.80
CA ILE A 413 5.11 -21.34 30.13
C ILE A 413 4.61 -20.51 28.93
N LEU A 414 5.52 -19.78 28.28
CA LEU A 414 5.19 -18.99 27.09
C LEU A 414 5.00 -19.85 25.84
N ILE A 415 5.81 -20.90 25.69
CA ILE A 415 5.76 -21.77 24.50
C ILE A 415 4.55 -22.71 24.51
N ALA A 416 4.37 -23.43 25.63
CA ALA A 416 3.34 -24.48 25.73
C ALA A 416 1.88 -23.99 25.89
N THR A 417 1.67 -22.68 25.95
CA THR A 417 0.32 -22.10 25.85
C THR A 417 -0.37 -22.45 24.51
N LEU A 418 0.43 -22.62 23.46
CA LEU A 418 -0.09 -23.09 22.16
C LEU A 418 -0.56 -24.55 22.21
N ARG A 419 0.14 -25.39 22.98
CA ARG A 419 -0.30 -26.77 23.22
C ARG A 419 -1.62 -26.85 24.02
N VAL A 420 -1.84 -25.88 24.92
CA VAL A 420 -3.12 -25.74 25.62
C VAL A 420 -4.20 -25.17 24.70
N ALA A 421 -3.85 -24.16 23.90
CA ALA A 421 -4.80 -23.45 23.03
C ALA A 421 -5.26 -24.24 21.81
N LEU A 422 -4.31 -24.95 21.17
CA LEU A 422 -4.55 -25.69 19.92
C LEU A 422 -5.85 -26.52 19.86
N PRO A 423 -6.21 -27.22 20.96
CA PRO A 423 -7.54 -27.85 21.04
C PRO A 423 -8.72 -26.91 20.73
N SER A 424 -8.76 -25.76 21.39
CA SER A 424 -9.82 -24.77 21.15
C SER A 424 -9.63 -24.00 19.84
N VAL A 425 -8.38 -23.70 19.49
CA VAL A 425 -8.05 -22.99 18.24
C VAL A 425 -8.44 -23.82 17.01
N MET A 426 -8.16 -25.13 17.03
CA MET A 426 -8.61 -26.05 15.98
C MET A 426 -10.14 -26.02 15.81
N ARG A 427 -10.84 -26.17 16.94
CA ARG A 427 -12.31 -26.17 16.93
C ARG A 427 -12.91 -24.83 16.49
N PHE A 428 -12.29 -23.72 16.90
CA PHE A 428 -12.73 -22.39 16.47
C PHE A 428 -12.43 -22.13 14.99
N CYS A 429 -11.22 -22.51 14.57
CA CYS A 429 -10.75 -22.36 13.18
C CYS A 429 -11.67 -23.00 12.13
N CYS A 430 -12.27 -24.15 12.46
CA CYS A 430 -13.23 -24.83 11.56
C CYS A 430 -14.39 -23.93 11.14
N CYS A 431 -15.09 -23.39 12.14
CA CYS A 431 -16.27 -22.52 11.92
C CYS A 431 -15.93 -21.22 11.18
N VAL A 432 -14.77 -20.65 11.48
CA VAL A 432 -14.29 -19.44 10.80
C VAL A 432 -13.87 -19.76 9.36
N ALA A 433 -13.20 -20.90 9.15
CA ALA A 433 -12.83 -21.36 7.81
C ALA A 433 -14.06 -21.69 6.95
N VAL A 434 -15.05 -22.29 7.60
CA VAL A 434 -16.37 -22.54 7.00
C VAL A 434 -16.98 -21.26 6.42
N ILE A 435 -16.97 -20.18 7.21
CA ILE A 435 -17.45 -18.87 6.75
C ILE A 435 -16.50 -18.32 5.68
N TYR A 436 -15.19 -18.48 5.92
CA TYR A 436 -14.14 -18.03 5.01
C TYR A 436 -14.34 -18.55 3.60
N LEU A 437 -14.52 -19.86 3.46
CA LEU A 437 -14.76 -20.51 2.15
C LEU A 437 -16.03 -20.05 1.47
N GLY A 438 -17.03 -19.66 2.26
CA GLY A 438 -18.25 -19.04 1.74
C GLY A 438 -17.95 -17.75 1.00
N TYR A 439 -17.21 -16.85 1.65
CA TYR A 439 -16.77 -15.60 1.03
C TYR A 439 -15.78 -15.85 -0.10
N CYS A 440 -14.94 -16.86 0.08
CA CYS A 440 -13.91 -17.23 -0.90
C CYS A 440 -14.51 -17.74 -2.22
N PHE A 441 -15.43 -18.70 -2.12
CA PHE A 441 -16.14 -19.21 -3.29
C PHE A 441 -17.10 -18.19 -3.90
N CYS A 442 -17.73 -17.38 -3.04
CA CYS A 442 -18.64 -16.32 -3.50
C CYS A 442 -17.90 -15.22 -4.27
N GLY A 443 -16.86 -14.66 -3.64
CA GLY A 443 -16.07 -13.59 -4.24
C GLY A 443 -15.25 -13.98 -5.45
N TRP A 444 -14.93 -15.27 -5.57
CA TRP A 444 -14.21 -15.80 -6.73
C TRP A 444 -15.06 -15.65 -7.99
N ILE A 445 -16.25 -16.23 -7.99
CA ILE A 445 -17.11 -16.22 -9.18
C ILE A 445 -17.86 -14.90 -9.41
N VAL A 446 -18.20 -14.19 -8.33
CA VAL A 446 -18.98 -12.95 -8.44
C VAL A 446 -18.09 -11.75 -8.77
N LEU A 447 -17.00 -11.58 -8.01
CA LEU A 447 -16.10 -10.43 -8.16
C LEU A 447 -14.91 -10.66 -9.11
N GLY A 448 -14.49 -11.93 -9.26
CA GLY A 448 -13.36 -12.29 -10.13
C GLY A 448 -13.47 -11.87 -11.59
N PRO A 449 -14.68 -11.96 -12.17
CA PRO A 449 -14.89 -11.43 -13.52
C PRO A 449 -14.59 -9.94 -13.64
N TYR A 450 -15.05 -9.15 -12.67
CA TYR A 450 -14.97 -7.69 -12.73
C TYR A 450 -13.68 -7.09 -12.14
N HIS A 451 -12.89 -7.86 -11.41
CA HIS A 451 -11.78 -7.31 -10.60
C HIS A 451 -10.48 -8.08 -10.67
N VAL A 452 -9.41 -7.42 -10.22
CA VAL A 452 -8.05 -7.91 -10.35
C VAL A 452 -7.71 -8.93 -9.25
N LYS A 453 -8.06 -8.61 -8.00
CA LYS A 453 -7.66 -9.43 -6.85
C LYS A 453 -8.39 -10.77 -6.67
N PHE A 454 -9.49 -11.01 -7.39
CA PHE A 454 -10.29 -12.24 -7.24
C PHE A 454 -10.28 -13.16 -8.47
N ARG A 455 -9.28 -13.04 -9.34
CA ARG A 455 -9.22 -13.82 -10.59
C ARG A 455 -9.03 -15.34 -10.39
N SER A 456 -8.54 -15.73 -9.22
CA SER A 456 -8.52 -17.15 -8.83
C SER A 456 -8.70 -17.31 -7.31
N LEU A 457 -9.24 -18.47 -6.91
CA LEU A 457 -9.44 -18.84 -5.50
C LEU A 457 -8.18 -18.67 -4.64
N SER A 458 -7.00 -18.89 -5.24
CA SER A 458 -5.71 -18.58 -4.61
C SER A 458 -5.64 -17.10 -4.25
N MET A 459 -5.87 -16.23 -5.24
CA MET A 459 -5.84 -14.78 -5.04
C MET A 459 -6.94 -14.30 -4.11
N VAL A 460 -8.10 -14.95 -4.15
CA VAL A 460 -9.19 -14.65 -3.23
C VAL A 460 -8.76 -15.00 -1.81
N SER A 461 -8.17 -16.19 -1.64
CA SER A 461 -7.68 -16.64 -0.35
C SER A 461 -6.49 -15.82 0.17
N GLU A 462 -5.73 -15.22 -0.75
CA GLU A 462 -4.69 -14.25 -0.38
C GLU A 462 -5.31 -12.91 0.05
N CYS A 463 -6.22 -12.40 -0.78
CA CYS A 463 -6.86 -11.09 -0.59
C CYS A 463 -7.72 -11.04 0.67
N LEU A 464 -8.58 -12.04 0.83
CA LEU A 464 -9.39 -12.20 2.05
C LEU A 464 -8.54 -12.34 3.33
N PHE A 465 -7.38 -12.97 3.22
CA PHE A 465 -6.47 -13.13 4.36
C PHE A 465 -5.72 -11.84 4.67
N SER A 466 -5.29 -11.13 3.62
CA SER A 466 -4.71 -9.79 3.76
C SER A 466 -5.73 -8.74 4.27
N LEU A 467 -7.01 -8.96 3.95
CA LEU A 467 -8.11 -8.13 4.48
C LEU A 467 -8.28 -8.24 6.00
N ILE A 468 -8.28 -9.46 6.54
CA ILE A 468 -8.51 -9.67 7.98
C ILE A 468 -7.38 -9.18 8.91
N ASN A 469 -6.22 -8.81 8.34
CA ASN A 469 -5.20 -8.04 9.04
C ASN A 469 -5.21 -6.57 8.60
N GLY A 470 -5.51 -6.34 7.32
CA GLY A 470 -5.73 -5.00 6.80
C GLY A 470 -4.57 -4.53 5.94
N ASP A 471 -4.46 -5.11 4.76
CA ASP A 471 -3.61 -4.56 3.69
C ASP A 471 -4.33 -4.70 2.35
N ASP A 472 -4.17 -3.67 1.51
CA ASP A 472 -4.98 -3.47 0.30
C ASP A 472 -6.48 -3.55 0.60
N MET A 473 -6.88 -3.01 1.75
CA MET A 473 -8.28 -2.98 2.16
C MET A 473 -9.04 -1.87 1.44
N PHE A 474 -8.40 -0.72 1.25
CA PHE A 474 -8.95 0.35 0.40
C PHE A 474 -8.87 0.05 -1.10
N VAL A 475 -7.82 -0.65 -1.54
CA VAL A 475 -7.61 -0.93 -2.97
C VAL A 475 -8.69 -1.85 -3.53
N THR A 476 -9.14 -2.81 -2.71
CA THR A 476 -10.29 -3.68 -3.05
C THR A 476 -11.57 -2.89 -3.35
N PHE A 477 -11.92 -1.99 -2.44
CA PHE A 477 -13.01 -1.02 -2.66
C PHE A 477 -12.74 -0.06 -3.83
N ALA A 478 -11.46 0.27 -4.05
CA ALA A 478 -11.04 1.13 -5.17
C ALA A 478 -11.17 0.44 -6.54
N ALA A 479 -11.03 -0.89 -6.57
CA ALA A 479 -11.35 -1.66 -7.77
C ALA A 479 -12.83 -1.51 -8.20
N MET A 480 -13.72 -1.34 -7.23
CA MET A 480 -15.17 -1.23 -7.46
C MET A 480 -15.58 0.10 -8.09
N GLN A 481 -14.75 1.14 -7.98
CA GLN A 481 -15.10 2.48 -8.48
C GLN A 481 -15.23 2.56 -9.99
N ALA A 482 -14.59 1.64 -10.71
CA ALA A 482 -14.87 1.43 -12.14
C ALA A 482 -16.26 0.82 -12.35
N GLN A 483 -16.64 -0.11 -11.49
CA GLN A 483 -17.95 -0.80 -11.57
C GLN A 483 -19.14 -0.03 -10.96
N GLN A 484 -18.92 1.20 -10.48
CA GLN A 484 -20.02 2.05 -9.97
C GLN A 484 -20.99 2.49 -11.08
N GLY A 485 -20.48 2.65 -12.31
CA GLY A 485 -21.31 2.98 -13.48
C GLY A 485 -21.43 1.86 -14.52
N ARG A 486 -21.36 0.62 -14.06
CA ARG A 486 -21.54 -0.55 -14.91
C ARG A 486 -21.69 -1.79 -14.02
N SER A 487 -22.87 -2.41 -14.06
CA SER A 487 -23.25 -3.50 -13.15
C SER A 487 -23.25 -3.03 -11.68
N SER A 488 -24.02 -1.98 -11.42
CA SER A 488 -24.15 -1.38 -10.09
C SER A 488 -24.65 -2.35 -9.00
N LEU A 489 -25.34 -3.41 -9.40
CA LEU A 489 -25.69 -4.51 -8.48
C LEU A 489 -24.45 -5.28 -8.00
N VAL A 490 -23.44 -5.43 -8.87
CA VAL A 490 -22.20 -6.11 -8.49
C VAL A 490 -21.39 -5.21 -7.54
N TRP A 491 -21.32 -3.92 -7.88
CA TRP A 491 -20.75 -2.88 -7.01
C TRP A 491 -21.43 -2.86 -5.64
N LEU A 492 -22.76 -2.78 -5.64
CA LEU A 492 -23.55 -2.72 -4.40
C LEU A 492 -23.49 -4.03 -3.62
N PHE A 493 -23.33 -5.16 -4.33
CA PHE A 493 -23.08 -6.45 -3.68
C PHE A 493 -21.70 -6.49 -3.03
N SER A 494 -20.68 -6.06 -3.78
CA SER A 494 -19.28 -6.08 -3.32
C SER A 494 -19.02 -5.21 -2.07
N GLN A 495 -19.74 -4.09 -1.96
CA GLN A 495 -19.70 -3.27 -0.73
C GLN A 495 -20.18 -4.14 0.44
N LEU A 496 -21.40 -4.68 0.31
CA LEU A 496 -22.00 -5.55 1.34
C LEU A 496 -21.13 -6.76 1.65
N TYR A 497 -20.45 -7.27 0.64
CA TYR A 497 -19.52 -8.41 0.76
C TYR A 497 -18.27 -8.02 1.57
N LEU A 498 -17.56 -7.01 1.08
CA LEU A 498 -16.31 -6.56 1.71
C LEU A 498 -16.49 -5.94 3.10
N TYR A 499 -17.57 -5.17 3.30
CA TYR A 499 -17.88 -4.62 4.64
C TYR A 499 -18.14 -5.77 5.60
N SER A 500 -19.08 -6.64 5.22
CA SER A 500 -19.49 -7.76 6.06
C SER A 500 -18.32 -8.67 6.40
N PHE A 501 -17.56 -9.03 5.36
CA PHE A 501 -16.45 -9.96 5.51
C PHE A 501 -15.38 -9.49 6.50
N ILE A 502 -14.94 -8.24 6.36
CA ILE A 502 -13.86 -7.70 7.22
C ILE A 502 -14.40 -7.18 8.56
N SER A 503 -15.64 -6.70 8.60
CA SER A 503 -16.29 -6.36 9.88
C SER A 503 -16.52 -7.61 10.73
N LEU A 504 -16.93 -8.70 10.09
CA LEU A 504 -17.09 -10.00 10.76
C LEU A 504 -15.75 -10.56 11.30
N PHE A 505 -14.71 -10.57 10.46
CA PHE A 505 -13.44 -11.19 10.84
C PHE A 505 -12.46 -10.30 11.61
N ILE A 506 -12.30 -9.03 11.22
CA ILE A 506 -11.37 -8.14 11.94
C ILE A 506 -11.87 -7.85 13.36
N TYR A 507 -13.18 -7.71 13.53
CA TYR A 507 -13.75 -7.43 14.84
C TYR A 507 -14.35 -8.65 15.53
N MET A 508 -15.43 -9.19 14.94
CA MET A 508 -16.28 -10.17 15.64
C MET A 508 -15.64 -11.56 15.78
N VAL A 509 -14.68 -11.89 14.92
CA VAL A 509 -14.06 -13.23 14.88
C VAL A 509 -12.61 -13.24 15.39
N LEU A 510 -11.79 -12.29 14.94
CA LEU A 510 -10.40 -12.17 15.41
C LEU A 510 -10.33 -12.07 16.95
N SER A 511 -11.20 -11.22 17.52
CA SER A 511 -11.31 -11.02 18.97
C SER A 511 -11.43 -12.33 19.79
N LEU A 512 -12.21 -13.28 19.27
CA LEU A 512 -12.29 -14.62 19.86
C LEU A 512 -10.96 -15.37 19.77
N PHE A 513 -10.26 -15.23 18.64
CA PHE A 513 -8.95 -15.86 18.44
C PHE A 513 -7.87 -15.24 19.35
N ILE A 514 -7.92 -13.93 19.54
CA ILE A 514 -7.07 -13.24 20.53
C ILE A 514 -7.47 -13.70 21.95
N ALA A 515 -8.77 -13.79 22.21
CA ALA A 515 -9.28 -14.24 23.52
C ALA A 515 -8.95 -15.71 23.84
N LEU A 516 -8.81 -16.54 22.82
CA LEU A 516 -8.39 -17.94 22.98
C LEU A 516 -6.92 -18.05 23.36
N ILE A 517 -6.08 -17.32 22.63
CA ILE A 517 -4.63 -17.35 22.85
C ILE A 517 -4.27 -16.63 24.16
N THR A 518 -4.89 -15.48 24.42
CA THR A 518 -4.74 -14.77 25.71
C THR A 518 -5.40 -15.57 26.86
N GLY A 519 -6.51 -16.24 26.56
CA GLY A 519 -7.18 -17.13 27.52
C GLY A 519 -6.38 -18.37 27.88
N ALA A 520 -5.62 -18.90 26.93
CA ALA A 520 -4.65 -19.96 27.19
C ALA A 520 -3.49 -19.47 28.07
N TYR A 521 -2.99 -18.27 27.75
CA TYR A 521 -1.98 -17.59 28.57
C TYR A 521 -2.50 -17.29 29.99
N ASP A 522 -3.79 -16.98 30.14
CA ASP A 522 -4.42 -16.83 31.45
C ASP A 522 -4.40 -18.14 32.27
N THR A 523 -4.67 -19.26 31.60
CA THR A 523 -4.67 -20.57 32.27
C THR A 523 -3.26 -21.12 32.54
N ILE A 524 -2.33 -20.95 31.59
CA ILE A 524 -0.98 -21.53 31.71
C ILE A 524 -0.14 -20.93 32.86
N LYS A 525 -0.32 -19.64 33.14
CA LYS A 525 0.47 -18.95 34.20
C LYS A 525 0.11 -19.36 35.64
N HIS A 526 -1.08 -19.95 35.84
CA HIS A 526 -1.48 -20.48 37.15
C HIS A 526 -0.74 -21.78 37.46
N GLU B 38 -42.27 -30.60 32.40
CA GLU B 38 -43.76 -30.71 32.27
C GLU B 38 -44.24 -32.16 32.34
N GLU B 39 -45.56 -32.36 32.40
CA GLU B 39 -46.15 -33.69 32.58
C GLU B 39 -46.25 -34.49 31.28
N ASP B 40 -47.06 -33.99 30.34
CA ASP B 40 -47.47 -34.76 29.16
C ASP B 40 -46.51 -34.62 27.97
N LEU B 41 -46.31 -33.39 27.50
CA LEU B 41 -45.55 -33.13 26.26
C LEU B 41 -44.09 -32.68 26.50
N ARG B 42 -43.54 -32.94 27.69
CA ARG B 42 -42.13 -32.68 28.00
C ARG B 42 -41.18 -33.45 27.07
N ARG B 43 -41.54 -34.70 26.76
CA ARG B 43 -40.76 -35.54 25.86
C ARG B 43 -40.63 -34.91 24.48
N ARG B 44 -41.77 -34.49 23.91
CA ARG B 44 -41.80 -33.81 22.60
C ARG B 44 -41.15 -32.41 22.65
N LEU B 45 -41.39 -31.69 23.76
CA LEU B 45 -40.72 -30.41 24.02
C LEU B 45 -39.19 -30.54 23.98
N LYS B 46 -38.67 -31.46 24.78
CA LYS B 46 -37.22 -31.71 24.85
C LYS B 46 -36.64 -32.33 23.58
N TYR B 47 -37.34 -33.30 23.00
CA TYR B 47 -36.91 -34.01 21.78
C TYR B 47 -36.71 -33.08 20.57
N PHE B 48 -37.45 -31.97 20.51
CA PHE B 48 -37.29 -30.99 19.43
C PHE B 48 -35.92 -30.29 19.43
N PHE B 49 -35.45 -29.89 20.61
CA PHE B 49 -34.20 -29.12 20.74
C PHE B 49 -32.92 -29.95 20.89
N MET B 50 -33.04 -31.27 21.07
CA MET B 50 -31.86 -32.14 21.21
C MET B 50 -31.08 -32.24 19.89
N SER B 51 -29.79 -32.53 20.01
CA SER B 51 -28.88 -32.64 18.85
C SER B 51 -29.24 -33.86 17.99
N PRO B 52 -28.90 -33.81 16.68
CA PRO B 52 -29.28 -34.89 15.75
C PRO B 52 -28.82 -36.31 16.13
N CYS B 53 -27.65 -36.42 16.77
CA CYS B 53 -27.12 -37.72 17.21
C CYS B 53 -28.02 -38.35 18.28
N ASP B 54 -28.24 -37.61 19.36
CA ASP B 54 -29.10 -38.04 20.46
C ASP B 54 -30.58 -38.16 20.03
N LYS B 55 -31.01 -37.27 19.15
CA LYS B 55 -32.35 -37.34 18.56
C LYS B 55 -32.53 -38.62 17.72
N PHE B 56 -31.50 -38.97 16.94
CA PHE B 56 -31.52 -40.20 16.14
C PHE B 56 -31.38 -41.46 17.01
N ARG B 57 -30.54 -41.39 18.05
CA ARG B 57 -30.40 -42.49 19.01
C ARG B 57 -31.72 -42.87 19.72
N ALA B 58 -32.52 -41.85 20.08
CA ALA B 58 -33.76 -42.07 20.82
C ALA B 58 -34.91 -42.62 19.95
N LYS B 59 -35.48 -41.78 19.08
CA LYS B 59 -36.69 -42.11 18.30
C LYS B 59 -36.68 -41.44 16.92
N GLY B 60 -37.69 -41.76 16.11
CA GLY B 60 -37.90 -41.11 14.81
C GLY B 60 -37.45 -41.96 13.64
N ARG B 61 -36.81 -41.32 12.66
CA ARG B 61 -36.36 -41.97 11.41
C ARG B 61 -34.87 -41.72 11.17
N LYS B 62 -34.35 -42.32 10.10
CA LYS B 62 -32.95 -42.13 9.66
C LYS B 62 -32.66 -40.66 9.28
N PRO B 63 -31.39 -40.22 9.42
CA PRO B 63 -31.06 -38.81 9.16
C PRO B 63 -30.85 -38.49 7.68
N CYS B 64 -31.95 -38.54 6.90
CA CYS B 64 -31.93 -38.19 5.48
C CYS B 64 -31.78 -36.69 5.28
N LYS B 65 -32.38 -35.92 6.18
CA LYS B 65 -32.22 -34.46 6.23
C LYS B 65 -30.75 -34.02 6.38
N LEU B 66 -29.99 -34.79 7.17
CA LEU B 66 -28.59 -34.44 7.46
C LEU B 66 -27.69 -34.54 6.23
N MET B 67 -27.80 -35.65 5.50
CA MET B 67 -26.96 -35.91 4.32
C MET B 67 -27.22 -34.93 3.17
N LEU B 68 -28.51 -34.65 2.91
CA LEU B 68 -28.89 -33.75 1.81
C LEU B 68 -28.38 -32.32 1.98
N GLN B 69 -28.21 -31.88 3.23
CA GLN B 69 -27.55 -30.59 3.51
C GLN B 69 -26.06 -30.60 3.13
N VAL B 70 -25.39 -31.70 3.42
CA VAL B 70 -23.97 -31.88 3.07
C VAL B 70 -23.83 -32.00 1.56
N VAL B 71 -24.75 -32.75 0.93
CA VAL B 71 -24.78 -32.90 -0.53
C VAL B 71 -25.07 -31.56 -1.18
N LYS B 72 -25.99 -30.79 -0.61
CA LYS B 72 -26.31 -29.44 -1.09
C LYS B 72 -25.07 -28.56 -1.19
N ILE B 73 -24.20 -28.61 -0.18
CA ILE B 73 -22.99 -27.78 -0.14
C ILE B 73 -22.08 -28.07 -1.34
N LEU B 74 -21.89 -29.36 -1.65
CA LEU B 74 -21.05 -29.79 -2.78
C LEU B 74 -21.74 -29.55 -4.12
N VAL B 75 -23.05 -29.83 -4.18
CA VAL B 75 -23.86 -29.64 -5.38
C VAL B 75 -23.93 -28.17 -5.79
N VAL B 76 -24.19 -27.27 -4.83
CA VAL B 76 -24.35 -25.83 -5.14
C VAL B 76 -23.02 -25.14 -5.43
N THR B 77 -21.93 -25.58 -4.80
CA THR B 77 -20.61 -24.98 -5.00
C THR B 77 -20.03 -25.30 -6.39
N VAL B 78 -20.24 -26.54 -6.86
CA VAL B 78 -19.81 -26.93 -8.22
C VAL B 78 -20.72 -26.30 -9.28
N GLN B 79 -22.00 -26.17 -8.97
CA GLN B 79 -22.94 -25.37 -9.77
C GLN B 79 -22.43 -23.93 -9.90
N LEU B 80 -22.11 -23.34 -8.75
CA LEU B 80 -21.58 -21.98 -8.65
C LEU B 80 -20.35 -21.76 -9.52
N ILE B 81 -19.41 -22.71 -9.46
CA ILE B 81 -18.17 -22.65 -10.23
C ILE B 81 -18.44 -22.89 -11.73
N LEU B 82 -19.25 -23.92 -12.04
CA LEU B 82 -19.64 -24.22 -13.43
C LEU B 82 -20.37 -23.06 -14.10
N PHE B 83 -21.18 -22.35 -13.33
CA PHE B 83 -21.73 -21.06 -13.77
C PHE B 83 -20.61 -20.02 -13.95
N GLY B 84 -19.68 -19.99 -12.99
CA GLY B 84 -18.52 -19.09 -13.00
C GLY B 84 -17.63 -19.15 -14.22
N LEU B 85 -17.47 -20.35 -14.81
CA LEU B 85 -16.69 -20.52 -16.04
C LEU B 85 -17.24 -19.68 -17.19
N SER B 86 -18.54 -19.83 -17.44
CA SER B 86 -19.26 -19.04 -18.45
C SER B 86 -19.48 -17.57 -18.02
N ASN B 87 -19.60 -17.35 -16.71
CA ASN B 87 -19.80 -15.99 -16.15
C ASN B 87 -18.66 -15.04 -16.53
N GLN B 88 -17.42 -15.39 -16.16
CA GLN B 88 -16.25 -14.56 -16.48
C GLN B 88 -15.92 -14.54 -17.98
N LEU B 89 -16.33 -15.58 -18.70
CA LEU B 89 -16.20 -15.62 -20.17
C LEU B 89 -16.98 -14.49 -20.85
N ALA B 90 -18.16 -14.18 -20.29
CA ALA B 90 -18.95 -13.03 -20.72
C ALA B 90 -18.30 -11.69 -20.36
N VAL B 91 -17.80 -11.55 -19.13
CA VAL B 91 -17.22 -10.30 -18.64
C VAL B 91 -15.88 -9.98 -19.32
N THR B 92 -15.02 -10.98 -19.45
CA THR B 92 -13.74 -10.83 -20.16
C THR B 92 -13.94 -10.40 -21.60
N PHE B 93 -14.92 -11.02 -22.28
CA PHE B 93 -15.26 -10.66 -23.66
C PHE B 93 -15.76 -9.22 -23.78
N ARG B 94 -16.77 -8.86 -23.00
CA ARG B 94 -17.23 -7.46 -22.90
C ARG B 94 -16.10 -6.47 -22.60
N GLU B 95 -15.29 -6.76 -21.58
CA GLU B 95 -14.25 -5.82 -21.14
C GLU B 95 -13.10 -5.70 -22.15
N GLU B 96 -12.60 -6.84 -22.62
CA GLU B 96 -11.48 -6.86 -23.57
C GLU B 96 -11.83 -6.19 -24.90
N ASN B 97 -13.08 -6.37 -25.34
CA ASN B 97 -13.63 -5.59 -26.46
C ASN B 97 -13.61 -4.08 -26.19
N THR B 98 -14.01 -3.67 -24.98
CA THR B 98 -13.92 -2.27 -24.55
C THR B 98 -12.48 -1.79 -24.63
N ILE B 99 -11.55 -2.58 -24.09
CA ILE B 99 -10.10 -2.26 -24.14
C ILE B 99 -9.64 -2.13 -25.60
N ALA B 100 -10.12 -3.03 -26.45
CA ALA B 100 -9.83 -2.98 -27.89
C ALA B 100 -10.38 -1.73 -28.57
N PHE B 101 -11.60 -1.33 -28.17
CA PHE B 101 -12.20 -0.10 -28.71
C PHE B 101 -11.44 1.16 -28.31
N ARG B 102 -10.89 1.18 -27.10
CA ARG B 102 -10.06 2.31 -26.66
C ARG B 102 -8.79 2.47 -27.48
N HIS B 103 -8.18 1.34 -27.85
CA HIS B 103 -6.95 1.35 -28.67
C HIS B 103 -7.17 1.54 -30.17
N LEU B 104 -8.43 1.50 -30.62
CA LEU B 104 -8.79 1.87 -31.98
C LEU B 104 -9.30 3.31 -32.01
N PHE B 105 -10.34 3.60 -31.23
CA PHE B 105 -11.07 4.89 -31.32
C PHE B 105 -10.68 5.95 -30.27
N LEU B 106 -9.46 5.89 -29.74
CA LEU B 106 -8.86 7.01 -28.98
C LEU B 106 -7.42 7.20 -29.44
N LEU B 107 -7.09 8.43 -29.86
CA LEU B 107 -5.78 8.72 -30.43
C LEU B 107 -4.76 9.02 -29.33
N GLY B 108 -3.92 8.02 -29.04
CA GLY B 108 -2.85 8.13 -28.04
C GLY B 108 -3.11 7.47 -26.69
N TYR B 109 -4.22 6.75 -26.56
CA TYR B 109 -4.55 6.06 -25.32
C TYR B 109 -3.75 4.77 -25.21
N SER B 110 -2.99 4.63 -24.12
CA SER B 110 -2.37 3.35 -23.74
C SER B 110 -3.13 2.76 -22.57
N ASP B 111 -2.84 1.48 -22.25
CA ASP B 111 -3.46 0.82 -21.10
C ASP B 111 -2.84 1.41 -19.84
N GLY B 112 -3.56 2.38 -19.26
CA GLY B 112 -3.03 3.25 -18.22
C GLY B 112 -3.56 4.65 -18.49
N ALA B 113 -4.04 5.30 -17.44
CA ALA B 113 -4.74 6.58 -17.54
C ALA B 113 -6.05 6.48 -18.34
N ASP B 114 -7.04 5.82 -17.74
CA ASP B 114 -8.43 5.87 -18.19
C ASP B 114 -8.93 7.29 -17.90
N ASP B 115 -8.85 7.67 -16.62
CA ASP B 115 -8.92 9.09 -16.23
C ASP B 115 -7.54 9.69 -16.45
N THR B 116 -7.48 11.01 -16.56
CA THR B 116 -6.29 11.73 -17.05
C THR B 116 -5.96 11.36 -18.50
N PHE B 117 -7.01 11.17 -19.31
CA PHE B 117 -6.88 11.10 -20.76
C PHE B 117 -7.87 12.08 -21.39
N ALA B 118 -7.33 13.23 -21.80
CA ALA B 118 -8.12 14.36 -22.25
C ALA B 118 -7.42 15.10 -23.38
N ALA B 119 -8.22 15.89 -24.10
CA ALA B 119 -7.68 16.84 -25.06
C ALA B 119 -7.39 18.17 -24.35
N TYR B 120 -6.26 18.79 -24.73
CA TYR B 120 -5.90 20.14 -24.27
C TYR B 120 -5.81 21.20 -25.38
N THR B 121 -5.83 20.75 -26.65
CA THR B 121 -5.66 21.63 -27.81
C THR B 121 -6.76 21.34 -28.85
N ARG B 122 -7.15 22.40 -29.56
CA ARG B 122 -8.23 22.38 -30.56
C ARG B 122 -8.02 21.33 -31.67
N GLU B 123 -6.91 21.46 -32.39
CA GLU B 123 -6.54 20.53 -33.46
C GLU B 123 -6.30 19.11 -32.93
N GLN B 124 -5.84 19.02 -31.68
CA GLN B 124 -5.60 17.74 -31.01
C GLN B 124 -6.93 17.02 -30.69
N LEU B 125 -7.91 17.78 -30.18
CA LEU B 125 -9.29 17.31 -30.02
C LEU B 125 -9.93 16.94 -31.36
N TYR B 126 -9.76 17.81 -32.37
CA TYR B 126 -10.18 17.50 -33.74
C TYR B 126 -9.62 16.16 -34.20
N GLN B 127 -8.30 15.98 -34.04
CA GLN B 127 -7.63 14.72 -34.36
C GLN B 127 -8.20 13.55 -33.56
N ALA B 128 -8.47 13.77 -32.27
CA ALA B 128 -9.14 12.74 -31.46
C ALA B 128 -10.49 12.33 -32.05
N ILE B 129 -11.30 13.33 -32.41
CA ILE B 129 -12.64 13.09 -32.98
C ILE B 129 -12.57 12.41 -34.36
N PHE B 130 -11.71 12.94 -35.23
CA PHE B 130 -11.46 12.36 -36.55
C PHE B 130 -10.85 10.97 -36.50
N HIS B 131 -10.04 10.67 -35.47
CA HIS B 131 -9.40 9.35 -35.36
C HIS B 131 -10.45 8.26 -35.13
N ALA B 132 -11.38 8.54 -34.22
CA ALA B 132 -12.53 7.66 -33.97
C ALA B 132 -13.33 7.36 -35.26
N VAL B 133 -13.63 8.42 -36.01
CA VAL B 133 -14.41 8.29 -37.25
C VAL B 133 -13.59 7.56 -38.34
N ASP B 134 -12.31 7.90 -38.47
CA ASP B 134 -11.37 7.22 -39.38
C ASP B 134 -11.34 5.73 -39.09
N GLN B 135 -11.12 5.40 -37.82
CA GLN B 135 -11.04 4.01 -37.39
C GLN B 135 -12.38 3.28 -37.44
N TYR B 136 -13.48 4.04 -37.32
CA TYR B 136 -14.82 3.48 -37.59
C TYR B 136 -15.00 3.17 -39.08
N LEU B 137 -14.60 4.10 -39.95
CA LEU B 137 -14.65 3.88 -41.40
C LEU B 137 -13.74 2.76 -41.89
N ALA B 138 -12.54 2.65 -41.30
CA ALA B 138 -11.57 1.59 -41.67
C ALA B 138 -11.45 0.51 -40.59
N LEU B 139 -12.59 0.06 -40.05
CA LEU B 139 -12.60 -0.91 -38.95
C LEU B 139 -12.24 -2.34 -39.36
N PRO B 140 -12.98 -2.95 -40.34
CA PRO B 140 -12.65 -4.33 -40.71
C PRO B 140 -11.29 -4.51 -41.38
N ASP B 141 -10.72 -3.43 -41.93
CA ASP B 141 -9.33 -3.43 -42.41
C ASP B 141 -8.37 -3.61 -41.23
N VAL B 142 -8.44 -2.70 -40.27
CA VAL B 142 -7.45 -2.62 -39.18
C VAL B 142 -7.66 -3.65 -38.07
N SER B 143 -8.92 -3.88 -37.67
CA SER B 143 -9.19 -4.68 -36.45
C SER B 143 -8.74 -6.15 -36.51
N LEU B 144 -8.54 -6.73 -35.32
CA LEU B 144 -8.16 -8.14 -35.18
C LEU B 144 -9.37 -9.04 -35.04
N GLY B 145 -10.42 -8.54 -34.37
CA GLY B 145 -11.65 -9.30 -34.19
C GLY B 145 -12.55 -9.33 -35.42
N ARG B 146 -13.82 -8.99 -35.23
CA ARG B 146 -14.83 -9.08 -36.28
C ARG B 146 -16.03 -8.29 -35.80
N TYR B 147 -16.19 -7.08 -36.33
CA TYR B 147 -17.24 -6.16 -35.90
C TYR B 147 -18.12 -5.77 -37.08
N ALA B 148 -19.36 -6.21 -37.07
CA ALA B 148 -20.33 -5.83 -38.08
C ALA B 148 -21.01 -4.55 -37.63
N TYR B 149 -21.33 -3.69 -38.59
CA TYR B 149 -22.00 -2.42 -38.31
C TYR B 149 -23.50 -2.60 -38.08
N VAL B 150 -24.18 -1.49 -37.81
CA VAL B 150 -25.65 -1.44 -37.68
C VAL B 150 -26.25 -0.26 -38.44
N ARG B 151 -27.45 -0.45 -38.98
CA ARG B 151 -28.22 0.63 -39.59
C ARG B 151 -29.11 1.30 -38.54
N GLY B 152 -29.34 2.60 -38.71
CA GLY B 152 -29.95 3.43 -37.68
C GLY B 152 -31.42 3.19 -37.39
N GLY B 153 -31.69 2.39 -36.36
CA GLY B 153 -33.04 2.17 -35.84
C GLY B 153 -33.42 3.15 -34.72
N GLY B 154 -32.47 3.43 -33.84
CA GLY B 154 -32.70 4.27 -32.66
C GLY B 154 -32.85 5.76 -32.91
N ASP B 155 -32.78 6.53 -31.84
CA ASP B 155 -33.07 7.98 -31.84
C ASP B 155 -31.87 8.89 -32.19
N PRO B 156 -30.64 8.56 -31.72
CA PRO B 156 -29.47 9.31 -32.21
C PRO B 156 -29.11 9.09 -33.69
N TRP B 157 -29.72 8.10 -34.35
CA TRP B 157 -29.44 7.77 -35.74
C TRP B 157 -30.65 8.00 -36.66
N THR B 158 -30.37 8.45 -37.88
CA THR B 158 -31.39 8.53 -38.94
C THR B 158 -31.49 7.18 -39.64
N ASN B 159 -32.52 7.04 -40.49
CA ASN B 159 -32.79 5.77 -41.17
C ASN B 159 -31.71 5.49 -42.22
N GLY B 160 -30.62 4.84 -41.78
CA GLY B 160 -29.48 4.52 -42.62
C GLY B 160 -28.12 4.68 -41.96
N SER B 161 -28.02 5.60 -41.00
CA SER B 161 -26.72 5.94 -40.39
C SER B 161 -26.22 4.91 -39.38
N GLY B 162 -24.90 4.92 -39.15
CA GLY B 162 -24.22 3.99 -38.25
C GLY B 162 -23.41 4.68 -37.16
N LEU B 163 -22.45 5.50 -37.59
CA LEU B 163 -21.73 6.41 -36.70
C LEU B 163 -22.42 7.76 -36.71
N ALA B 164 -22.52 8.38 -35.54
CA ALA B 164 -23.25 9.65 -35.40
C ALA B 164 -22.69 10.53 -34.29
N LEU B 165 -21.71 11.38 -34.64
CA LEU B 165 -21.09 12.28 -33.68
C LEU B 165 -22.01 13.48 -33.48
N CYS B 166 -22.31 13.79 -32.22
CA CYS B 166 -23.30 14.79 -31.85
C CYS B 166 -22.76 15.86 -30.91
N GLN B 167 -22.67 17.10 -31.40
CA GLN B 167 -22.24 18.23 -30.56
C GLN B 167 -23.40 18.69 -29.68
N ARG B 168 -23.26 18.49 -28.37
CA ARG B 168 -24.10 19.19 -27.40
C ARG B 168 -23.45 20.57 -27.21
N TYR B 169 -24.12 21.63 -27.67
CA TYR B 169 -23.64 23.00 -27.52
C TYR B 169 -24.78 23.95 -27.19
N TYR B 170 -24.44 25.10 -26.58
CA TYR B 170 -25.45 26.06 -26.12
C TYR B 170 -26.19 26.73 -27.27
N HIS B 171 -27.49 26.95 -27.09
CA HIS B 171 -28.31 27.63 -28.09
C HIS B 171 -27.94 29.12 -28.17
N ARG B 172 -27.95 29.79 -27.01
CA ARG B 172 -27.50 31.17 -26.88
C ARG B 172 -26.13 31.20 -26.20
N GLY B 173 -25.24 32.04 -26.71
CA GLY B 173 -23.92 32.20 -26.10
C GLY B 173 -23.07 33.27 -26.77
N HIS B 174 -22.44 34.13 -25.97
CA HIS B 174 -21.52 35.16 -26.48
C HIS B 174 -20.46 35.52 -25.43
N VAL B 175 -19.83 34.49 -24.86
CA VAL B 175 -18.83 34.66 -23.79
C VAL B 175 -17.56 35.41 -24.22
N ASP B 176 -17.15 36.38 -23.40
CA ASP B 176 -15.95 37.19 -23.67
C ASP B 176 -15.52 37.89 -22.36
N PRO B 177 -14.65 37.23 -21.55
CA PRO B 177 -14.34 37.68 -20.18
C PRO B 177 -14.06 39.18 -19.99
N ALA B 178 -13.42 39.80 -20.98
CA ALA B 178 -13.14 41.24 -20.93
C ALA B 178 -14.40 42.11 -21.03
N ASN B 179 -15.09 42.05 -22.17
CA ASN B 179 -16.21 42.95 -22.46
C ASN B 179 -17.56 42.42 -21.96
N ASP B 180 -18.56 43.29 -21.94
CA ASP B 180 -19.87 42.98 -21.34
C ASP B 180 -20.82 42.23 -22.27
N THR B 181 -21.88 41.68 -21.69
CA THR B 181 -23.00 41.02 -22.40
C THR B 181 -22.60 39.71 -23.10
N PHE B 182 -22.92 38.57 -22.47
CA PHE B 182 -22.72 37.24 -23.08
C PHE B 182 -24.02 36.48 -23.38
N ASP B 183 -25.01 36.61 -22.50
CA ASP B 183 -26.38 36.14 -22.76
C ASP B 183 -26.46 34.63 -23.06
N ILE B 184 -26.36 33.84 -21.99
CA ILE B 184 -26.37 32.38 -22.09
C ILE B 184 -27.62 31.83 -21.40
N ASP B 185 -28.27 30.85 -22.04
CA ASP B 185 -29.28 30.02 -21.38
C ASP B 185 -29.02 28.55 -21.70
N PRO B 186 -29.21 27.66 -20.70
CA PRO B 186 -28.93 26.24 -20.92
C PRO B 186 -30.01 25.55 -21.78
N MET B 187 -29.88 25.70 -23.09
CA MET B 187 -30.67 24.94 -24.07
C MET B 187 -29.66 24.28 -25.02
N VAL B 188 -29.47 22.98 -24.84
CA VAL B 188 -28.48 22.22 -25.62
C VAL B 188 -29.03 21.87 -27.01
N VAL B 189 -28.41 22.44 -28.04
CA VAL B 189 -28.72 22.14 -29.43
C VAL B 189 -27.86 20.93 -29.82
N THR B 190 -28.50 19.93 -30.43
CA THR B 190 -27.83 18.66 -30.75
C THR B 190 -27.52 18.56 -32.26
N ASP B 191 -26.36 19.10 -32.65
CA ASP B 191 -25.85 18.97 -34.02
C ASP B 191 -25.23 17.57 -34.18
N CYS B 192 -26.03 16.65 -34.72
CA CYS B 192 -25.60 15.28 -35.01
C CYS B 192 -25.21 15.13 -36.48
N ILE B 193 -24.01 14.63 -36.74
CA ILE B 193 -23.52 14.39 -38.11
C ILE B 193 -23.50 12.89 -38.35
N GLN B 194 -24.40 12.43 -39.21
CA GLN B 194 -24.58 10.99 -39.49
C GLN B 194 -23.63 10.49 -40.57
N VAL B 195 -23.08 9.29 -40.37
CA VAL B 195 -22.24 8.64 -41.38
C VAL B 195 -22.17 7.12 -41.18
N ASP B 196 -22.42 6.37 -42.26
CA ASP B 196 -22.34 4.90 -42.23
C ASP B 196 -21.28 4.43 -43.24
N PRO B 197 -20.64 3.27 -42.98
CA PRO B 197 -19.47 2.87 -43.76
C PRO B 197 -19.84 2.09 -45.02
N PRO B 198 -18.89 2.01 -45.99
CA PRO B 198 -19.09 1.19 -47.18
C PRO B 198 -18.66 -0.26 -46.94
N GLU B 199 -19.43 -1.20 -47.48
CA GLU B 199 -19.10 -2.63 -47.38
C GLU B 199 -18.02 -3.00 -48.41
N ARG B 200 -17.51 -4.22 -48.33
CA ARG B 200 -16.41 -4.68 -49.21
C ARG B 200 -16.75 -4.77 -50.71
N PRO B 201 -18.04 -4.97 -51.09
CA PRO B 201 -18.45 -4.80 -52.48
C PRO B 201 -19.20 -3.47 -52.67
N PRO B 202 -18.55 -2.45 -53.27
CA PRO B 202 -19.22 -1.15 -53.45
C PRO B 202 -20.22 -1.17 -54.61
N PRO B 203 -21.50 -0.78 -54.36
CA PRO B 203 -22.47 -0.68 -55.46
C PRO B 203 -22.17 0.45 -56.45
N PRO B 204 -22.24 0.18 -57.77
CA PRO B 204 -22.12 1.27 -58.76
C PRO B 204 -23.23 2.35 -58.71
N PRO B 205 -24.49 1.97 -58.42
CA PRO B 205 -25.53 3.01 -58.24
C PRO B 205 -25.32 3.86 -56.98
N SER B 216 -15.80 13.23 -46.03
CA SER B 216 -17.15 13.50 -46.49
C SER B 216 -18.01 14.01 -45.34
N SER B 217 -18.48 15.26 -45.44
CA SER B 217 -19.39 15.88 -44.47
C SER B 217 -18.76 16.18 -43.11
N TYR B 218 -18.34 15.13 -42.38
CA TYR B 218 -17.70 15.29 -41.06
C TYR B 218 -16.31 15.96 -41.10
N LYS B 219 -15.68 16.03 -42.27
CA LYS B 219 -14.44 16.81 -42.44
C LYS B 219 -14.67 18.33 -42.34
N ASN B 220 -15.90 18.77 -42.61
CA ASN B 220 -16.30 20.17 -42.46
C ASN B 220 -16.69 20.54 -41.00
N LEU B 221 -16.54 19.60 -40.06
CA LEU B 221 -17.03 19.77 -38.69
C LEU B 221 -16.37 20.94 -37.95
N THR B 222 -17.20 21.75 -37.26
CA THR B 222 -16.73 22.84 -36.41
C THR B 222 -17.53 22.85 -35.10
N LEU B 223 -16.83 22.98 -33.98
CA LEU B 223 -17.41 22.69 -32.66
C LEU B 223 -18.02 23.90 -31.94
N LYS B 224 -17.43 25.08 -32.13
CA LYS B 224 -17.80 26.31 -31.39
C LYS B 224 -17.51 26.13 -29.90
N PHE B 225 -16.22 26.10 -29.60
CA PHE B 225 -15.67 25.55 -28.36
C PHE B 225 -16.08 26.35 -27.12
N HIS B 226 -16.23 27.67 -27.30
CA HIS B 226 -16.79 28.54 -26.26
C HIS B 226 -18.23 28.17 -25.87
N LYS B 227 -19.02 27.64 -26.81
CA LYS B 227 -20.40 27.21 -26.55
C LYS B 227 -20.55 25.71 -26.32
N LEU B 228 -19.43 24.96 -26.31
CA LEU B 228 -19.46 23.51 -26.35
C LEU B 228 -19.73 22.92 -24.97
N VAL B 229 -20.76 22.09 -24.88
CA VAL B 229 -21.05 21.31 -23.67
C VAL B 229 -20.32 19.97 -23.77
N ASN B 230 -20.43 19.29 -24.93
CA ASN B 230 -19.63 18.09 -25.23
C ASN B 230 -19.78 17.64 -26.68
N VAL B 231 -19.01 16.62 -27.05
CA VAL B 231 -19.18 15.88 -28.31
C VAL B 231 -19.31 14.40 -27.96
N THR B 232 -20.31 13.75 -28.53
CA THR B 232 -20.64 12.35 -28.24
C THR B 232 -20.71 11.55 -29.53
N ILE B 233 -19.76 10.61 -29.67
CA ILE B 233 -19.70 9.70 -30.79
C ILE B 233 -20.39 8.42 -30.33
N HIS B 234 -21.54 8.13 -30.93
CA HIS B 234 -22.27 6.90 -30.71
C HIS B 234 -22.14 6.01 -31.94
N PHE B 235 -21.82 4.74 -31.71
CA PHE B 235 -21.94 3.70 -32.73
C PHE B 235 -22.00 2.34 -32.07
N ARG B 236 -22.78 1.43 -32.66
CA ARG B 236 -22.88 0.07 -32.14
C ARG B 236 -22.17 -0.90 -33.07
N LEU B 237 -21.60 -1.95 -32.49
CA LEU B 237 -20.91 -3.00 -33.25
C LEU B 237 -21.43 -4.38 -32.85
N LYS B 238 -21.93 -5.12 -33.83
CA LYS B 238 -22.37 -6.50 -33.63
C LYS B 238 -21.15 -7.40 -33.74
N THR B 239 -21.07 -8.41 -32.87
CA THR B 239 -20.03 -9.44 -32.94
C THR B 239 -20.58 -10.81 -32.57
N ILE B 240 -19.82 -11.85 -32.93
CA ILE B 240 -20.14 -13.23 -32.60
C ILE B 240 -19.06 -13.69 -31.63
N ASN B 241 -19.45 -13.88 -30.36
CA ASN B 241 -18.52 -14.29 -29.31
C ASN B 241 -18.10 -15.77 -29.47
N LEU B 242 -16.93 -15.98 -30.08
CA LEU B 242 -16.38 -17.32 -30.30
C LEU B 242 -15.55 -17.84 -29.12
N GLN B 243 -15.51 -17.10 -28.02
CA GLN B 243 -14.85 -17.55 -26.79
C GLN B 243 -15.64 -18.68 -26.13
N SER B 244 -16.96 -18.65 -26.31
CA SER B 244 -17.86 -19.69 -25.77
C SER B 244 -17.84 -20.99 -26.60
N LEU B 245 -16.68 -21.64 -26.62
CA LEU B 245 -16.55 -23.02 -27.10
C LEU B 245 -15.68 -23.84 -26.12
N ILE B 246 -15.73 -23.47 -24.84
CA ILE B 246 -15.15 -24.26 -23.75
C ILE B 246 -16.30 -25.06 -23.12
N ASN B 247 -17.38 -24.37 -22.78
CA ASN B 247 -18.66 -25.01 -22.43
C ASN B 247 -19.51 -25.40 -23.65
N ASN B 248 -19.12 -24.97 -24.84
CA ASN B 248 -19.79 -25.31 -26.11
C ASN B 248 -21.22 -24.75 -26.17
N GLU B 249 -21.30 -23.42 -26.09
CA GLU B 249 -22.52 -22.68 -26.45
C GLU B 249 -22.11 -21.54 -27.38
N ILE B 250 -22.03 -21.85 -28.68
CA ILE B 250 -21.55 -20.91 -29.70
C ILE B 250 -22.46 -19.68 -29.85
N PRO B 251 -23.80 -19.88 -29.80
CA PRO B 251 -24.73 -18.74 -29.94
C PRO B 251 -24.62 -17.66 -28.84
N ASP B 252 -23.63 -16.79 -28.99
CA ASP B 252 -23.48 -15.59 -28.16
C ASP B 252 -23.18 -14.43 -29.11
N CYS B 253 -24.23 -13.92 -29.75
CA CYS B 253 -24.11 -12.86 -30.76
C CYS B 253 -24.34 -11.49 -30.10
N TYR B 254 -23.23 -10.86 -29.67
CA TYR B 254 -23.26 -9.59 -28.94
C TYR B 254 -23.47 -8.39 -29.86
N THR B 255 -23.94 -7.29 -29.26
CA THR B 255 -23.99 -5.97 -29.91
C THR B 255 -23.55 -4.89 -28.92
N PHE B 256 -22.29 -4.46 -29.03
CA PHE B 256 -21.75 -3.40 -28.17
C PHE B 256 -22.24 -2.04 -28.62
N SER B 257 -22.43 -1.14 -27.66
CA SER B 257 -22.88 0.23 -27.92
C SER B 257 -21.81 1.24 -27.45
N VAL B 258 -20.87 1.55 -28.34
CA VAL B 258 -19.74 2.42 -28.02
C VAL B 258 -20.20 3.87 -27.89
N LEU B 259 -19.93 4.47 -26.73
CA LEU B 259 -20.15 5.90 -26.50
C LEU B 259 -18.83 6.61 -26.20
N ILE B 260 -18.21 7.20 -27.23
CA ILE B 260 -17.00 8.00 -27.06
C ILE B 260 -17.44 9.41 -26.69
N THR B 261 -17.14 9.83 -25.46
CA THR B 261 -17.61 11.11 -24.92
C THR B 261 -16.45 12.06 -24.69
N PHE B 262 -16.47 13.19 -25.40
CA PHE B 262 -15.60 14.32 -25.14
C PHE B 262 -16.33 15.25 -24.18
N ASP B 263 -16.25 14.91 -22.88
CA ASP B 263 -17.02 15.59 -21.84
C ASP B 263 -16.38 16.94 -21.51
N ASN B 264 -17.10 18.02 -21.80
CA ASN B 264 -16.68 19.38 -21.45
C ASN B 264 -17.75 20.11 -20.63
N LYS B 265 -18.19 19.47 -19.54
CA LYS B 265 -19.11 20.10 -18.58
C LYS B 265 -18.39 21.10 -17.68
N ALA B 266 -17.06 21.01 -17.60
CA ALA B 266 -16.23 21.91 -16.78
C ALA B 266 -15.90 23.25 -17.43
N HIS B 267 -15.67 23.25 -18.75
CA HIS B 267 -15.15 24.42 -19.50
C HIS B 267 -13.79 24.86 -18.96
N SER B 268 -12.98 23.88 -18.57
CA SER B 268 -11.73 24.11 -17.87
C SER B 268 -10.50 23.98 -18.77
N GLY B 269 -10.69 24.06 -20.09
CA GLY B 269 -9.62 23.85 -21.06
C GLY B 269 -9.07 22.42 -21.09
N ARG B 270 -9.89 21.47 -20.64
CA ARG B 270 -9.50 20.06 -20.57
C ARG B 270 -10.76 19.22 -20.69
N ILE B 271 -10.85 18.45 -21.79
CA ILE B 271 -12.05 17.72 -22.16
C ILE B 271 -11.76 16.22 -22.04
N PRO B 272 -12.07 15.61 -20.86
CA PRO B 272 -11.83 14.17 -20.68
C PRO B 272 -12.47 13.28 -21.75
N ILE B 273 -11.64 12.49 -22.43
CA ILE B 273 -12.08 11.62 -23.52
C ILE B 273 -12.25 10.22 -22.90
N SER B 274 -13.44 9.64 -23.04
CA SER B 274 -13.70 8.29 -22.50
C SER B 274 -14.61 7.48 -23.43
N LEU B 275 -14.56 6.17 -23.27
CA LEU B 275 -15.26 5.21 -24.13
C LEU B 275 -15.96 4.14 -23.30
N GLU B 276 -17.30 4.16 -23.33
CA GLU B 276 -18.14 3.22 -22.56
C GLU B 276 -18.91 2.31 -23.52
N THR B 277 -19.16 1.07 -23.08
CA THR B 277 -19.83 0.05 -23.89
C THR B 277 -20.95 -0.63 -23.11
N GLN B 278 -22.12 -0.73 -23.74
CA GLN B 278 -23.22 -1.55 -23.26
C GLN B 278 -23.36 -2.73 -24.22
N ALA B 279 -23.32 -3.94 -23.68
CA ALA B 279 -23.55 -5.16 -24.44
C ALA B 279 -25.04 -5.41 -24.67
N HIS B 280 -25.33 -6.36 -25.55
CA HIS B 280 -26.70 -6.74 -25.90
C HIS B 280 -26.65 -8.09 -26.63
N ILE B 281 -27.19 -9.13 -25.99
CA ILE B 281 -26.88 -10.53 -26.36
C ILE B 281 -28.14 -11.34 -26.71
N GLN B 282 -28.10 -12.01 -27.86
CA GLN B 282 -29.04 -13.10 -28.18
C GLN B 282 -28.46 -13.99 -29.30
N GLU B 283 -29.17 -15.06 -29.65
CA GLU B 283 -28.67 -16.05 -30.63
C GLU B 283 -28.82 -15.55 -32.07
N CYS B 284 -28.14 -16.23 -33.00
CA CYS B 284 -28.19 -15.86 -34.43
C CYS B 284 -28.01 -17.05 -35.39
N LYS B 285 -28.88 -18.04 -35.24
CA LYS B 285 -29.06 -19.16 -36.20
C LYS B 285 -27.82 -20.04 -36.41
N HIS B 286 -27.62 -20.98 -35.47
CA HIS B 286 -26.70 -22.11 -35.66
C HIS B 286 -27.01 -23.22 -34.64
N PRO B 287 -27.92 -24.14 -34.99
CA PRO B 287 -28.20 -25.32 -34.18
C PRO B 287 -27.40 -26.55 -34.63
N SER B 288 -26.84 -27.28 -33.68
CA SER B 288 -26.18 -28.59 -33.89
C SER B 288 -24.86 -28.54 -34.69
N VAL B 289 -23.74 -28.68 -33.98
CA VAL B 289 -22.42 -28.94 -34.60
C VAL B 289 -21.51 -29.83 -33.72
N PHE B 290 -21.44 -29.52 -32.43
CA PHE B 290 -20.76 -30.38 -31.43
C PHE B 290 -21.28 -30.00 -30.04
N GLN B 291 -22.59 -30.24 -29.84
CA GLN B 291 -23.36 -29.70 -28.71
C GLN B 291 -24.23 -30.74 -27.96
N HIS B 292 -24.04 -32.03 -28.25
CA HIS B 292 -24.99 -33.06 -27.80
C HIS B 292 -25.00 -33.31 -26.29
N GLY B 293 -23.82 -33.51 -25.71
CA GLY B 293 -23.69 -33.88 -24.30
C GLY B 293 -23.94 -32.73 -23.32
N ASP B 294 -23.21 -31.65 -23.51
CA ASP B 294 -23.24 -30.49 -22.59
C ASP B 294 -24.64 -29.89 -22.39
N ASN B 295 -25.46 -29.92 -23.44
CA ASN B 295 -26.86 -29.51 -23.36
C ASN B 295 -27.66 -30.40 -22.39
N SER B 296 -27.36 -31.69 -22.37
CA SER B 296 -28.01 -32.64 -21.45
C SER B 296 -27.40 -32.61 -20.05
N PHE B 297 -26.07 -32.54 -19.95
CA PHE B 297 -25.38 -32.61 -18.64
C PHE B 297 -25.65 -31.42 -17.72
N ARG B 298 -25.49 -30.21 -18.26
CA ARG B 298 -25.71 -28.97 -17.49
C ARG B 298 -27.19 -28.81 -17.12
N LEU B 299 -28.08 -29.23 -18.02
CA LEU B 299 -29.51 -29.35 -17.74
C LEU B 299 -29.78 -30.35 -16.62
N LEU B 300 -29.15 -31.52 -16.70
CA LEU B 300 -29.30 -32.57 -15.67
C LEU B 300 -28.67 -32.20 -14.32
N PHE B 301 -27.68 -31.31 -14.32
CA PHE B 301 -27.03 -30.87 -13.08
C PHE B 301 -27.90 -29.91 -12.27
N ASP B 302 -28.38 -28.84 -12.91
CA ASP B 302 -29.19 -27.82 -12.21
C ASP B 302 -30.57 -28.32 -11.74
N VAL B 303 -31.17 -29.27 -12.47
CA VAL B 303 -32.41 -29.92 -11.99
C VAL B 303 -32.18 -30.75 -10.73
N VAL B 304 -30.99 -31.34 -10.60
CA VAL B 304 -30.58 -32.04 -9.37
C VAL B 304 -30.36 -31.04 -8.22
N VAL B 305 -29.82 -29.85 -8.55
CA VAL B 305 -29.67 -28.76 -7.58
C VAL B 305 -31.05 -28.32 -7.12
N ILE B 306 -31.96 -28.12 -8.08
CA ILE B 306 -33.36 -27.79 -7.78
C ILE B 306 -34.02 -28.89 -6.92
N LEU B 307 -33.77 -30.16 -7.26
CA LEU B 307 -34.28 -31.29 -6.47
C LEU B 307 -33.76 -31.27 -5.04
N THR B 308 -32.43 -31.12 -4.90
CA THR B 308 -31.79 -31.10 -3.58
C THR B 308 -32.23 -29.90 -2.73
N CYS B 309 -32.35 -28.74 -3.37
CA CYS B 309 -32.83 -27.53 -2.69
C CYS B 309 -34.31 -27.62 -2.31
N SER B 310 -35.14 -28.14 -3.23
CA SER B 310 -36.58 -28.32 -2.96
C SER B 310 -36.84 -29.40 -1.89
N LEU B 311 -36.08 -30.48 -1.94
CA LEU B 311 -36.20 -31.56 -0.94
C LEU B 311 -35.81 -31.05 0.46
N SER B 312 -34.71 -30.29 0.54
CA SER B 312 -34.31 -29.63 1.79
C SER B 312 -35.31 -28.57 2.25
N PHE B 313 -35.85 -27.82 1.28
CA PHE B 313 -36.90 -26.82 1.56
C PHE B 313 -38.19 -27.45 2.10
N LEU B 314 -38.55 -28.62 1.56
CA LEU B 314 -39.70 -29.39 2.07
C LEU B 314 -39.45 -29.88 3.49
N LEU B 315 -38.29 -30.50 3.70
CA LEU B 315 -37.88 -30.97 5.03
C LEU B 315 -37.75 -29.84 6.05
N CYS B 316 -37.37 -28.65 5.59
CA CYS B 316 -37.41 -27.46 6.44
C CYS B 316 -38.85 -26.99 6.68
N ALA B 317 -39.69 -27.04 5.65
CA ALA B 317 -41.13 -26.76 5.80
C ALA B 317 -41.77 -27.67 6.84
N ARG B 318 -41.36 -28.94 6.88
CA ARG B 318 -41.75 -29.87 7.94
C ARG B 318 -41.21 -29.44 9.33
N SER B 319 -39.99 -28.90 9.37
CA SER B 319 -39.41 -28.39 10.62
C SER B 319 -40.12 -27.14 11.14
N LEU B 320 -40.51 -26.25 10.24
CA LEU B 320 -41.35 -25.09 10.59
C LEU B 320 -42.79 -25.50 10.94
N LEU B 321 -43.32 -26.52 10.25
CA LEU B 321 -44.63 -27.11 10.58
C LEU B 321 -44.73 -27.54 12.05
N ARG B 322 -43.63 -28.09 12.59
CA ARG B 322 -43.54 -28.40 14.02
C ARG B 322 -43.55 -27.12 14.88
N GLY B 323 -42.95 -26.05 14.36
CA GLY B 323 -42.93 -24.74 15.04
C GLY B 323 -44.29 -24.21 15.43
N PHE B 324 -45.24 -24.29 14.51
CA PHE B 324 -46.63 -23.84 14.77
C PHE B 324 -47.40 -24.56 15.89
N LEU B 325 -47.15 -25.86 16.01
CA LEU B 325 -47.82 -26.68 17.05
C LEU B 325 -47.45 -26.24 18.46
N LEU B 326 -46.16 -26.03 18.71
CA LEU B 326 -45.69 -25.59 20.03
C LEU B 326 -46.37 -24.29 20.45
N GLN B 327 -46.44 -23.33 19.54
CA GLN B 327 -47.19 -22.09 19.78
C GLN B 327 -48.64 -22.36 20.19
N ASN B 328 -49.24 -23.40 19.60
CA ASN B 328 -50.60 -23.83 19.96
C ASN B 328 -50.69 -24.52 21.34
N GLU B 329 -49.54 -24.92 21.91
CA GLU B 329 -49.51 -25.40 23.30
C GLU B 329 -49.53 -24.27 24.33
N PHE B 330 -49.03 -23.08 23.95
CA PHE B 330 -48.98 -21.89 24.80
C PHE B 330 -48.29 -22.17 26.14
N VAL B 331 -47.02 -22.54 26.07
CA VAL B 331 -46.22 -23.00 27.22
C VAL B 331 -47.06 -23.81 28.23
N GLY B 332 -47.68 -24.88 27.69
CA GLY B 332 -48.55 -25.78 28.45
C GLY B 332 -49.58 -25.06 29.31
N PHE B 333 -50.19 -24.01 28.75
CA PHE B 333 -51.05 -23.08 29.50
C PHE B 333 -50.48 -22.80 30.90
N MET B 334 -49.23 -22.31 30.92
CA MET B 334 -48.51 -22.01 32.17
C MET B 334 -48.42 -23.25 33.08
N TRP B 335 -48.17 -24.42 32.49
CA TRP B 335 -48.16 -25.72 33.19
C TRP B 335 -49.51 -26.03 33.88
N ARG B 336 -50.60 -25.43 33.38
CA ARG B 336 -51.92 -25.46 34.05
C ARG B 336 -51.90 -24.96 35.53
N GLN B 337 -50.92 -24.12 35.86
CA GLN B 337 -50.75 -23.59 37.23
C GLN B 337 -50.71 -22.05 37.30
N ARG B 338 -50.78 -21.37 36.15
CA ARG B 338 -50.65 -19.90 36.05
C ARG B 338 -49.31 -19.36 36.61
N GLY B 339 -48.27 -20.19 36.62
CA GLY B 339 -47.01 -19.86 37.26
C GLY B 339 -46.16 -18.92 36.43
N ARG B 340 -45.22 -18.25 37.09
CA ARG B 340 -44.20 -17.37 36.49
C ARG B 340 -44.61 -16.04 35.81
N VAL B 341 -45.90 -15.88 35.45
CA VAL B 341 -46.39 -14.71 34.72
C VAL B 341 -45.55 -14.46 33.45
N ILE B 342 -45.71 -15.36 32.48
CA ILE B 342 -44.95 -15.31 31.21
C ILE B 342 -45.55 -14.23 30.29
N SER B 343 -44.69 -13.45 29.66
CA SER B 343 -45.08 -12.26 28.90
C SER B 343 -45.32 -12.47 27.39
N LEU B 344 -44.92 -13.64 26.87
CA LEU B 344 -45.15 -14.02 25.46
C LEU B 344 -44.39 -13.14 24.44
N TRP B 345 -43.18 -12.69 24.82
CA TRP B 345 -42.25 -12.02 23.91
C TRP B 345 -41.13 -12.99 23.51
N GLU B 346 -40.54 -13.66 24.50
CA GLU B 346 -39.61 -14.78 24.27
C GLU B 346 -40.18 -15.89 23.37
N ARG B 347 -41.50 -16.03 23.36
CA ARG B 347 -42.23 -16.91 22.41
C ARG B 347 -41.96 -16.54 20.94
N LEU B 348 -41.70 -15.28 20.65
CA LEU B 348 -41.32 -14.85 19.29
C LEU B 348 -39.89 -15.28 18.96
N GLU B 349 -38.97 -15.14 19.92
CA GLU B 349 -37.57 -15.57 19.74
C GLU B 349 -37.39 -17.10 19.83
N PHE B 350 -38.37 -17.80 20.39
CA PHE B 350 -38.37 -19.28 20.51
C PHE B 350 -37.92 -20.07 19.27
N VAL B 351 -38.53 -19.75 18.13
CA VAL B 351 -38.35 -20.53 16.88
C VAL B 351 -36.96 -20.30 16.27
N ASN B 352 -36.34 -21.40 15.84
CA ASN B 352 -34.98 -21.43 15.26
C ASN B 352 -34.79 -20.64 13.95
N GLY B 353 -33.85 -19.71 13.99
CA GLY B 353 -33.51 -18.86 12.85
C GLY B 353 -32.68 -19.53 11.76
N TRP B 354 -31.88 -20.53 12.14
CA TRP B 354 -30.99 -21.21 11.16
C TRP B 354 -31.79 -21.83 10.02
N TYR B 355 -32.97 -22.33 10.32
CA TYR B 355 -33.92 -22.79 9.31
C TYR B 355 -34.38 -21.65 8.41
N ILE B 356 -34.70 -20.50 9.01
CA ILE B 356 -35.10 -19.30 8.25
C ILE B 356 -33.98 -18.82 7.31
N LEU B 357 -32.73 -18.87 7.79
CA LEU B 357 -31.56 -18.59 6.96
C LEU B 357 -31.37 -19.64 5.86
N LEU B 358 -31.55 -20.91 6.23
CA LEU B 358 -31.47 -22.03 5.28
C LEU B 358 -32.49 -21.88 4.15
N VAL B 359 -33.72 -21.52 4.49
CA VAL B 359 -34.78 -21.25 3.49
C VAL B 359 -34.45 -20.05 2.62
N THR B 360 -33.96 -18.97 3.23
CA THR B 360 -33.52 -17.78 2.49
C THR B 360 -32.44 -18.17 1.49
N SER B 361 -31.44 -18.94 1.94
CA SER B 361 -30.39 -19.44 1.04
C SER B 361 -30.92 -20.39 -0.05
N ASP B 362 -31.90 -21.24 0.30
CA ASP B 362 -32.55 -22.10 -0.70
C ASP B 362 -33.17 -21.30 -1.84
N VAL B 363 -33.99 -20.30 -1.46
CA VAL B 363 -34.69 -19.42 -2.42
C VAL B 363 -33.72 -18.83 -3.44
N LEU B 364 -32.59 -18.32 -2.94
CA LEU B 364 -31.51 -17.81 -3.79
C LEU B 364 -30.92 -18.89 -4.69
N THR B 365 -30.77 -20.11 -4.18
CA THR B 365 -30.25 -21.23 -4.99
C THR B 365 -31.21 -21.59 -6.13
N ILE B 366 -32.48 -21.79 -5.78
CA ILE B 366 -33.50 -22.23 -6.73
C ILE B 366 -33.91 -21.11 -7.72
N SER B 367 -33.94 -19.87 -7.24
CA SER B 367 -34.07 -18.68 -8.11
C SER B 367 -32.84 -18.53 -9.00
N GLY B 368 -31.67 -18.82 -8.44
CA GLY B 368 -30.42 -18.87 -9.19
C GLY B 368 -30.49 -19.84 -10.34
N THR B 369 -30.69 -21.12 -10.03
CA THR B 369 -30.71 -22.19 -11.04
C THR B 369 -31.71 -21.97 -12.20
N ILE B 370 -32.92 -21.46 -11.90
CA ILE B 370 -33.87 -21.10 -12.96
C ILE B 370 -33.34 -19.91 -13.80
N MET B 371 -32.62 -18.98 -13.18
CA MET B 371 -31.95 -17.89 -13.90
C MET B 371 -30.82 -18.42 -14.78
N LYS B 372 -30.10 -19.42 -14.28
CA LYS B 372 -29.02 -20.08 -15.00
C LYS B 372 -29.53 -20.89 -16.19
N ILE B 373 -30.58 -21.69 -15.97
CA ILE B 373 -31.19 -22.46 -17.07
C ILE B 373 -31.63 -21.49 -18.16
N GLY B 374 -32.26 -20.40 -17.74
CA GLY B 374 -32.70 -19.33 -18.64
C GLY B 374 -31.57 -18.67 -19.40
N ILE B 375 -30.59 -18.12 -18.68
CA ILE B 375 -29.46 -17.41 -19.30
C ILE B 375 -28.58 -18.32 -20.16
N GLU B 376 -28.41 -19.58 -19.76
CA GLU B 376 -27.62 -20.53 -20.52
C GLU B 376 -28.40 -21.00 -21.75
N ALA B 377 -29.58 -21.58 -21.52
CA ALA B 377 -30.33 -22.28 -22.56
C ALA B 377 -31.61 -21.59 -23.07
N LYS B 378 -31.69 -20.27 -22.95
CA LYS B 378 -32.87 -19.52 -23.36
C LYS B 378 -32.54 -18.02 -23.51
N ASN B 379 -33.53 -17.22 -23.87
CA ASN B 379 -33.36 -15.78 -24.17
C ASN B 379 -32.92 -14.82 -23.04
N LEU B 380 -32.66 -15.32 -21.83
CA LEU B 380 -32.34 -14.45 -20.69
C LEU B 380 -30.89 -13.97 -20.77
N ALA B 381 -30.61 -12.82 -20.17
CA ALA B 381 -29.29 -12.20 -20.26
C ALA B 381 -29.01 -11.20 -19.12
N SER B 382 -28.66 -11.74 -17.96
CA SER B 382 -28.16 -10.95 -16.83
C SER B 382 -27.34 -11.83 -15.89
N TYR B 383 -26.04 -11.90 -16.15
CA TYR B 383 -25.10 -12.69 -15.35
C TYR B 383 -24.92 -12.15 -13.93
N ASP B 384 -24.81 -10.82 -13.82
CA ASP B 384 -24.69 -10.12 -12.52
C ASP B 384 -25.69 -10.55 -11.44
N VAL B 385 -26.96 -10.71 -11.80
CA VAL B 385 -28.03 -11.05 -10.85
C VAL B 385 -27.87 -12.50 -10.41
N CYS B 386 -27.75 -13.40 -11.40
CA CYS B 386 -27.52 -14.84 -11.15
C CYS B 386 -26.26 -15.12 -10.32
N SER B 387 -25.18 -14.41 -10.61
CA SER B 387 -23.93 -14.51 -9.84
C SER B 387 -24.13 -14.10 -8.38
N ILE B 388 -24.77 -12.95 -8.15
CA ILE B 388 -25.11 -12.51 -6.78
C ILE B 388 -25.99 -13.55 -6.10
N LEU B 389 -27.02 -14.02 -6.82
CA LEU B 389 -27.94 -15.04 -6.30
C LEU B 389 -27.23 -16.32 -5.88
N LEU B 390 -26.62 -17.03 -6.85
CA LEU B 390 -25.91 -18.29 -6.55
C LEU B 390 -24.74 -18.08 -5.57
N GLY B 391 -24.07 -16.93 -5.67
CA GLY B 391 -22.96 -16.59 -4.77
C GLY B 391 -23.37 -16.38 -3.32
N THR B 392 -24.42 -15.59 -3.11
CA THR B 392 -25.00 -15.39 -1.77
C THR B 392 -25.61 -16.69 -1.27
N SER B 393 -26.22 -17.45 -2.19
CA SER B 393 -26.72 -18.79 -1.90
C SER B 393 -25.61 -19.71 -1.37
N THR B 394 -24.46 -19.72 -2.03
CA THR B 394 -23.32 -20.54 -1.59
C THR B 394 -22.67 -20.00 -0.31
N LEU B 395 -22.56 -18.68 -0.21
CA LEU B 395 -22.09 -18.02 1.02
C LEU B 395 -22.94 -18.44 2.21
N LEU B 396 -24.26 -18.30 2.07
CA LEU B 396 -25.20 -18.68 3.11
C LEU B 396 -25.33 -20.20 3.31
N VAL B 397 -25.11 -21.00 2.26
CA VAL B 397 -25.12 -22.47 2.37
C VAL B 397 -23.87 -22.97 3.12
N TRP B 398 -22.70 -22.46 2.76
CA TRP B 398 -21.47 -22.89 3.42
C TRP B 398 -21.49 -22.58 4.92
N VAL B 399 -22.02 -21.42 5.32
CA VAL B 399 -22.21 -21.12 6.76
C VAL B 399 -23.27 -22.01 7.43
N GLY B 400 -24.06 -22.74 6.63
CA GLY B 400 -24.92 -23.81 7.13
C GLY B 400 -24.22 -24.98 7.83
N VAL B 401 -22.91 -25.15 7.57
CA VAL B 401 -22.12 -26.17 8.26
C VAL B 401 -21.99 -25.85 9.75
N ILE B 402 -21.90 -24.56 10.08
CA ILE B 402 -21.89 -24.12 11.48
C ILE B 402 -23.08 -24.75 12.25
N ARG B 403 -24.27 -24.67 11.65
CA ARG B 403 -25.47 -25.36 12.17
C ARG B 403 -25.21 -26.86 12.42
N TYR B 404 -24.56 -27.52 11.47
CA TYR B 404 -24.12 -28.92 11.65
C TYR B 404 -23.09 -29.08 12.79
N LEU B 405 -22.27 -28.05 13.06
CA LEU B 405 -21.27 -28.09 14.14
C LEU B 405 -21.85 -27.72 15.51
N THR B 406 -22.33 -28.75 16.23
CA THR B 406 -22.79 -28.63 17.62
C THR B 406 -22.31 -29.84 18.46
N PHE B 407 -21.09 -30.31 18.20
CA PHE B 407 -20.55 -31.53 18.80
C PHE B 407 -19.65 -31.20 20.00
N PHE B 408 -19.67 -32.07 21.03
CA PHE B 408 -18.98 -31.85 22.31
C PHE B 408 -19.42 -30.62 23.14
N HIS B 409 -20.49 -29.93 22.72
CA HIS B 409 -20.99 -28.71 23.37
C HIS B 409 -19.93 -27.61 23.57
N ASN B 410 -18.98 -27.50 22.63
CA ASN B 410 -17.86 -26.54 22.72
C ASN B 410 -17.74 -25.55 21.55
N TYR B 411 -18.16 -25.94 20.36
CA TYR B 411 -18.23 -25.01 19.20
C TYR B 411 -19.23 -23.88 19.48
N ASN B 412 -20.40 -24.25 19.98
CA ASN B 412 -21.47 -23.28 20.30
C ASN B 412 -21.14 -22.33 21.46
N ILE B 413 -20.11 -22.64 22.25
CA ILE B 413 -19.54 -21.67 23.19
C ILE B 413 -18.81 -20.56 22.42
N LEU B 414 -18.05 -20.94 21.38
CA LEU B 414 -17.34 -19.98 20.53
C LEU B 414 -18.27 -19.24 19.57
N ILE B 415 -19.26 -19.94 19.03
CA ILE B 415 -20.19 -19.34 18.04
C ILE B 415 -21.21 -18.41 18.69
N ALA B 416 -21.89 -18.87 19.74
CA ALA B 416 -23.00 -18.14 20.37
C ALA B 416 -22.60 -16.94 21.26
N THR B 417 -21.29 -16.68 21.42
CA THR B 417 -20.81 -15.44 22.03
C THR B 417 -21.27 -14.19 21.26
N LEU B 418 -21.44 -14.33 19.94
CA LEU B 418 -22.00 -13.27 19.09
C LEU B 418 -23.48 -13.01 19.40
N ARG B 419 -24.24 -14.07 19.70
CA ARG B 419 -25.63 -13.92 20.14
C ARG B 419 -25.76 -13.22 21.51
N VAL B 420 -24.77 -13.42 22.38
CA VAL B 420 -24.68 -12.68 23.65
C VAL B 420 -24.22 -11.23 23.41
N ALA B 421 -23.23 -11.04 22.55
CA ALA B 421 -22.63 -9.72 22.30
C ALA B 421 -23.51 -8.77 21.49
N LEU B 422 -24.18 -9.30 20.47
CA LEU B 422 -24.99 -8.51 19.52
C LEU B 422 -25.90 -7.44 20.15
N PRO B 423 -26.57 -7.75 21.27
CA PRO B 423 -27.28 -6.72 22.04
C PRO B 423 -26.44 -5.48 22.38
N SER B 424 -25.26 -5.68 22.96
CA SER B 424 -24.35 -4.59 23.31
C SER B 424 -23.64 -4.00 22.09
N VAL B 425 -23.28 -4.86 21.13
CA VAL B 425 -22.60 -4.44 19.89
C VAL B 425 -23.51 -3.54 19.05
N MET B 426 -24.80 -3.89 18.93
CA MET B 426 -25.79 -3.03 18.27
C MET B 426 -25.87 -1.65 18.92
N ARG B 427 -26.02 -1.64 20.25
CA ARG B 427 -26.12 -0.39 21.01
C ARG B 427 -24.84 0.46 20.93
N PHE B 428 -23.67 -0.19 20.96
CA PHE B 428 -22.40 0.51 20.80
C PHE B 428 -22.18 1.04 19.38
N CYS B 429 -22.50 0.20 18.40
CA CYS B 429 -22.39 0.53 16.97
C CYS B 429 -23.14 1.81 16.56
N CYS B 430 -24.30 2.06 17.16
CA CYS B 430 -25.08 3.28 16.88
C CYS B 430 -24.28 4.56 17.14
N CYS B 431 -23.74 4.68 18.34
CA CYS B 431 -22.98 5.88 18.76
C CYS B 431 -21.69 6.08 17.96
N VAL B 432 -21.03 4.98 17.60
CA VAL B 432 -19.82 5.01 16.76
C VAL B 432 -20.18 5.38 15.32
N ALA B 433 -21.27 4.82 14.80
CA ALA B 433 -21.78 5.16 13.45
C ALA B 433 -22.23 6.63 13.36
N VAL B 434 -22.86 7.10 14.44
CA VAL B 434 -23.23 8.50 14.60
C VAL B 434 -22.01 9.42 14.42
N ILE B 435 -20.90 9.10 15.10
CA ILE B 435 -19.65 9.85 14.93
C ILE B 435 -19.09 9.63 13.53
N TYR B 436 -19.14 8.39 13.06
CA TYR B 436 -18.67 8.01 11.73
C TYR B 436 -19.28 8.87 10.63
N LEU B 437 -20.61 8.98 10.62
CA LEU B 437 -21.33 9.79 9.63
C LEU B 437 -20.97 11.28 9.70
N GLY B 438 -20.62 11.76 10.89
CA GLY B 438 -20.10 13.12 11.07
C GLY B 438 -18.83 13.34 10.28
N TYR B 439 -17.86 12.44 10.45
CA TYR B 439 -16.61 12.49 9.68
C TYR B 439 -16.84 12.21 8.20
N CYS B 440 -17.80 11.32 7.92
CA CYS B 440 -18.13 10.93 6.56
C CYS B 440 -18.75 12.07 5.75
N PHE B 441 -19.76 12.73 6.31
CA PHE B 441 -20.37 13.91 5.68
C PHE B 441 -19.43 15.12 5.66
N CYS B 442 -18.63 15.28 6.71
CA CYS B 442 -17.66 16.37 6.78
C CYS B 442 -16.55 16.22 5.74
N GLY B 443 -15.89 15.06 5.73
CA GLY B 443 -14.80 14.77 4.80
C GLY B 443 -15.19 14.68 3.34
N TRP B 444 -16.46 14.36 3.08
CA TRP B 444 -17.00 14.31 1.73
C TRP B 444 -16.96 15.70 1.08
N ILE B 445 -17.61 16.67 1.70
CA ILE B 445 -17.72 18.02 1.14
C ILE B 445 -16.46 18.87 1.32
N VAL B 446 -15.72 18.66 2.42
CA VAL B 446 -14.55 19.49 2.72
C VAL B 446 -13.30 18.99 1.97
N LEU B 447 -13.03 17.68 2.05
CA LEU B 447 -11.83 17.07 1.45
C LEU B 447 -12.03 16.55 0.02
N GLY B 448 -13.27 16.17 -0.32
CA GLY B 448 -13.60 15.63 -1.65
C GLY B 448 -13.27 16.50 -2.84
N PRO B 449 -13.46 17.83 -2.71
CA PRO B 449 -13.01 18.75 -3.75
C PRO B 449 -11.50 18.68 -4.03
N TYR B 450 -10.70 18.63 -2.95
CA TYR B 450 -9.25 18.70 -3.06
C TYR B 450 -8.53 17.36 -3.24
N HIS B 451 -9.22 16.23 -3.01
CA HIS B 451 -8.55 14.93 -2.91
C HIS B 451 -9.24 13.78 -3.64
N VAL B 452 -8.50 12.69 -3.80
CA VAL B 452 -8.91 11.56 -4.62
C VAL B 452 -9.84 10.61 -3.85
N LYS B 453 -9.49 10.30 -2.60
CA LYS B 453 -10.23 9.29 -1.82
C LYS B 453 -11.61 9.72 -1.28
N PHE B 454 -11.94 11.01 -1.32
CA PHE B 454 -13.22 11.52 -0.77
C PHE B 454 -14.19 12.07 -1.83
N ARG B 455 -14.05 11.67 -3.09
CA ARG B 455 -14.88 12.22 -4.18
C ARG B 455 -16.37 11.83 -4.09
N SER B 456 -16.69 10.77 -3.35
CA SER B 456 -18.08 10.44 -3.01
C SER B 456 -18.17 9.79 -1.63
N LEU B 457 -19.35 9.95 -1.00
CA LEU B 457 -19.66 9.36 0.31
C LEU B 457 -19.36 7.86 0.38
N SER B 458 -19.55 7.15 -0.73
CA SER B 458 -19.13 5.75 -0.88
C SER B 458 -17.62 5.62 -0.60
N MET B 459 -16.82 6.39 -1.34
CA MET B 459 -15.37 6.38 -1.20
C MET B 459 -14.91 6.87 0.17
N VAL B 460 -15.64 7.84 0.74
CA VAL B 460 -15.37 8.32 2.10
C VAL B 460 -15.63 7.19 3.09
N SER B 461 -16.76 6.50 2.93
CA SER B 461 -17.12 5.37 3.79
C SER B 461 -16.20 4.17 3.60
N GLU B 462 -15.60 4.03 2.42
CA GLU B 462 -14.55 3.03 2.20
C GLU B 462 -13.23 3.45 2.88
N CYS B 463 -12.82 4.70 2.64
CA CYS B 463 -11.54 5.24 3.13
C CYS B 463 -11.49 5.32 4.65
N LEU B 464 -12.53 5.90 5.24
CA LEU B 464 -12.69 5.94 6.70
C LEU B 464 -12.71 4.55 7.35
N PHE B 465 -13.28 3.55 6.66
CA PHE B 465 -13.32 2.19 7.16
C PHE B 465 -11.98 1.49 7.03
N SER B 466 -11.30 1.72 5.89
CA SER B 466 -9.90 1.27 5.72
C SER B 466 -8.91 1.96 6.67
N LEU B 467 -9.22 3.19 7.07
CA LEU B 467 -8.45 3.93 8.08
C LEU B 467 -8.49 3.26 9.47
N ILE B 468 -9.68 2.89 9.93
CA ILE B 468 -9.84 2.32 11.29
C ILE B 468 -9.24 0.92 11.49
N ASN B 469 -8.82 0.27 10.41
CA ASN B 469 -7.94 -0.91 10.47
C ASN B 469 -6.50 -0.55 10.10
N GLY B 470 -6.35 0.38 9.14
CA GLY B 470 -5.05 0.94 8.81
C GLY B 470 -4.54 0.44 7.48
N ASP B 471 -5.19 0.90 6.41
CA ASP B 471 -4.63 0.78 5.05
C ASP B 471 -4.87 2.07 4.28
N ASP B 472 -3.88 2.45 3.46
CA ASP B 472 -3.78 3.79 2.86
C ASP B 472 -3.94 4.91 3.89
N MET B 473 -3.38 4.69 5.09
CA MET B 473 -3.43 5.68 6.16
C MET B 473 -2.40 6.78 5.94
N PHE B 474 -1.22 6.43 5.44
CA PHE B 474 -0.23 7.42 4.99
C PHE B 474 -0.59 8.11 3.66
N VAL B 475 -1.24 7.39 2.74
CA VAL B 475 -1.57 7.92 1.41
C VAL B 475 -2.59 9.06 1.51
N THR B 476 -3.54 8.94 2.44
CA THR B 476 -4.50 10.02 2.75
C THR B 476 -3.81 11.34 3.16
N PHE B 477 -2.88 11.25 4.12
CA PHE B 477 -2.00 12.35 4.49
C PHE B 477 -1.08 12.81 3.34
N ALA B 478 -0.69 11.86 2.49
CA ALA B 478 0.15 12.15 1.31
C ALA B 478 -0.60 12.91 0.22
N ALA B 479 -1.92 12.70 0.11
CA ALA B 479 -2.77 13.54 -0.74
C ALA B 479 -2.73 15.03 -0.34
N MET B 480 -2.58 15.30 0.96
CA MET B 480 -2.57 16.66 1.51
C MET B 480 -1.31 17.44 1.17
N GLN B 481 -0.21 16.76 0.84
CA GLN B 481 1.08 17.43 0.59
C GLN B 481 1.09 18.34 -0.64
N ALA B 482 0.18 18.08 -1.58
CA ALA B 482 -0.12 19.04 -2.66
C ALA B 482 -0.83 20.29 -2.12
N GLN B 483 -1.74 20.09 -1.17
CA GLN B 483 -2.51 21.19 -0.56
C GLN B 483 -1.80 21.95 0.57
N GLN B 484 -0.54 21.61 0.87
CA GLN B 484 0.26 22.35 1.86
C GLN B 484 0.60 23.79 1.42
N GLY B 485 0.72 24.00 0.11
CA GLY B 485 0.96 25.34 -0.47
C GLY B 485 -0.22 25.89 -1.28
N ARG B 486 -1.43 25.50 -0.92
CA ARG B 486 -2.66 26.00 -1.55
C ARG B 486 -3.86 25.57 -0.71
N SER B 487 -4.55 26.54 -0.13
CA SER B 487 -5.63 26.31 0.87
C SER B 487 -5.08 25.58 2.12
N SER B 488 -4.07 26.20 2.74
CA SER B 488 -3.42 25.67 3.94
C SER B 488 -4.37 25.44 5.13
N LEU B 489 -5.50 26.16 5.15
CA LEU B 489 -6.57 25.90 6.12
C LEU B 489 -7.23 24.53 5.89
N VAL B 490 -7.36 24.11 4.64
CA VAL B 490 -7.93 22.79 4.30
C VAL B 490 -6.95 21.70 4.69
N TRP B 491 -5.68 21.91 4.37
CA TRP B 491 -4.56 21.06 4.80
C TRP B 491 -4.51 20.92 6.32
N LEU B 492 -4.52 22.06 7.02
CA LEU B 492 -4.46 22.11 8.48
C LEU B 492 -5.73 21.54 9.13
N PHE B 493 -6.87 21.68 8.46
CA PHE B 493 -8.11 21.02 8.88
C PHE B 493 -8.04 19.52 8.71
N SER B 494 -7.57 19.06 7.55
CA SER B 494 -7.49 17.64 7.22
C SER B 494 -6.55 16.84 8.14
N GLN B 495 -5.47 17.47 8.60
CA GLN B 495 -4.60 16.88 9.62
C GLN B 495 -5.43 16.62 10.87
N LEU B 496 -6.06 17.67 11.40
CA LEU B 496 -6.91 17.59 12.60
C LEU B 496 -8.06 16.59 12.43
N TYR B 497 -8.57 16.49 11.21
CA TYR B 497 -9.63 15.54 10.83
C TYR B 497 -9.13 14.09 10.88
N LEU B 498 -8.09 13.81 10.09
CA LEU B 498 -7.54 12.46 9.97
C LEU B 498 -6.86 11.95 11.26
N TYR B 499 -6.16 12.83 11.98
CA TYR B 499 -5.56 12.43 13.27
C TYR B 499 -6.68 12.07 14.23
N SER B 500 -7.63 12.99 14.41
CA SER B 500 -8.75 12.82 15.35
C SER B 500 -9.55 11.59 15.03
N PHE B 501 -9.90 11.44 13.75
CA PHE B 501 -10.76 10.34 13.31
C PHE B 501 -10.18 8.95 13.59
N ILE B 502 -8.90 8.75 13.24
CA ILE B 502 -8.26 7.44 13.41
C ILE B 502 -7.71 7.24 14.84
N SER B 503 -7.31 8.32 15.51
CA SER B 503 -6.96 8.24 16.94
C SER B 503 -8.18 7.90 17.80
N LEU B 504 -9.33 8.49 17.47
CA LEU B 504 -10.60 8.16 18.13
C LEU B 504 -11.05 6.71 17.90
N PHE B 505 -11.03 6.26 16.64
CA PHE B 505 -11.54 4.93 16.30
C PHE B 505 -10.55 3.76 16.44
N ILE B 506 -9.30 3.93 16.03
CA ILE B 506 -8.32 2.83 16.14
C ILE B 506 -8.00 2.54 17.62
N TYR B 507 -7.94 3.59 18.45
CA TYR B 507 -7.62 3.41 19.87
C TYR B 507 -8.84 3.48 20.77
N MET B 508 -9.49 4.66 20.82
CA MET B 508 -10.49 4.94 21.87
C MET B 508 -11.82 4.21 21.68
N VAL B 509 -12.14 3.81 20.43
CA VAL B 509 -13.44 3.20 20.08
C VAL B 509 -13.31 1.70 19.77
N LEU B 510 -12.34 1.32 18.95
CA LEU B 510 -12.10 -0.11 18.64
C LEU B 510 -11.92 -0.95 19.91
N SER B 511 -11.11 -0.44 20.84
CA SER B 511 -10.85 -1.09 22.14
C SER B 511 -12.12 -1.50 22.91
N LEU B 512 -13.14 -0.65 22.88
CA LEU B 512 -14.47 -0.99 23.44
C LEU B 512 -15.14 -2.14 22.67
N PHE B 513 -14.99 -2.15 21.34
CA PHE B 513 -15.54 -3.22 20.48
C PHE B 513 -14.83 -4.55 20.70
N ILE B 514 -13.50 -4.50 20.89
CA ILE B 514 -12.72 -5.67 21.28
C ILE B 514 -13.13 -6.11 22.70
N ALA B 515 -13.30 -5.15 23.61
CA ALA B 515 -13.72 -5.42 24.99
C ALA B 515 -15.14 -5.99 25.10
N LEU B 516 -16.01 -5.65 24.15
CA LEU B 516 -17.38 -6.20 24.08
C LEU B 516 -17.37 -7.66 23.65
N ILE B 517 -16.62 -7.94 22.58
CA ILE B 517 -16.54 -9.29 22.02
C ILE B 517 -15.74 -10.22 22.95
N THR B 518 -14.62 -9.73 23.48
CA THR B 518 -13.86 -10.47 24.50
C THR B 518 -14.63 -10.57 25.83
N GLY B 519 -15.39 -9.52 26.16
CA GLY B 519 -16.27 -9.51 27.33
C GLY B 519 -17.44 -10.49 27.23
N ALA B 520 -17.96 -10.68 26.02
CA ALA B 520 -18.95 -11.73 25.76
C ALA B 520 -18.34 -13.14 25.89
N TYR B 521 -17.12 -13.29 25.36
CA TYR B 521 -16.34 -14.52 25.53
C TYR B 521 -16.01 -14.80 27.01
N ASP B 522 -15.78 -13.75 27.79
CA ASP B 522 -15.60 -13.89 29.25
C ASP B 522 -16.87 -14.42 29.95
N THR B 523 -18.03 -13.95 29.52
CA THR B 523 -19.32 -14.40 30.10
C THR B 523 -19.75 -15.78 29.60
N ILE B 524 -19.57 -16.05 28.31
CA ILE B 524 -20.05 -17.32 27.72
C ILE B 524 -19.35 -18.58 28.25
N LYS B 525 -18.06 -18.48 28.58
CA LYS B 525 -17.28 -19.64 29.06
C LYS B 525 -17.65 -20.11 30.48
N HIS B 526 -18.30 -19.25 31.28
CA HIS B 526 -18.78 -19.64 32.60
C HIS B 526 -20.01 -20.53 32.50
N GLU C 38 -31.74 17.19 49.95
CA GLU C 38 -31.99 18.52 50.59
C GLU C 38 -33.49 18.75 50.86
N GLU C 39 -33.80 19.82 51.57
CA GLU C 39 -35.18 20.13 51.99
C GLU C 39 -35.99 20.81 50.89
N ASP C 40 -35.58 22.01 50.50
CA ASP C 40 -36.38 22.92 49.67
C ASP C 40 -36.18 22.71 48.17
N LEU C 41 -34.95 22.85 47.70
CA LEU C 41 -34.63 22.82 46.26
C LEU C 41 -34.11 21.48 45.72
N ARG C 42 -34.30 20.39 46.47
CA ARG C 42 -33.94 19.04 46.03
C ARG C 42 -34.68 18.63 44.75
N ARG C 43 -35.96 18.99 44.67
CA ARG C 43 -36.79 18.71 43.50
C ARG C 43 -36.21 19.35 42.25
N ARG C 44 -35.89 20.64 42.33
CA ARG C 44 -35.28 21.37 41.21
C ARG C 44 -33.84 20.90 40.92
N LEU C 45 -33.09 20.61 41.98
CA LEU C 45 -31.75 19.99 41.87
C LEU C 45 -31.79 18.68 41.07
N LYS C 46 -32.65 17.76 41.49
CA LYS C 46 -32.80 16.45 40.83
C LYS C 46 -33.43 16.56 39.43
N TYR C 47 -34.48 17.38 39.30
CA TYR C 47 -35.20 17.58 38.04
C TYR C 47 -34.31 18.07 36.87
N PHE C 48 -33.27 18.82 37.20
CA PHE C 48 -32.31 19.31 36.19
C PHE C 48 -31.54 18.19 35.49
N PHE C 49 -31.05 17.22 36.26
CA PHE C 49 -30.21 16.14 35.74
C PHE C 49 -30.94 14.89 35.22
N MET C 50 -32.26 14.80 35.45
CA MET C 50 -33.05 13.66 34.96
C MET C 50 -33.15 13.65 33.43
N SER C 51 -33.36 12.45 32.88
CA SER C 51 -33.45 12.26 31.43
C SER C 51 -34.72 12.90 30.86
N PRO C 52 -34.72 13.29 29.56
CA PRO C 52 -35.86 14.00 28.96
C PRO C 52 -37.23 13.29 29.07
N CYS C 53 -37.23 11.97 29.02
CA CYS C 53 -38.47 11.18 29.12
C CYS C 53 -39.11 11.35 30.51
N ASP C 54 -38.32 11.06 31.55
CA ASP C 54 -38.78 11.20 32.94
C ASP C 54 -39.01 12.67 33.32
N LYS C 55 -38.18 13.56 32.78
CA LYS C 55 -38.37 15.02 32.96
C LYS C 55 -39.69 15.49 32.33
N PHE C 56 -40.02 14.98 31.14
CA PHE C 56 -41.28 15.30 30.47
C PHE C 56 -42.48 14.64 31.16
N ARG C 57 -42.31 13.40 31.62
CA ARG C 57 -43.36 12.70 32.39
C ARG C 57 -43.78 13.44 33.66
N ALA C 58 -42.82 14.02 34.37
CA ALA C 58 -43.08 14.70 35.65
C ALA C 58 -43.75 16.07 35.49
N LYS C 59 -42.98 17.07 35.03
CA LYS C 59 -43.42 18.47 34.98
C LYS C 59 -42.82 19.23 33.79
N GLY C 60 -43.24 20.48 33.60
CA GLY C 60 -42.68 21.37 32.58
C GLY C 60 -43.56 21.50 31.35
N ARG C 61 -42.93 21.52 30.17
CA ARG C 61 -43.62 21.71 28.89
C ARG C 61 -43.30 20.58 27.90
N LYS C 62 -43.94 20.62 26.73
CA LYS C 62 -43.68 19.66 25.64
C LYS C 62 -42.23 19.73 25.13
N PRO C 63 -41.70 18.63 24.58
CA PRO C 63 -40.29 18.59 24.17
C PRO C 63 -40.06 19.20 22.77
N CYS C 64 -40.21 20.52 22.68
CA CYS C 64 -39.95 21.27 21.44
C CYS C 64 -38.44 21.37 21.18
N LYS C 65 -37.67 21.49 22.26
CA LYS C 65 -36.21 21.45 22.20
C LYS C 65 -35.67 20.15 21.58
N LEU C 66 -36.33 19.03 21.86
CA LEU C 66 -35.88 17.71 21.39
C LEU C 66 -35.98 17.57 19.87
N MET C 67 -37.12 17.96 19.30
CA MET C 67 -37.38 17.83 17.86
C MET C 67 -36.46 18.72 17.03
N LEU C 68 -36.29 19.97 17.46
CA LEU C 68 -35.47 20.95 16.72
C LEU C 68 -34.00 20.54 16.59
N GLN C 69 -33.49 19.78 17.57
CA GLN C 69 -32.14 19.18 17.46
C GLN C 69 -32.07 18.11 16.37
N VAL C 70 -33.12 17.29 16.27
CA VAL C 70 -33.21 16.25 15.23
C VAL C 70 -33.39 16.90 13.86
N VAL C 71 -34.23 17.95 13.81
CA VAL C 71 -34.45 18.72 12.58
C VAL C 71 -33.15 19.41 12.17
N LYS C 72 -32.43 19.97 13.14
CA LYS C 72 -31.12 20.60 12.88
C LYS C 72 -30.16 19.66 12.15
N ILE C 73 -30.11 18.40 12.56
CA ILE C 73 -29.20 17.41 11.96
C ILE C 73 -29.49 17.24 10.47
N LEU C 74 -30.77 17.13 10.11
CA LEU C 74 -31.19 16.96 8.71
C LEU C 74 -31.07 18.27 7.92
N VAL C 75 -31.42 19.38 8.55
CA VAL C 75 -31.35 20.71 7.95
C VAL C 75 -29.91 21.10 7.63
N VAL C 76 -28.99 20.91 8.59
CA VAL C 76 -27.58 21.30 8.40
C VAL C 76 -26.81 20.39 7.45
N THR C 77 -27.15 19.10 7.43
CA THR C 77 -26.48 18.13 6.56
C THR C 77 -26.83 18.33 5.08
N VAL C 78 -28.09 18.66 4.79
CA VAL C 78 -28.52 18.96 3.41
C VAL C 78 -27.99 20.33 2.97
N GLN C 79 -27.94 21.27 3.91
CA GLN C 79 -27.24 22.55 3.71
C GLN C 79 -25.78 22.30 3.33
N LEU C 80 -25.12 21.48 4.14
CA LEU C 80 -23.72 21.08 3.94
C LEU C 80 -23.46 20.51 2.54
N ILE C 81 -24.34 19.60 2.12
CA ILE C 81 -24.24 18.96 0.82
C ILE C 81 -24.58 19.93 -0.33
N LEU C 82 -25.66 20.70 -0.17
CA LEU C 82 -26.06 21.74 -1.15
C LEU C 82 -24.97 22.81 -1.35
N PHE C 83 -24.27 23.15 -0.27
CA PHE C 83 -23.04 23.94 -0.36
C PHE C 83 -21.95 23.17 -1.11
N GLY C 84 -21.82 21.89 -0.78
CA GLY C 84 -20.84 20.98 -1.39
C GLY C 84 -20.90 20.84 -2.90
N LEU C 85 -22.10 20.91 -3.47
CA LEU C 85 -22.29 20.87 -4.93
C LEU C 85 -21.54 22.01 -5.63
N SER C 86 -21.79 23.23 -5.16
CA SER C 86 -21.08 24.42 -5.66
C SER C 86 -19.63 24.51 -5.17
N ASN C 87 -19.34 23.95 -4.00
CA ASN C 87 -17.98 23.94 -3.43
C ASN C 87 -16.97 23.24 -4.35
N GLN C 88 -17.23 21.97 -4.67
CA GLN C 88 -16.35 21.19 -5.56
C GLN C 88 -16.37 21.69 -7.02
N LEU C 89 -17.46 22.34 -7.41
CA LEU C 89 -17.57 22.98 -8.73
C LEU C 89 -16.51 24.09 -8.91
N ALA C 90 -16.27 24.83 -7.84
CA ALA C 90 -15.19 25.82 -7.80
C ALA C 90 -13.78 25.19 -7.83
N VAL C 91 -13.57 24.12 -7.04
CA VAL C 91 -12.25 23.47 -6.93
C VAL C 91 -11.88 22.72 -8.21
N THR C 92 -12.83 21.97 -8.75
CA THR C 92 -12.63 21.26 -10.03
C THR C 92 -12.28 22.22 -11.15
N PHE C 93 -12.99 23.35 -11.23
CA PHE C 93 -12.72 24.39 -12.22
C PHE C 93 -11.32 24.98 -12.09
N ARG C 94 -11.00 25.46 -10.89
CA ARG C 94 -9.63 25.92 -10.58
C ARG C 94 -8.55 24.88 -10.92
N GLU C 95 -8.74 23.64 -10.46
CA GLU C 95 -7.70 22.60 -10.63
C GLU C 95 -7.57 22.16 -12.08
N GLU C 96 -8.70 21.88 -12.74
CA GLU C 96 -8.68 21.41 -14.14
C GLU C 96 -8.10 22.46 -15.09
N ASN C 97 -8.38 23.73 -14.82
CA ASN C 97 -7.69 24.84 -15.50
C ASN C 97 -6.18 24.81 -15.28
N THR C 98 -5.74 24.56 -14.04
CA THR C 98 -4.31 24.37 -13.73
C THR C 98 -3.74 23.22 -14.55
N ILE C 99 -4.45 22.08 -14.56
CA ILE C 99 -4.04 20.90 -15.36
C ILE C 99 -3.94 21.28 -16.85
N ALA C 100 -4.92 22.06 -17.33
CA ALA C 100 -4.91 22.55 -18.71
C ALA C 100 -3.73 23.48 -19.00
N PHE C 101 -3.38 24.34 -18.04
CA PHE C 101 -2.23 25.23 -18.19
C PHE C 101 -0.90 24.48 -18.25
N ARG C 102 -0.79 23.38 -17.51
CA ARG C 102 0.42 22.54 -17.57
C ARG C 102 0.61 21.89 -18.93
N HIS C 103 -0.48 21.47 -19.56
CA HIS C 103 -0.43 20.86 -20.89
C HIS C 103 -0.33 21.84 -22.07
N LEU C 104 -0.47 23.14 -21.78
CA LEU C 104 -0.19 24.18 -22.76
C LEU C 104 1.21 24.74 -22.54
N PHE C 105 1.46 25.25 -21.33
CA PHE C 105 2.69 26.01 -21.03
C PHE C 105 3.84 25.23 -20.35
N LEU C 106 3.88 23.91 -20.54
CA LEU C 106 5.06 23.10 -20.20
C LEU C 106 5.33 22.12 -21.34
N LEU C 107 6.55 22.15 -21.87
CA LEU C 107 6.90 21.36 -23.05
C LEU C 107 7.32 19.95 -22.64
N GLY C 108 6.39 19.00 -22.82
CA GLY C 108 6.62 17.58 -22.52
C GLY C 108 6.00 17.04 -21.24
N TYR C 109 5.22 17.87 -20.54
CA TYR C 109 4.57 17.45 -19.30
C TYR C 109 3.34 16.61 -19.62
N SER C 110 3.30 15.39 -19.08
CA SER C 110 2.08 14.56 -19.08
C SER C 110 1.50 14.55 -17.68
N ASP C 111 0.26 14.04 -17.55
CA ASP C 111 -0.39 13.92 -16.24
C ASP C 111 0.31 12.79 -15.48
N GLY C 112 1.24 13.18 -14.63
CA GLY C 112 2.20 12.26 -14.02
C GLY C 112 3.54 12.95 -13.99
N ALA C 113 4.21 12.88 -12.84
CA ALA C 113 5.44 13.63 -12.56
C ALA C 113 5.21 15.15 -12.57
N ASP C 114 4.52 15.62 -11.53
CA ASP C 114 4.47 17.05 -11.20
C ASP C 114 5.85 17.44 -10.70
N ASP C 115 6.30 16.75 -9.65
CA ASP C 115 7.72 16.71 -9.28
C ASP C 115 8.40 15.69 -10.20
N THR C 116 9.72 15.81 -10.33
CA THR C 116 10.49 15.11 -11.37
C THR C 116 10.08 15.55 -12.79
N PHE C 117 9.78 16.84 -12.93
CA PHE C 117 9.65 17.48 -14.23
C PHE C 117 10.53 18.73 -14.26
N ALA C 118 11.69 18.57 -14.90
CA ALA C 118 12.76 19.56 -14.87
C ALA C 118 13.49 19.62 -16.20
N ALA C 119 14.19 20.73 -16.41
CA ALA C 119 15.13 20.85 -17.51
C ALA C 119 16.50 20.34 -17.07
N TYR C 120 17.18 19.62 -17.98
CA TYR C 120 18.57 19.19 -17.78
C TYR C 120 19.57 19.78 -18.78
N THR C 121 19.07 20.40 -19.85
CA THR C 121 19.89 20.94 -20.94
C THR C 121 19.50 22.38 -21.26
N ARG C 122 20.49 23.17 -21.66
CA ARG C 122 20.35 24.61 -21.95
C ARG C 122 19.28 24.92 -23.00
N GLU C 123 19.44 24.36 -24.20
CA GLU C 123 18.49 24.52 -25.30
C GLU C 123 17.11 23.94 -24.96
N GLN C 124 17.12 22.89 -24.14
CA GLN C 124 15.89 22.24 -23.68
C GLN C 124 15.08 23.14 -22.72
N LEU C 125 15.81 23.76 -21.78
CA LEU C 125 15.25 24.82 -20.91
C LEU C 125 14.78 26.05 -21.73
N TYR C 126 15.62 26.48 -22.67
CA TYR C 126 15.21 27.53 -23.63
C TYR C 126 13.90 27.17 -24.31
N GLN C 127 13.82 25.96 -24.86
CA GLN C 127 12.58 25.45 -25.47
C GLN C 127 11.42 25.42 -24.49
N ALA C 128 11.67 25.01 -23.24
CA ALA C 128 10.64 25.07 -22.20
C ALA C 128 10.12 26.51 -22.00
N ILE C 129 11.05 27.46 -21.89
CA ILE C 129 10.70 28.88 -21.68
C ILE C 129 9.95 29.47 -22.90
N PHE C 130 10.50 29.23 -24.08
CA PHE C 130 9.87 29.67 -25.35
C PHE C 130 8.52 29.00 -25.60
N HIS C 131 8.34 27.76 -25.15
CA HIS C 131 7.06 27.06 -25.38
C HIS C 131 5.92 27.73 -24.63
N ALA C 132 6.18 28.07 -23.37
CA ALA C 132 5.24 28.86 -22.56
C ALA C 132 4.83 30.18 -23.23
N VAL C 133 5.84 30.92 -23.72
CA VAL C 133 5.60 32.20 -24.39
C VAL C 133 4.87 32.02 -25.73
N ASP C 134 5.28 31.02 -26.51
CA ASP C 134 4.63 30.64 -27.78
C ASP C 134 3.16 30.34 -27.53
N GLN C 135 2.91 29.47 -26.56
CA GLN C 135 1.54 29.06 -26.23
C GLN C 135 0.73 30.18 -25.57
N TYR C 136 1.40 31.11 -24.90
CA TYR C 136 0.76 32.34 -24.43
C TYR C 136 0.37 33.24 -25.61
N LEU C 137 1.28 33.43 -26.56
CA LEU C 137 1.00 34.20 -27.78
C LEU C 137 -0.10 33.59 -28.66
N ALA C 138 -0.10 32.26 -28.80
CA ALA C 138 -1.10 31.53 -29.60
C ALA C 138 -2.11 30.78 -28.73
N LEU C 139 -2.62 31.45 -27.69
CA LEU C 139 -3.53 30.82 -26.72
C LEU C 139 -4.97 30.61 -27.25
N PRO C 140 -5.66 31.69 -27.70
CA PRO C 140 -7.03 31.50 -28.18
C PRO C 140 -7.16 30.66 -29.47
N ASP C 141 -6.06 30.54 -30.23
CA ASP C 141 -6.00 29.62 -31.36
C ASP C 141 -6.06 28.17 -30.86
N VAL C 142 -5.10 27.81 -30.00
CA VAL C 142 -4.93 26.41 -29.59
C VAL C 142 -5.90 25.93 -28.52
N SER C 143 -6.20 26.76 -27.53
CA SER C 143 -6.95 26.31 -26.34
C SER C 143 -8.39 25.85 -26.61
N LEU C 144 -8.91 25.01 -25.71
CA LEU C 144 -10.27 24.49 -25.77
C LEU C 144 -11.25 25.39 -25.01
N GLY C 145 -10.80 25.98 -23.90
CA GLY C 145 -11.62 26.87 -23.10
C GLY C 145 -11.77 28.28 -23.69
N ARG C 146 -11.50 29.28 -22.86
CA ARG C 146 -11.70 30.67 -23.24
C ARG C 146 -10.98 31.52 -22.21
N TYR C 147 -9.81 32.01 -22.59
CA TYR C 147 -8.93 32.77 -21.69
C TYR C 147 -8.65 34.15 -22.24
N ALA C 148 -9.18 35.18 -21.57
CA ALA C 148 -8.90 36.56 -21.94
C ALA C 148 -7.65 37.00 -21.21
N TYR C 149 -6.86 37.84 -21.87
CA TYR C 149 -5.62 38.37 -21.29
C TYR C 149 -5.89 39.52 -20.31
N VAL C 150 -4.81 40.05 -19.73
CA VAL C 150 -4.86 41.22 -18.85
C VAL C 150 -3.75 42.23 -19.20
N ARG C 151 -4.05 43.51 -19.02
CA ARG C 151 -3.06 44.57 -19.15
C ARG C 151 -2.40 44.84 -17.80
N GLY C 152 -1.13 45.22 -17.84
CA GLY C 152 -0.29 45.28 -16.63
C GLY C 152 -0.61 46.36 -15.62
N GLY C 153 -1.37 45.99 -14.60
CA GLY C 153 -1.65 46.86 -13.45
C GLY C 153 -0.66 46.68 -12.31
N GLY C 154 -0.27 45.42 -12.05
CA GLY C 154 0.60 45.09 -10.93
C GLY C 154 2.07 45.47 -11.08
N ASP C 155 2.89 44.90 -10.19
CA ASP C 155 4.32 45.27 -10.06
C ASP C 155 5.29 44.50 -10.99
N PRO C 156 5.06 43.18 -11.22
CA PRO C 156 5.86 42.50 -12.25
C PRO C 156 5.60 42.95 -13.70
N TRP C 157 4.53 43.72 -13.95
CA TRP C 157 4.16 44.18 -15.28
C TRP C 157 4.27 45.70 -15.44
N THR C 158 4.68 46.14 -16.63
CA THR C 158 4.65 47.55 -17.00
C THR C 158 3.26 47.91 -17.54
N ASN C 159 3.01 49.20 -17.72
CA ASN C 159 1.70 49.70 -18.16
C ASN C 159 1.44 49.29 -19.63
N GLY C 160 0.89 48.09 -19.80
CA GLY C 160 0.60 47.52 -21.12
C GLY C 160 0.88 46.03 -21.26
N SER C 161 1.84 45.52 -20.50
CA SER C 161 2.31 44.13 -20.65
C SER C 161 1.35 43.09 -20.04
N GLY C 162 1.47 41.85 -20.53
CA GLY C 162 0.62 40.73 -20.11
C GLY C 162 1.41 39.55 -19.61
N LEU C 163 2.27 39.00 -20.47
CA LEU C 163 3.27 38.00 -20.09
C LEU C 163 4.57 38.72 -19.75
N ALA C 164 5.24 38.23 -18.72
CA ALA C 164 6.46 38.89 -18.21
C ALA C 164 7.42 37.90 -17.57
N LEU C 165 8.31 37.32 -18.37
CA LEU C 165 9.30 36.38 -17.88
C LEU C 165 10.44 37.15 -17.24
N CYS C 166 10.79 36.77 -16.01
CA CYS C 166 11.74 37.50 -15.18
C CYS C 166 12.89 36.64 -14.66
N GLN C 167 14.11 36.91 -15.14
CA GLN C 167 15.29 36.21 -14.66
C GLN C 167 15.71 36.78 -13.30
N ARG C 168 15.59 35.96 -12.25
CA ARG C 168 16.28 36.23 -10.98
C ARG C 168 17.70 35.70 -11.16
N TYR C 169 18.68 36.59 -11.22
CA TYR C 169 20.10 36.20 -11.35
C TYR C 169 20.99 37.08 -10.48
N TYR C 170 22.17 36.58 -10.14
CA TYR C 170 23.09 37.27 -9.23
C TYR C 170 23.65 38.55 -9.84
N HIS C 171 23.79 39.59 -9.00
CA HIS C 171 24.38 40.86 -9.43
C HIS C 171 25.87 40.71 -9.70
N ARG C 172 26.59 40.18 -8.71
CA ARG C 172 28.01 39.85 -8.84
C ARG C 172 28.16 38.33 -8.97
N GLY C 173 29.04 37.90 -9.88
CA GLY C 173 29.30 36.47 -10.05
C GLY C 173 30.39 36.17 -11.07
N HIS C 174 31.34 35.30 -10.72
CA HIS C 174 32.38 34.86 -11.64
C HIS C 174 32.87 33.44 -11.29
N VAL C 175 31.91 32.52 -11.12
CA VAL C 175 32.21 31.14 -10.71
C VAL C 175 33.00 30.35 -11.76
N ASP C 176 34.04 29.65 -11.29
CA ASP C 176 34.91 28.82 -12.14
C ASP C 176 35.69 27.84 -11.25
N PRO C 177 35.14 26.63 -11.00
CA PRO C 177 35.68 25.69 -9.99
C PRO C 177 37.21 25.48 -9.99
N ALA C 178 37.82 25.49 -11.18
CA ALA C 178 39.27 25.35 -11.30
C ALA C 178 40.05 26.55 -10.74
N ASN C 179 39.88 27.72 -11.37
CA ASN C 179 40.70 28.90 -11.07
C ASN C 179 40.10 29.76 -9.94
N ASP C 180 40.91 30.68 -9.41
CA ASP C 180 40.56 31.47 -8.22
C ASP C 180 39.71 32.70 -8.54
N THR C 181 39.13 33.28 -7.47
CA THR C 181 38.37 34.54 -7.51
C THR C 181 37.04 34.46 -8.28
N PHE C 182 35.93 34.32 -7.55
CA PHE C 182 34.58 34.32 -8.15
C PHE C 182 33.72 35.52 -7.72
N ASP C 183 33.82 35.92 -6.45
CA ASP C 183 33.25 37.18 -5.96
C ASP C 183 31.73 37.26 -6.15
N ILE C 184 31.00 36.56 -5.29
CA ILE C 184 29.53 36.50 -5.35
C ILE C 184 28.93 37.16 -4.11
N ASP C 185 27.88 37.96 -4.32
CA ASP C 185 27.03 38.42 -3.22
C ASP C 185 25.55 38.24 -3.62
N PRO C 186 24.70 37.80 -2.67
CA PRO C 186 23.30 37.56 -2.99
C PRO C 186 22.49 38.86 -3.15
N MET C 187 22.59 39.45 -4.34
CA MET C 187 21.73 40.55 -4.76
C MET C 187 21.09 40.14 -6.08
N VAL C 188 19.81 39.77 -6.02
CA VAL C 188 19.08 39.29 -7.19
C VAL C 188 18.63 40.44 -8.10
N VAL C 189 19.20 40.49 -9.30
CA VAL C 189 18.81 41.45 -10.33
C VAL C 189 17.65 40.83 -11.11
N THR C 190 16.58 41.61 -11.30
CA THR C 190 15.34 41.10 -11.92
C THR C 190 15.20 41.61 -13.36
N ASP C 191 15.79 40.87 -14.29
CA ASP C 191 15.64 41.13 -15.73
C ASP C 191 14.29 40.58 -16.19
N CYS C 192 13.29 41.46 -16.23
CA CYS C 192 11.93 41.13 -16.69
C CYS C 192 11.74 41.56 -18.14
N ILE C 193 11.31 40.63 -18.99
CA ILE C 193 11.04 40.90 -20.41
C ILE C 193 9.53 40.89 -20.62
N GLN C 194 8.97 42.07 -20.88
CA GLN C 194 7.52 42.25 -21.02
C GLN C 194 7.03 41.95 -22.44
N VAL C 195 5.87 41.29 -22.55
CA VAL C 195 5.24 41.04 -23.85
C VAL C 195 3.74 40.75 -23.71
N ASP C 196 2.92 41.46 -24.49
CA ASP C 196 1.47 41.26 -24.50
C ASP C 196 1.02 40.86 -25.90
N PRO C 197 -0.08 40.08 -26.01
CA PRO C 197 -0.44 39.47 -27.28
C PRO C 197 -1.31 40.37 -28.17
N PRO C 198 -1.39 40.07 -29.48
CA PRO C 198 -2.26 40.82 -30.38
C PRO C 198 -3.66 40.23 -30.41
N GLU C 199 -4.68 41.11 -30.43
CA GLU C 199 -6.08 40.69 -30.53
C GLU C 199 -6.43 40.32 -31.97
N ARG C 200 -7.64 39.78 -32.18
CA ARG C 200 -8.06 39.32 -33.51
C ARG C 200 -8.21 40.41 -34.60
N PRO C 201 -8.47 41.68 -34.21
CA PRO C 201 -8.35 42.78 -35.16
C PRO C 201 -7.05 43.59 -34.92
N PRO C 202 -6.02 43.41 -35.78
CA PRO C 202 -4.76 44.13 -35.58
C PRO C 202 -4.85 45.60 -36.00
N PRO C 203 -4.49 46.55 -35.10
CA PRO C 203 -4.48 47.97 -35.50
C PRO C 203 -3.36 48.31 -36.50
N PRO C 204 -3.67 49.07 -37.57
CA PRO C 204 -2.61 49.57 -38.47
C PRO C 204 -1.58 50.52 -37.84
N PRO C 205 -2.00 51.40 -36.89
CA PRO C 205 -1.00 52.22 -36.19
C PRO C 205 -0.11 51.42 -35.25
N SER C 216 10.02 38.34 -31.19
CA SER C 216 10.18 39.75 -30.89
C SER C 216 10.69 39.92 -29.45
N SER C 217 11.89 40.47 -29.30
CA SER C 217 12.50 40.80 -28.00
C SER C 217 12.90 39.57 -27.17
N TYR C 218 11.92 38.76 -26.76
CA TYR C 218 12.19 37.54 -25.96
C TYR C 218 12.94 36.43 -26.72
N LYS C 219 13.00 36.50 -28.06
CA LYS C 219 13.84 35.59 -28.85
C LYS C 219 15.34 35.87 -28.65
N ASN C 220 15.69 37.10 -28.24
CA ASN C 220 17.08 37.46 -27.91
C ASN C 220 17.48 37.07 -26.48
N LEU C 221 16.59 36.39 -25.74
CA LEU C 221 16.81 36.11 -24.31
C LEU C 221 18.05 35.25 -24.02
N THR C 222 18.82 35.67 -23.02
CA THR C 222 19.99 34.91 -22.54
C THR C 222 20.01 34.92 -21.00
N LEU C 223 20.23 33.75 -20.40
CA LEU C 223 19.96 33.53 -18.98
C LEU C 223 21.16 33.78 -18.05
N LYS C 224 22.37 33.48 -18.53
CA LYS C 224 23.61 33.52 -17.71
C LYS C 224 23.50 32.47 -16.59
N PHE C 225 23.59 31.22 -17.00
CA PHE C 225 23.12 30.07 -16.22
C PHE C 225 23.96 29.84 -14.96
N HIS C 226 25.25 30.16 -15.04
CA HIS C 226 26.13 30.18 -13.87
C HIS C 226 25.69 31.17 -12.77
N LYS C 227 25.07 32.29 -13.17
CA LYS C 227 24.56 33.29 -12.23
C LYS C 227 23.05 33.18 -11.94
N LEU C 228 22.39 32.16 -12.51
CA LEU C 228 20.94 32.09 -12.53
C LEU C 228 20.40 31.55 -11.21
N VAL C 229 19.50 32.31 -10.59
CA VAL C 229 18.76 31.87 -9.40
C VAL C 229 17.48 31.20 -9.86
N ASN C 230 16.74 31.83 -10.79
CA ASN C 230 15.58 31.21 -11.45
C ASN C 230 15.05 32.05 -12.61
N VAL C 231 14.07 31.51 -13.32
CA VAL C 231 13.26 32.24 -14.31
C VAL C 231 11.79 32.06 -13.92
N THR C 232 11.06 33.16 -13.90
CA THR C 232 9.65 33.16 -13.48
C THR C 232 8.79 33.84 -14.54
N ILE C 233 7.91 33.03 -15.15
CA ILE C 233 6.95 33.48 -16.13
C ILE C 233 5.65 33.73 -15.38
N HIS C 234 5.27 35.00 -15.29
CA HIS C 234 4.00 35.40 -14.70
C HIS C 234 3.06 35.85 -15.81
N PHE C 235 1.82 35.36 -15.77
CA PHE C 235 0.74 35.92 -16.59
C PHE C 235 -0.60 35.51 -15.98
N ARG C 236 -1.58 36.41 -16.07
CA ARG C 236 -2.92 36.12 -15.57
C ARG C 236 -3.88 35.92 -16.73
N LEU C 237 -4.87 35.05 -16.52
CA LEU C 237 -5.90 34.77 -17.52
C LEU C 237 -7.28 34.89 -16.90
N LYS C 238 -8.11 35.77 -17.48
CA LYS C 238 -9.49 35.93 -17.07
C LYS C 238 -10.33 34.88 -17.79
N THR C 239 -11.27 34.28 -17.08
CA THR C 239 -12.24 33.35 -17.68
C THR C 239 -13.63 33.51 -17.07
N ILE C 240 -14.63 32.98 -17.76
CA ILE C 240 -16.02 32.97 -17.32
C ILE C 240 -16.36 31.51 -17.04
N ASN C 241 -16.51 31.17 -15.75
CA ASN C 241 -16.81 29.80 -15.34
C ASN C 241 -18.26 29.40 -15.69
N LEU C 242 -18.42 28.71 -16.81
CA LEU C 242 -19.73 28.24 -17.28
C LEU C 242 -20.16 26.89 -16.70
N GLN C 243 -19.36 26.34 -15.78
CA GLN C 243 -19.72 25.11 -15.08
C GLN C 243 -20.86 25.36 -14.11
N SER C 244 -20.92 26.57 -13.56
CA SER C 244 -21.98 26.97 -12.63
C SER C 244 -23.32 27.29 -13.33
N LEU C 245 -23.91 26.26 -13.96
CA LEU C 245 -25.28 26.29 -14.42
C LEU C 245 -26.00 24.98 -14.04
N ILE C 246 -25.57 24.38 -12.91
CA ILE C 246 -26.27 23.27 -12.26
C ILE C 246 -27.11 23.84 -11.14
N ASN C 247 -26.48 24.66 -10.29
CA ASN C 247 -27.19 25.51 -9.32
C ASN C 247 -27.69 26.84 -9.93
N ASN C 248 -27.27 27.16 -11.16
CA ASN C 248 -27.72 28.36 -11.88
C ASN C 248 -27.26 29.65 -11.20
N GLU C 249 -25.94 29.79 -11.09
CA GLU C 249 -25.30 31.07 -10.78
C GLU C 249 -24.17 31.29 -11.79
N ILE C 250 -24.53 31.87 -12.94
CA ILE C 250 -23.61 32.06 -14.06
C ILE C 250 -22.46 33.01 -13.72
N PRO C 251 -22.74 34.11 -12.99
CA PRO C 251 -21.67 35.06 -12.64
C PRO C 251 -20.55 34.48 -11.75
N ASP C 252 -19.62 33.79 -12.39
CA ASP C 252 -18.38 33.32 -11.77
C ASP C 252 -17.24 33.64 -12.74
N CYS C 253 -16.83 34.91 -12.75
CA CYS C 253 -15.81 35.42 -13.67
C CYS C 253 -14.43 35.38 -13.00
N TYR C 254 -13.72 34.27 -13.22
CA TYR C 254 -12.42 34.02 -12.59
C TYR C 254 -11.27 34.77 -13.27
N THR C 255 -10.18 34.94 -12.52
CA THR C 255 -8.91 35.43 -13.06
C THR C 255 -7.75 34.63 -12.44
N PHE C 256 -7.24 33.65 -13.19
CA PHE C 256 -6.12 32.83 -12.74
C PHE C 256 -4.82 33.59 -12.89
N SER C 257 -3.89 33.32 -11.96
CA SER C 257 -2.55 33.94 -11.97
C SER C 257 -1.46 32.87 -12.12
N VAL C 258 -1.13 32.55 -13.37
CA VAL C 258 -0.18 31.49 -13.69
C VAL C 258 1.24 31.93 -13.35
N LEU C 259 1.92 31.15 -12.50
CA LEU C 259 3.34 31.33 -12.20
C LEU C 259 4.14 30.11 -12.64
N ILE C 260 4.72 30.17 -13.83
CA ILE C 260 5.61 29.11 -14.32
C ILE C 260 7.01 29.41 -13.79
N THR C 261 7.49 28.55 -12.90
CA THR C 261 8.77 28.77 -12.21
C THR C 261 9.80 27.74 -12.62
N PHE C 262 10.89 28.22 -13.22
CA PHE C 262 12.09 27.43 -13.45
C PHE C 262 13.02 27.62 -12.25
N ASP C 263 12.74 26.86 -11.19
CA ASP C 263 13.41 27.04 -9.91
C ASP C 263 14.81 26.42 -9.95
N ASN C 264 15.84 27.27 -9.83
CA ASN C 264 17.23 26.85 -9.77
C ASN C 264 17.92 27.39 -8.50
N LYS C 265 17.31 27.15 -7.35
CA LYS C 265 17.92 27.49 -6.05
C LYS C 265 19.01 26.49 -5.66
N ALA C 266 19.01 25.31 -6.29
CA ALA C 266 20.00 24.26 -6.02
C ALA C 266 21.34 24.42 -6.76
N HIS C 267 21.28 24.90 -8.01
CA HIS C 267 22.45 24.94 -8.92
C HIS C 267 23.00 23.53 -9.18
N SER C 268 22.09 22.57 -9.26
CA SER C 268 22.43 21.15 -9.30
C SER C 268 22.35 20.57 -10.72
N GLY C 269 22.36 21.42 -11.74
CA GLY C 269 22.16 20.99 -13.13
C GLY C 269 20.78 20.43 -13.42
N ARG C 270 19.79 20.81 -12.62
CA ARG C 270 18.42 20.33 -12.75
C ARG C 270 17.49 21.40 -12.20
N ILE C 271 16.67 21.98 -13.08
CA ILE C 271 15.85 23.14 -12.76
C ILE C 271 14.38 22.71 -12.81
N PRO C 272 13.80 22.31 -11.64
CA PRO C 272 12.38 21.89 -11.60
C PRO C 272 11.42 22.93 -12.18
N ILE C 273 10.64 22.51 -13.19
CA ILE C 273 9.70 23.37 -13.87
C ILE C 273 8.33 23.08 -13.26
N SER C 274 7.66 24.12 -12.75
CA SER C 274 6.33 23.97 -12.16
C SER C 274 5.42 25.15 -12.47
N LEU C 275 4.11 24.91 -12.35
CA LEU C 275 3.08 25.88 -12.72
C LEU C 275 2.00 25.97 -11.63
N GLU C 276 1.93 27.12 -10.96
CA GLU C 276 0.98 27.37 -9.86
C GLU C 276 -0.02 28.45 -10.27
N THR C 277 -1.25 28.33 -9.77
CA THR C 277 -2.35 29.25 -10.10
C THR C 277 -3.07 29.74 -8.85
N GLN C 278 -3.27 31.05 -8.78
CA GLN C 278 -4.15 31.68 -7.80
C GLN C 278 -5.37 32.20 -8.54
N ALA C 279 -6.55 31.79 -8.09
CA ALA C 279 -7.82 32.28 -8.61
C ALA C 279 -8.17 33.65 -8.03
N HIS C 280 -9.18 34.28 -8.63
CA HIS C 280 -9.66 35.60 -8.22
C HIS C 280 -11.03 35.82 -8.85
N ILE C 281 -12.08 35.86 -8.03
CA ILE C 281 -13.46 35.69 -8.50
C ILE C 281 -14.38 36.86 -8.13
N GLN C 282 -15.10 37.39 -9.13
CA GLN C 282 -16.26 38.27 -8.91
C GLN C 282 -17.15 38.28 -10.16
N GLU C 283 -18.29 38.97 -10.08
CA GLU C 283 -19.28 38.99 -11.18
C GLU C 283 -18.86 39.90 -12.33
N CYS C 284 -19.54 39.75 -13.48
CA CYS C 284 -19.24 40.56 -14.67
C CYS C 284 -20.45 40.81 -15.58
N LYS C 285 -21.49 41.41 -15.00
CA LYS C 285 -22.66 41.96 -15.71
C LYS C 285 -23.47 40.95 -16.53
N HIS C 286 -24.34 40.22 -15.84
CA HIS C 286 -25.42 39.44 -16.47
C HIS C 286 -26.50 39.09 -15.44
N PRO C 287 -27.50 39.98 -15.26
CA PRO C 287 -28.66 39.70 -14.41
C PRO C 287 -29.86 39.16 -15.21
N SER C 288 -30.51 38.12 -14.67
CA SER C 288 -31.77 37.57 -15.20
C SER C 288 -31.67 36.86 -16.57
N VAL C 289 -31.70 35.53 -16.54
CA VAL C 289 -31.91 34.71 -17.76
C VAL C 289 -32.69 33.40 -17.48
N PHE C 290 -32.31 32.69 -16.41
CA PHE C 290 -33.08 31.54 -15.90
C PHE C 290 -32.67 31.29 -14.44
N GLN C 291 -32.99 32.28 -13.60
CA GLN C 291 -32.45 32.40 -12.23
C GLN C 291 -33.51 32.67 -11.14
N HIS C 292 -34.80 32.55 -11.47
CA HIS C 292 -35.88 33.04 -10.59
C HIS C 292 -36.05 32.25 -9.29
N GLY C 293 -36.15 30.92 -9.42
CA GLY C 293 -36.44 30.05 -8.27
C GLY C 293 -35.28 29.86 -7.32
N ASP C 294 -34.15 29.41 -7.86
CA ASP C 294 -32.97 29.05 -7.07
C ASP C 294 -32.45 30.19 -6.17
N ASN C 295 -32.58 31.43 -6.65
CA ASN C 295 -32.25 32.61 -5.84
C ASN C 295 -33.14 32.73 -4.60
N SER C 296 -34.43 32.35 -4.74
CA SER C 296 -35.37 32.34 -3.60
C SER C 296 -35.24 31.09 -2.72
N PHE C 297 -35.07 29.91 -3.33
CA PHE C 297 -35.04 28.64 -2.58
C PHE C 297 -33.82 28.50 -1.66
N ARG C 298 -32.63 28.73 -2.21
CA ARG C 298 -31.38 28.63 -1.44
C ARG C 298 -31.29 29.70 -0.36
N LEU C 299 -31.82 30.89 -0.66
CA LEU C 299 -32.01 31.96 0.33
C LEU C 299 -32.98 31.53 1.43
N LEU C 300 -34.11 30.94 1.04
CA LEU C 300 -35.12 30.44 2.00
C LEU C 300 -34.64 29.24 2.83
N PHE C 301 -33.68 28.46 2.30
CA PHE C 301 -33.15 27.30 3.02
C PHE C 301 -32.22 27.70 4.16
N ASP C 302 -31.21 28.52 3.86
CA ASP C 302 -30.22 28.94 4.86
C ASP C 302 -30.78 29.83 5.99
N VAL C 303 -31.79 30.64 5.69
CA VAL C 303 -32.51 31.40 6.75
C VAL C 303 -33.25 30.48 7.71
N VAL C 304 -33.76 29.35 7.20
CA VAL C 304 -34.38 28.32 8.04
C VAL C 304 -33.31 27.62 8.90
N VAL C 305 -32.12 27.41 8.33
CA VAL C 305 -30.97 26.87 9.08
C VAL C 305 -30.60 27.84 10.20
N ILE C 306 -30.50 29.12 9.84
CA ILE C 306 -30.26 30.20 10.83
C ILE C 306 -31.35 30.23 11.90
N LEU C 307 -32.62 30.08 11.49
CA LEU C 307 -33.75 30.02 12.44
C LEU C 307 -33.63 28.83 13.38
N THR C 308 -33.38 27.64 12.82
CA THR C 308 -33.26 26.41 13.61
C THR C 308 -32.06 26.46 14.56
N CYS C 309 -30.94 26.97 14.07
CA CYS C 309 -29.74 27.14 14.90
C CYS C 309 -29.91 28.20 15.99
N SER C 310 -30.52 29.33 15.63
CA SER C 310 -30.78 30.40 16.61
C SER C 310 -31.81 29.99 17.67
N LEU C 311 -32.86 29.28 17.24
CA LEU C 311 -33.90 28.77 18.16
C LEU C 311 -33.30 27.76 19.15
N SER C 312 -32.46 26.85 18.65
CA SER C 312 -31.72 25.91 19.50
C SER C 312 -30.71 26.61 20.41
N PHE C 313 -30.04 27.63 19.87
CA PHE C 313 -29.10 28.46 20.63
C PHE C 313 -29.79 29.24 21.76
N LEU C 314 -31.01 29.73 21.50
CA LEU C 314 -31.82 30.40 22.53
C LEU C 314 -32.23 29.40 23.63
N LEU C 315 -32.76 28.25 23.21
CA LEU C 315 -33.15 27.18 24.13
C LEU C 315 -31.95 26.63 24.94
N CYS C 316 -30.76 26.65 24.33
CA CYS C 316 -29.54 26.34 25.07
C CYS C 316 -29.16 27.47 26.02
N ALA C 317 -29.31 28.71 25.57
CA ALA C 317 -29.11 29.89 26.44
C ALA C 317 -30.01 29.82 27.67
N ARG C 318 -31.24 29.36 27.50
CA ARG C 318 -32.14 29.07 28.64
C ARG C 318 -31.61 27.94 29.53
N SER C 319 -30.99 26.92 28.93
CA SER C 319 -30.39 25.81 29.69
C SER C 319 -29.15 26.24 30.50
N LEU C 320 -28.33 27.12 29.91
CA LEU C 320 -27.21 27.74 30.63
C LEU C 320 -27.68 28.75 31.67
N LEU C 321 -28.76 29.48 31.36
CA LEU C 321 -29.41 30.38 32.34
C LEU C 321 -29.76 29.67 33.66
N ARG C 322 -30.22 28.42 33.56
CA ARG C 322 -30.43 27.58 34.73
C ARG C 322 -29.12 27.24 35.45
N GLY C 323 -28.04 27.07 34.68
CA GLY C 323 -26.70 26.80 35.21
C GLY C 323 -26.22 27.80 36.25
N PHE C 324 -26.40 29.09 35.96
CA PHE C 324 -25.99 30.16 36.89
C PHE C 324 -26.72 30.22 38.22
N LEU C 325 -28.00 29.82 38.26
CA LEU C 325 -28.78 29.82 39.49
C LEU C 325 -28.22 28.83 40.51
N LEU C 326 -27.93 27.60 40.06
CA LEU C 326 -27.37 26.57 40.96
C LEU C 326 -26.09 27.06 41.63
N GLN C 327 -25.20 27.66 40.84
CA GLN C 327 -23.98 28.30 41.38
C GLN C 327 -24.31 29.32 42.48
N ASN C 328 -25.43 30.04 42.32
CA ASN C 328 -25.90 30.99 43.32
C ASN C 328 -26.50 30.31 44.58
N GLU C 329 -26.78 29.01 44.51
CA GLU C 329 -27.18 28.24 45.71
C GLU C 329 -25.96 27.85 46.57
N PHE C 330 -24.79 27.71 45.94
CA PHE C 330 -23.55 27.33 46.62
C PHE C 330 -23.69 26.05 47.44
N VAL C 331 -24.00 24.94 46.77
CA VAL C 331 -24.32 23.65 47.38
C VAL C 331 -25.12 23.82 48.71
N GLY C 332 -26.24 24.53 48.58
CA GLY C 332 -27.12 24.85 49.71
C GLY C 332 -26.40 25.38 50.94
N PHE C 333 -25.42 26.26 50.71
CA PHE C 333 -24.49 26.72 51.75
C PHE C 333 -24.09 25.57 52.67
N MET C 334 -23.53 24.51 52.07
CA MET C 334 -23.12 23.30 52.77
C MET C 334 -24.27 22.68 53.58
N TRP C 335 -25.46 22.66 52.99
CA TRP C 335 -26.70 22.20 53.65
C TRP C 335 -27.04 23.03 54.92
N ARG C 336 -26.53 24.26 55.00
CA ARG C 336 -26.59 25.08 56.22
C ARG C 336 -25.99 24.39 57.47
N GLN C 337 -25.07 23.45 57.26
CA GLN C 337 -24.43 22.70 58.36
C GLN C 337 -22.89 22.76 58.35
N ARG C 338 -22.30 23.43 57.34
CA ARG C 338 -20.85 23.46 57.13
C ARG C 338 -20.20 22.08 56.96
N GLY C 339 -20.97 21.09 56.51
CA GLY C 339 -20.55 19.70 56.47
C GLY C 339 -19.63 19.40 55.32
N ARG C 340 -18.86 18.31 55.43
CA ARG C 340 -18.01 17.73 54.38
C ARG C 340 -16.76 18.51 53.89
N VAL C 341 -16.67 19.81 54.17
CA VAL C 341 -15.55 20.65 53.73
C VAL C 341 -15.38 20.56 52.21
N ILE C 342 -16.33 21.12 51.48
CA ILE C 342 -16.32 21.10 50.00
C ILE C 342 -15.32 22.13 49.47
N SER C 343 -14.55 21.73 48.46
CA SER C 343 -13.40 22.52 47.97
C SER C 343 -13.70 23.45 46.78
N LEU C 344 -14.87 23.30 46.17
CA LEU C 344 -15.32 24.15 45.05
C LEU C 344 -14.46 24.04 43.77
N TRP C 345 -13.96 22.83 43.51
CA TRP C 345 -13.31 22.48 42.22
C TRP C 345 -14.27 21.66 41.35
N GLU C 346 -14.87 20.64 41.95
CA GLU C 346 -15.99 19.88 41.34
C GLU C 346 -17.16 20.77 40.88
N ARG C 347 -17.33 21.93 41.53
CA ARG C 347 -18.28 22.96 41.07
C ARG C 347 -17.99 23.46 39.65
N LEU C 348 -16.72 23.44 39.23
CA LEU C 348 -16.36 23.81 37.85
C LEU C 348 -16.77 22.70 36.87
N GLU C 349 -16.54 21.44 37.25
CA GLU C 349 -16.94 20.28 36.42
C GLU C 349 -18.46 20.00 36.46
N PHE C 350 -19.16 20.55 37.46
CA PHE C 350 -20.62 20.41 37.61
C PHE C 350 -21.46 20.60 36.33
N VAL C 351 -21.22 21.69 35.63
CA VAL C 351 -22.07 22.08 34.46
C VAL C 351 -21.81 21.20 33.25
N ASN C 352 -22.87 20.75 32.60
CA ASN C 352 -22.78 19.83 31.43
C ASN C 352 -22.22 20.49 30.17
N GLY C 353 -21.17 19.88 29.63
CA GLY C 353 -20.44 20.37 28.47
C GLY C 353 -21.11 20.17 27.13
N TRP C 354 -22.01 19.19 27.01
CA TRP C 354 -22.68 18.90 25.73
C TRP C 354 -23.41 20.11 25.17
N TYR C 355 -23.98 20.93 26.06
CA TYR C 355 -24.54 22.22 25.68
C TYR C 355 -23.48 23.18 25.16
N ILE C 356 -22.33 23.23 25.83
CA ILE C 356 -21.19 24.07 25.39
C ILE C 356 -20.69 23.63 24.00
N LEU C 357 -20.62 22.31 23.77
CA LEU C 357 -20.29 21.77 22.45
C LEU C 357 -21.38 22.10 21.41
N LEU C 358 -22.65 21.96 21.82
CA LEU C 358 -23.80 22.29 20.98
C LEU C 358 -23.76 23.76 20.53
N VAL C 359 -23.47 24.66 21.47
CA VAL C 359 -23.32 26.10 21.16
C VAL C 359 -22.13 26.36 20.24
N THR C 360 -21.00 25.72 20.51
CA THR C 360 -19.82 25.81 19.64
C THR C 360 -20.18 25.39 18.22
N SER C 361 -20.85 24.24 18.10
CA SER C 361 -21.33 23.78 16.79
C SER C 361 -22.36 24.70 16.13
N ASP C 362 -23.24 25.29 16.93
CA ASP C 362 -24.20 26.30 16.42
C ASP C 362 -23.49 27.48 15.77
N VAL C 363 -22.54 28.07 16.52
CA VAL C 363 -21.75 29.23 16.06
C VAL C 363 -21.15 28.98 14.68
N LEU C 364 -20.54 27.79 14.52
CA LEU C 364 -19.99 27.36 13.23
C LEU C 364 -21.08 27.24 12.16
N THR C 365 -22.26 26.74 12.52
CA THR C 365 -23.37 26.64 11.57
C THR C 365 -23.85 28.01 11.10
N ILE C 366 -24.12 28.89 12.06
CA ILE C 366 -24.68 30.22 11.77
C ILE C 366 -23.64 31.17 11.13
N SER C 367 -22.39 31.05 11.55
CA SER C 367 -21.25 31.71 10.88
C SER C 367 -21.04 31.14 9.48
N GLY C 368 -21.23 29.83 9.35
CA GLY C 368 -21.23 29.16 8.05
C GLY C 368 -22.26 29.73 7.11
N THR C 369 -23.54 29.63 7.49
CA THR C 369 -24.65 30.08 6.64
C THR C 369 -24.55 31.54 6.17
N ILE C 370 -24.10 32.46 7.05
CA ILE C 370 -23.86 33.84 6.63
C ILE C 370 -22.69 33.94 5.64
N MET C 371 -21.67 33.08 5.79
CA MET C 371 -20.57 32.98 4.81
C MET C 371 -21.07 32.41 3.47
N LYS C 372 -22.00 31.46 3.54
CA LYS C 372 -22.61 30.85 2.36
C LYS C 372 -23.51 31.85 1.62
N ILE C 373 -24.37 32.57 2.35
CA ILE C 373 -25.23 33.59 1.74
C ILE C 373 -24.34 34.62 1.04
N GLY C 374 -23.28 35.02 1.72
CA GLY C 374 -22.27 35.94 1.18
C GLY C 374 -21.57 35.43 -0.06
N ILE C 375 -20.94 34.26 0.03
CA ILE C 375 -20.17 33.68 -1.08
C ILE C 375 -21.07 33.31 -2.28
N GLU C 376 -22.31 32.86 -2.01
CA GLU C 376 -23.24 32.55 -3.09
C GLU C 376 -23.78 33.82 -3.72
N ALA C 377 -24.42 34.66 -2.90
CA ALA C 377 -25.09 35.87 -3.34
C ALA C 377 -24.40 37.04 -2.64
N LYS C 378 -23.39 37.65 -3.26
CA LYS C 378 -22.81 38.99 -2.82
C LYS C 378 -21.27 39.09 -2.54
N ASN C 379 -20.45 38.94 -3.58
CA ASN C 379 -19.04 39.35 -3.59
C ASN C 379 -18.03 38.70 -2.62
N LEU C 380 -18.45 37.85 -1.69
CA LEU C 380 -17.50 37.08 -0.85
C LEU C 380 -16.91 35.93 -1.66
N ALA C 381 -15.70 35.49 -1.29
CA ALA C 381 -15.00 34.43 -2.04
C ALA C 381 -13.95 33.70 -1.20
N SER C 382 -14.42 32.76 -0.37
CA SER C 382 -13.54 31.81 0.32
C SER C 382 -14.32 30.56 0.70
N TYR C 383 -14.32 29.57 -0.21
CA TYR C 383 -15.01 28.30 0.00
C TYR C 383 -14.38 27.45 1.12
N ASP C 384 -13.05 27.41 1.15
CA ASP C 384 -12.28 26.69 2.18
C ASP C 384 -12.73 26.94 3.64
N VAL C 385 -12.98 28.21 3.98
CA VAL C 385 -13.35 28.58 5.35
C VAL C 385 -14.76 28.11 5.66
N CYS C 386 -15.69 28.44 4.77
CA CYS C 386 -17.09 28.01 4.86
C CYS C 386 -17.27 26.50 4.91
N SER C 387 -16.49 25.78 4.10
CA SER C 387 -16.48 24.30 4.10
C SER C 387 -16.02 23.75 5.45
N ILE C 388 -14.91 24.26 5.98
CA ILE C 388 -14.42 23.87 7.31
C ILE C 388 -15.48 24.18 8.36
N LEU C 389 -16.05 25.39 8.28
CA LEU C 389 -17.09 25.83 9.22
C LEU C 389 -18.32 24.92 9.21
N LEU C 390 -19.02 24.84 8.08
CA LEU C 390 -20.22 23.98 7.96
C LEU C 390 -19.90 22.49 8.20
N GLY C 391 -18.71 22.06 7.75
CA GLY C 391 -18.24 20.68 7.94
C GLY C 391 -18.02 20.30 9.40
N THR C 392 -17.28 21.15 10.12
CA THR C 392 -17.06 20.96 11.55
C THR C 392 -18.38 21.12 12.31
N SER C 393 -19.20 22.06 11.85
CA SER C 393 -20.57 22.22 12.35
C SER C 393 -21.37 20.93 12.24
N THR C 394 -21.35 20.29 11.07
CA THR C 394 -22.08 19.03 10.87
C THR C 394 -21.44 17.85 11.61
N LEU C 395 -20.09 17.82 11.64
CA LEU C 395 -19.35 16.83 12.44
C LEU C 395 -19.77 16.90 13.91
N LEU C 396 -19.72 18.11 14.47
CA LEU C 396 -20.13 18.35 15.86
C LEU C 396 -21.64 18.22 16.10
N VAL C 397 -22.47 18.51 15.08
CA VAL C 397 -23.93 18.34 15.19
C VAL C 397 -24.31 16.86 15.18
N TRP C 398 -23.74 16.08 14.26
CA TRP C 398 -24.04 14.65 14.18
C TRP C 398 -23.67 13.93 15.48
N VAL C 399 -22.53 14.26 16.09
CA VAL C 399 -22.18 13.71 17.41
C VAL C 399 -23.12 14.18 18.55
N GLY C 400 -23.93 15.21 18.27
CA GLY C 400 -25.04 15.59 19.15
C GLY C 400 -26.12 14.54 19.37
N VAL C 401 -26.21 13.55 18.49
CA VAL C 401 -27.16 12.44 18.65
C VAL C 401 -26.75 11.58 19.86
N ILE C 402 -25.44 11.44 20.10
CA ILE C 402 -24.95 10.74 21.29
C ILE C 402 -25.61 11.31 22.56
N ARG C 403 -25.65 12.64 22.67
CA ARG C 403 -26.39 13.33 23.74
C ARG C 403 -27.85 12.86 23.82
N TYR C 404 -28.52 12.75 22.67
CA TYR C 404 -29.87 12.16 22.60
C TYR C 404 -29.91 10.69 23.05
N LEU C 405 -28.82 9.94 22.85
CA LEU C 405 -28.74 8.52 23.26
C LEU C 405 -28.35 8.35 24.73
N THR C 406 -29.37 8.30 25.60
CA THR C 406 -29.22 7.98 27.03
C THR C 406 -30.35 7.06 27.52
N PHE C 407 -30.75 6.11 26.66
CA PHE C 407 -31.91 5.24 26.92
C PHE C 407 -31.47 3.88 27.47
N PHE C 408 -32.28 3.30 28.36
CA PHE C 408 -31.96 2.06 29.10
C PHE C 408 -30.72 2.11 30.03
N HIS C 409 -30.13 3.30 30.22
CA HIS C 409 -28.91 3.48 31.03
C HIS C 409 -27.73 2.56 30.64
N ASN C 410 -27.61 2.25 29.35
CA ASN C 410 -26.57 1.32 28.84
C ASN C 410 -25.63 1.89 27.76
N TYR C 411 -26.11 2.85 26.97
CA TYR C 411 -25.25 3.56 26.01
C TYR C 411 -24.17 4.36 26.75
N ASN C 412 -24.58 5.08 27.80
CA ASN C 412 -23.67 5.91 28.60
C ASN C 412 -22.65 5.10 29.42
N ILE C 413 -22.86 3.80 29.58
CA ILE C 413 -21.81 2.90 30.08
C ILE C 413 -20.69 2.76 29.04
N LEU C 414 -21.07 2.62 27.77
CA LEU C 414 -20.11 2.53 26.66
C LEU C 414 -19.46 3.88 26.31
N ILE C 415 -20.25 4.95 26.37
CA ILE C 415 -19.77 6.29 26.00
C ILE C 415 -18.86 6.90 27.08
N ALA C 416 -19.34 6.91 28.34
CA ALA C 416 -18.64 7.59 29.44
C ALA C 416 -17.38 6.88 29.98
N THR C 417 -17.04 5.70 29.45
CA THR C 417 -15.73 5.08 29.72
C THR C 417 -14.55 5.97 29.29
N LEU C 418 -14.76 6.78 28.25
CA LEU C 418 -13.78 7.78 27.81
C LEU C 418 -13.60 8.90 28.84
N ARG C 419 -14.70 9.31 29.49
CA ARG C 419 -14.62 10.28 30.60
C ARG C 419 -13.88 9.74 31.83
N VAL C 420 -13.97 8.43 32.05
CA VAL C 420 -13.17 7.75 33.10
C VAL C 420 -11.71 7.60 32.64
N ALA C 421 -11.49 7.22 31.39
CA ALA C 421 -10.15 6.94 30.86
C ALA C 421 -9.28 8.18 30.63
N LEU C 422 -9.90 9.24 30.10
CA LEU C 422 -9.22 10.49 29.71
C LEU C 422 -8.17 11.02 30.71
N PRO C 423 -8.49 10.99 32.03
CA PRO C 423 -7.46 11.28 33.04
C PRO C 423 -6.15 10.48 32.89
N SER C 424 -6.26 9.15 32.78
CA SER C 424 -5.09 8.29 32.59
C SER C 424 -4.51 8.36 31.17
N VAL C 425 -5.40 8.48 30.17
CA VAL C 425 -4.99 8.59 28.77
C VAL C 425 -4.19 9.87 28.51
N MET C 426 -4.62 11.00 29.08
CA MET C 426 -3.86 12.26 29.03
C MET C 426 -2.46 12.10 29.61
N ARG C 427 -2.41 11.53 30.82
CA ARG C 427 -1.13 11.32 31.52
C ARG C 427 -0.20 10.34 30.80
N PHE C 428 -0.77 9.28 30.22
CA PHE C 428 0.01 8.33 29.40
C PHE C 428 0.49 8.92 28.08
N CYS C 429 -0.42 9.64 27.41
CA CYS C 429 -0.15 10.31 26.13
C CYS C 429 1.06 11.26 26.16
N CYS C 430 1.26 11.97 27.27
CA CYS C 430 2.41 12.87 27.44
C CYS C 430 3.75 12.16 27.23
N CYS C 431 3.97 11.08 27.98
CA CYS C 431 5.22 10.31 27.93
C CYS C 431 5.47 9.64 26.57
N VAL C 432 4.40 9.17 25.94
CA VAL C 432 4.46 8.59 24.60
C VAL C 432 4.75 9.67 23.55
N ALA C 433 4.10 10.83 23.67
CA ALA C 433 4.35 11.97 22.79
C ALA C 433 5.77 12.52 22.94
N VAL C 434 6.25 12.55 24.17
CA VAL C 434 7.63 12.88 24.50
C VAL C 434 8.62 12.02 23.70
N ILE C 435 8.40 10.70 23.70
CA ILE C 435 9.22 9.77 22.91
C ILE C 435 8.97 10.01 21.42
N TYR C 436 7.71 10.20 21.06
CA TYR C 436 7.30 10.45 19.68
C TYR C 436 8.07 11.61 19.04
N LEU C 437 8.09 12.76 19.72
CA LEU C 437 8.82 13.94 19.25
C LEU C 437 10.32 13.72 19.11
N GLY C 438 10.87 12.84 19.95
CA GLY C 438 12.27 12.41 19.84
C GLY C 438 12.54 11.76 18.49
N TYR C 439 11.71 10.78 18.13
CA TYR C 439 11.81 10.11 16.83
C TYR C 439 11.45 11.06 15.69
N CYS C 440 10.48 11.95 15.95
CA CYS C 440 10.00 12.90 14.96
C CYS C 440 11.07 13.93 14.58
N PHE C 441 11.69 14.56 15.58
CA PHE C 441 12.80 15.51 15.36
C PHE C 441 14.05 14.81 14.85
N CYS C 442 14.32 13.60 15.32
CA CYS C 442 15.48 12.82 14.88
C CYS C 442 15.35 12.40 13.41
N GLY C 443 14.24 11.75 13.07
CA GLY C 443 13.98 11.28 11.71
C GLY C 443 13.78 12.36 10.67
N TRP C 444 13.38 13.55 11.10
CA TRP C 444 13.23 14.71 10.22
C TRP C 444 14.58 15.12 9.64
N ILE C 445 15.53 15.43 10.51
CA ILE C 445 16.84 15.93 10.07
C ILE C 445 17.78 14.83 9.58
N VAL C 446 17.68 13.61 10.13
CA VAL C 446 18.59 12.52 9.77
C VAL C 446 18.14 11.81 8.49
N LEU C 447 16.86 11.43 8.42
CA LEU C 447 16.32 10.68 7.28
C LEU C 447 15.70 11.54 6.17
N GLY C 448 15.22 12.74 6.53
CA GLY C 448 14.60 13.67 5.57
C GLY C 448 15.45 14.07 4.37
N PRO C 449 16.76 14.27 4.58
CA PRO C 449 17.66 14.50 3.45
C PRO C 449 17.67 13.35 2.43
N TYR C 450 17.73 12.11 2.93
CA TYR C 450 17.89 10.93 2.08
C TYR C 450 16.59 10.31 1.56
N HIS C 451 15.43 10.68 2.13
CA HIS C 451 14.18 9.97 1.87
C HIS C 451 12.96 10.84 1.61
N VAL C 452 11.91 10.20 1.09
CA VAL C 452 10.71 10.88 0.62
C VAL C 452 9.76 11.21 1.77
N LYS C 453 9.52 10.24 2.65
CA LYS C 453 8.50 10.37 3.70
C LYS C 453 8.86 11.30 4.89
N PHE C 454 10.13 11.73 5.01
CA PHE C 454 10.57 12.56 6.14
C PHE C 454 11.02 13.98 5.75
N ARG C 455 10.57 14.47 4.59
CA ARG C 455 11.00 15.79 4.10
C ARG C 455 10.52 16.99 4.94
N SER C 456 9.48 16.79 5.74
CA SER C 456 9.08 17.77 6.76
C SER C 456 8.50 17.09 8.00
N LEU C 457 8.60 17.78 9.14
CA LEU C 457 8.06 17.32 10.43
C LEU C 457 6.58 16.90 10.35
N SER C 458 5.82 17.59 9.50
CA SER C 458 4.44 17.18 9.16
C SER C 458 4.41 15.76 8.61
N MET C 459 5.21 15.52 7.56
CA MET C 459 5.30 14.20 6.92
C MET C 459 5.88 13.14 7.86
N VAL C 460 6.82 13.54 8.71
CA VAL C 460 7.38 12.65 9.74
C VAL C 460 6.27 12.26 10.72
N SER C 461 5.52 13.26 11.17
CA SER C 461 4.41 13.02 12.10
C SER C 461 3.25 12.24 11.47
N GLU C 462 3.10 12.34 10.15
CA GLU C 462 2.16 11.47 9.41
C GLU C 462 2.70 10.04 9.31
N CYS C 463 3.95 9.91 8.89
CA CYS C 463 4.61 8.62 8.64
C CYS C 463 4.77 7.78 9.90
N LEU C 464 5.30 8.42 10.95
CA LEU C 464 5.39 7.81 12.28
C LEU C 464 4.04 7.36 12.85
N PHE C 465 2.98 8.12 12.56
CA PHE C 465 1.64 7.79 13.03
C PHE C 465 1.03 6.66 12.21
N SER C 466 1.24 6.68 10.90
CA SER C 466 0.87 5.55 10.02
C SER C 466 1.67 4.27 10.32
N LEU C 467 2.90 4.42 10.81
CA LEU C 467 3.72 3.31 11.26
C LEU C 467 3.13 2.57 12.48
N ILE C 468 2.71 3.32 13.51
CA ILE C 468 2.19 2.70 14.74
C ILE C 468 0.84 1.97 14.61
N ASN C 469 0.16 2.13 13.46
CA ASN C 469 -0.95 1.25 13.07
C ASN C 469 -0.52 0.26 12.00
N GLY C 470 0.38 0.68 11.11
CA GLY C 470 1.01 -0.20 10.14
C GLY C 470 0.48 0.01 8.74
N ASP C 471 0.85 1.15 8.15
CA ASP C 471 0.70 1.37 6.71
C ASP C 471 1.93 2.07 6.17
N ASP C 472 2.34 1.68 4.96
CA ASP C 472 3.65 2.02 4.38
C ASP C 472 4.80 1.71 5.35
N MET C 473 4.69 0.59 6.07
CA MET C 473 5.71 0.16 7.01
C MET C 473 6.87 -0.51 6.27
N PHE C 474 6.57 -1.29 5.24
CA PHE C 474 7.61 -1.81 4.34
C PHE C 474 8.21 -0.75 3.39
N VAL C 475 7.40 0.20 2.94
CA VAL C 475 7.85 1.21 1.98
C VAL C 475 8.92 2.13 2.58
N THR C 476 8.79 2.44 3.87
CA THR C 476 9.82 3.19 4.63
C THR C 476 11.19 2.49 4.61
N PHE C 477 11.20 1.20 4.95
CA PHE C 477 12.38 0.34 4.80
C PHE C 477 12.84 0.19 3.34
N ALA C 478 11.89 0.22 2.40
CA ALA C 478 12.17 0.14 0.96
C ALA C 478 12.83 1.41 0.42
N ALA C 479 12.53 2.57 1.02
CA ALA C 479 13.27 3.80 0.72
C ALA C 479 14.78 3.69 1.04
N MET C 480 15.12 2.90 2.06
CA MET C 480 16.50 2.72 2.53
C MET C 480 17.35 1.88 1.58
N GLN C 481 16.72 1.06 0.73
CA GLN C 481 17.46 0.15 -0.17
C GLN C 481 18.31 0.85 -1.22
N ALA C 482 17.95 2.09 -1.55
CA ALA C 482 18.83 2.98 -2.33
C ALA C 482 20.06 3.40 -1.50
N GLN C 483 19.85 3.68 -0.22
CA GLN C 483 20.92 4.10 0.71
C GLN C 483 21.78 2.96 1.30
N GLN C 484 21.54 1.72 0.89
CA GLN C 484 22.38 0.58 1.33
C GLN C 484 23.81 0.63 0.77
N GLY C 485 23.97 1.22 -0.42
CA GLY C 485 25.29 1.44 -1.04
C GLY C 485 25.73 2.90 -1.13
N ARG C 486 25.26 3.72 -0.20
CA ARG C 486 25.66 5.13 -0.09
C ARG C 486 25.19 5.68 1.26
N SER C 487 26.14 6.04 2.11
CA SER C 487 25.89 6.42 3.50
C SER C 487 25.26 5.26 4.30
N SER C 488 25.97 4.13 4.30
CA SER C 488 25.54 2.91 4.99
C SER C 488 25.30 3.08 6.50
N LEU C 489 25.95 4.09 7.10
CA LEU C 489 25.66 4.48 8.49
C LEU C 489 24.24 5.05 8.65
N VAL C 490 23.75 5.78 7.65
CA VAL C 490 22.40 6.33 7.67
C VAL C 490 21.38 5.20 7.50
N TRP C 491 21.66 4.30 6.56
CA TRP C 491 20.91 3.06 6.36
C TRP C 491 20.84 2.22 7.63
N LEU C 492 22.01 1.96 8.22
CA LEU C 492 22.12 1.15 9.44
C LEU C 492 21.51 1.85 10.65
N PHE C 493 21.55 3.19 10.66
CA PHE C 493 20.84 3.97 11.68
C PHE C 493 19.32 3.87 11.51
N SER C 494 18.86 4.04 10.27
CA SER C 494 17.41 4.02 9.95
C SER C 494 16.73 2.69 10.25
N GLN C 495 17.45 1.57 10.09
CA GLN C 495 16.97 0.26 10.51
C GLN C 495 16.70 0.30 12.01
N LEU C 496 17.74 0.64 12.79
CA LEU C 496 17.66 0.75 14.26
C LEU C 496 16.58 1.72 14.71
N TYR C 497 16.39 2.80 13.92
CA TYR C 497 15.36 3.81 14.17
C TYR C 497 13.95 3.24 13.96
N LEU C 498 13.70 2.75 12.74
CA LEU C 498 12.38 2.23 12.36
C LEU C 498 11.97 0.95 13.11
N TYR C 499 12.92 0.04 13.36
CA TYR C 499 12.64 -1.16 14.15
C TYR C 499 12.24 -0.73 15.56
N SER C 500 13.12 0.05 16.20
CA SER C 500 12.91 0.50 17.58
C SER C 500 11.61 1.26 17.73
N PHE C 501 11.39 2.21 16.83
CA PHE C 501 10.21 3.08 16.90
C PHE C 501 8.88 2.33 16.85
N ILE C 502 8.74 1.41 15.88
CA ILE C 502 7.48 0.67 15.70
C ILE C 502 7.39 -0.55 16.64
N SER C 503 8.52 -1.15 17.00
CA SER C 503 8.54 -2.20 18.04
C SER C 503 8.15 -1.64 19.40
N LEU C 504 8.66 -0.44 19.72
CA LEU C 504 8.28 0.28 20.95
C LEU C 504 6.79 0.65 20.98
N PHE C 505 6.28 1.26 19.90
CA PHE C 505 4.91 1.76 19.89
C PHE C 505 3.82 0.75 19.50
N ILE C 506 4.05 -0.09 18.49
CA ILE C 506 3.02 -1.07 18.10
C ILE C 506 2.82 -2.13 19.19
N TYR C 507 3.91 -2.53 19.86
CA TYR C 507 3.82 -3.55 20.91
C TYR C 507 3.85 -2.96 22.32
N MET C 508 4.97 -2.35 22.70
CA MET C 508 5.25 -2.01 24.10
C MET C 508 4.43 -0.83 24.64
N VAL C 509 3.95 0.05 23.73
CA VAL C 509 3.24 1.28 24.13
C VAL C 509 1.74 1.23 23.80
N LEU C 510 1.38 0.78 22.60
CA LEU C 510 -0.04 0.63 22.21
C LEU C 510 -0.81 -0.25 23.20
N SER C 511 -0.21 -1.38 23.58
CA SER C 511 -0.77 -2.32 24.57
C SER C 511 -1.24 -1.67 25.87
N LEU C 512 -0.45 -0.71 26.38
CA LEU C 512 -0.86 0.09 27.54
C LEU C 512 -2.08 0.96 27.24
N PHE C 513 -2.14 1.54 26.03
CA PHE C 513 -3.27 2.36 25.59
C PHE C 513 -4.55 1.53 25.41
N ILE C 514 -4.40 0.31 24.89
CA ILE C 514 -5.51 -0.66 24.82
C ILE C 514 -5.91 -1.06 26.25
N ALA C 515 -4.92 -1.32 27.10
CA ALA C 515 -5.15 -1.70 28.51
C ALA C 515 -5.81 -0.60 29.35
N LEU C 516 -5.56 0.67 28.99
CA LEU C 516 -6.21 1.82 29.64
C LEU C 516 -7.68 1.93 29.26
N ILE C 517 -7.96 1.81 27.97
CA ILE C 517 -9.33 1.93 27.46
C ILE C 517 -10.16 0.70 27.85
N THR C 518 -9.58 -0.49 27.71
CA THR C 518 -10.21 -1.74 28.19
C THR C 518 -10.31 -1.77 29.72
N GLY C 519 -9.29 -1.21 30.40
CA GLY C 519 -9.29 -1.06 31.85
C GLY C 519 -10.34 -0.10 32.39
N ALA C 520 -10.62 0.97 31.62
CA ALA C 520 -11.75 1.86 31.91
C ALA C 520 -13.09 1.15 31.72
N TYR C 521 -13.20 0.38 30.63
CA TYR C 521 -14.37 -0.47 30.38
C TYR C 521 -14.56 -1.54 31.48
N ASP C 522 -13.46 -2.06 32.03
CA ASP C 522 -13.52 -2.97 33.18
C ASP C 522 -14.10 -2.30 34.43
N THR C 523 -13.72 -1.04 34.68
CA THR C 523 -14.23 -0.28 35.83
C THR C 523 -15.66 0.24 35.65
N ILE C 524 -15.98 0.72 34.44
CA ILE C 524 -17.30 1.34 34.19
C ILE C 524 -18.49 0.36 34.29
N LYS C 525 -18.28 -0.90 33.90
CA LYS C 525 -19.37 -1.91 33.92
C LYS C 525 -19.80 -2.37 35.32
N HIS C 526 -18.94 -2.15 36.33
CA HIS C 526 -19.30 -2.45 37.73
C HIS C 526 -20.27 -1.41 38.28
N GLU D 38 17.20 2.69 59.07
CA GLU D 38 18.55 2.67 59.74
C GLU D 38 18.71 3.80 60.76
N GLU D 39 19.81 3.75 61.51
CA GLU D 39 20.05 4.70 62.61
C GLU D 39 20.64 6.03 62.13
N ASP D 40 21.84 5.98 61.57
CA ASP D 40 22.65 7.17 61.30
C ASP D 40 22.39 7.80 59.93
N LEU D 41 22.60 7.02 58.86
CA LEU D 41 22.54 7.53 57.49
C LEU D 41 21.22 7.26 56.75
N ARG D 42 20.15 6.94 57.49
CA ARG D 42 18.80 6.76 56.91
C ARG D 42 18.30 8.02 56.20
N ARG D 43 18.59 9.18 56.80
CA ARG D 43 18.19 10.47 56.23
C ARG D 43 18.81 10.68 54.84
N ARG D 44 20.13 10.46 54.75
CA ARG D 44 20.85 10.57 53.48
C ARG D 44 20.47 9.46 52.49
N LEU D 45 20.27 8.25 53.01
CA LEU D 45 19.75 7.12 52.22
C LEU D 45 18.41 7.46 51.55
N LYS D 46 17.45 7.90 52.36
CA LYS D 46 16.11 8.27 51.87
C LYS D 46 16.11 9.54 51.01
N TYR D 47 16.85 10.55 51.43
CA TYR D 47 16.95 11.85 50.72
C TYR D 47 17.46 11.73 49.27
N PHE D 48 18.30 10.72 49.00
CA PHE D 48 18.81 10.47 47.65
C PHE D 48 17.72 10.08 46.65
N PHE D 49 16.81 9.20 47.06
CA PHE D 49 15.77 8.65 46.17
C PHE D 49 14.45 9.45 46.12
N MET D 50 14.28 10.45 46.98
CA MET D 50 13.07 11.28 46.98
C MET D 50 12.99 12.16 45.73
N SER D 51 11.76 12.53 45.36
CA SER D 51 11.50 13.34 44.16
C SER D 51 12.03 14.77 44.35
N PRO D 52 12.36 15.47 43.22
CA PRO D 52 12.98 16.81 43.31
C PRO D 52 12.18 17.86 44.11
N CYS D 53 10.85 17.80 44.07
CA CYS D 53 10.00 18.73 44.81
C CYS D 53 10.18 18.57 46.33
N ASP D 54 9.98 17.35 46.81
CA ASP D 54 10.16 17.02 48.23
C ASP D 54 11.62 17.13 48.68
N LYS D 55 12.55 16.79 47.78
CA LYS D 55 13.98 16.97 48.02
C LYS D 55 14.33 18.46 48.18
N PHE D 56 13.77 19.31 47.32
CA PHE D 56 13.97 20.76 47.41
C PHE D 56 13.26 21.38 48.62
N ARG D 57 12.06 20.90 48.92
CA ARG D 57 11.31 21.33 50.12
C ARG D 57 12.09 21.10 51.44
N ALA D 58 12.76 19.95 51.54
CA ALA D 58 13.47 19.57 52.77
C ALA D 58 14.80 20.32 52.97
N LYS D 59 15.82 19.98 52.18
CA LYS D 59 17.19 20.50 52.37
C LYS D 59 17.92 20.66 51.04
N GLY D 60 19.14 21.21 51.10
CA GLY D 60 20.03 21.33 49.93
C GLY D 60 20.05 22.71 49.32
N ARG D 61 20.07 22.77 47.99
CA ARG D 61 20.15 24.03 47.25
C ARG D 61 19.00 24.16 46.23
N LYS D 62 18.95 25.30 45.54
CA LYS D 62 17.97 25.55 44.47
C LYS D 62 18.11 24.56 43.31
N PRO D 63 17.00 24.29 42.57
CA PRO D 63 17.05 23.28 41.50
C PRO D 63 17.61 23.82 40.18
N CYS D 64 18.91 24.11 40.16
CA CYS D 64 19.62 24.57 38.96
C CYS D 64 19.80 23.43 37.96
N LYS D 65 20.01 22.22 38.49
CA LYS D 65 20.05 21.00 37.68
C LYS D 65 18.78 20.77 36.88
N LEU D 66 17.62 21.10 37.47
CA LEU D 66 16.32 20.87 36.84
C LEU D 66 16.10 21.72 35.59
N MET D 67 16.38 23.01 35.70
CA MET D 67 16.17 23.98 34.60
C MET D 67 17.09 23.71 33.40
N LEU D 68 18.37 23.43 33.67
CA LEU D 68 19.35 23.19 32.60
C LEU D 68 19.03 21.96 31.74
N GLN D 69 18.35 20.97 32.31
CA GLN D 69 17.84 19.83 31.54
C GLN D 69 16.72 20.25 30.57
N VAL D 70 15.83 21.14 31.03
CA VAL D 70 14.74 21.67 30.20
C VAL D 70 15.32 22.58 29.12
N VAL D 71 16.29 23.41 29.50
CA VAL D 71 17.00 24.29 28.57
C VAL D 71 17.76 23.46 27.53
N LYS D 72 18.40 22.38 27.98
CA LYS D 72 19.10 21.45 27.08
C LYS D 72 18.19 20.93 25.96
N ILE D 73 16.95 20.57 26.29
CA ILE D 73 16.01 20.04 25.31
C ILE D 73 15.74 21.05 24.19
N LEU D 74 15.52 22.31 24.55
CA LEU D 74 15.27 23.38 23.57
C LEU D 74 16.55 23.79 22.83
N VAL D 75 17.66 23.86 23.55
CA VAL D 75 18.96 24.22 22.98
C VAL D 75 19.42 23.18 21.95
N VAL D 76 19.34 21.89 22.29
CA VAL D 76 19.82 20.82 21.39
C VAL D 76 18.92 20.57 20.19
N THR D 77 17.61 20.78 20.36
CA THR D 77 16.63 20.57 19.28
C THR D 77 16.74 21.65 18.19
N VAL D 78 16.98 22.90 18.59
CA VAL D 78 17.18 24.01 17.64
C VAL D 78 18.56 23.90 16.98
N GLN D 79 19.55 23.45 17.74
CA GLN D 79 20.86 23.05 17.21
C GLN D 79 20.69 21.98 16.12
N LEU D 80 19.95 20.94 16.47
CA LEU D 80 19.64 19.82 15.58
C LEU D 80 19.01 20.28 14.27
N ILE D 81 18.03 21.17 14.36
CA ILE D 81 17.33 21.70 13.20
C ILE D 81 18.23 22.66 12.39
N LEU D 82 18.94 23.56 13.09
CA LEU D 82 19.90 24.49 12.45
C LEU D 82 21.02 23.76 11.71
N PHE D 83 21.46 22.64 12.27
CA PHE D 83 22.33 21.70 11.54
C PHE D 83 21.59 21.09 10.34
N GLY D 84 20.34 20.70 10.56
CA GLY D 84 19.47 20.12 9.54
C GLY D 84 19.26 20.93 8.27
N LEU D 85 19.23 22.27 8.42
CA LEU D 85 19.09 23.18 7.27
C LEU D 85 20.25 22.99 6.28
N SER D 86 21.47 23.06 6.79
CA SER D 86 22.69 22.82 6.00
C SER D 86 22.89 21.34 5.65
N ASN D 87 22.41 20.43 6.50
CA ASN D 87 22.51 18.99 6.28
C ASN D 87 21.84 18.54 4.98
N GLN D 88 20.54 18.83 4.85
CA GLN D 88 19.79 18.47 3.63
C GLN D 88 20.21 19.28 2.39
N LEU D 89 20.77 20.47 2.62
CA LEU D 89 21.34 21.29 1.55
C LEU D 89 22.50 20.59 0.84
N ALA D 90 23.31 19.87 1.63
CA ALA D 90 24.37 19.01 1.09
C ALA D 90 23.82 17.78 0.34
N VAL D 91 22.82 17.11 0.91
CA VAL D 91 22.27 15.88 0.32
C VAL D 91 21.47 16.16 -0.96
N THR D 92 20.64 17.20 -0.94
CA THR D 92 19.88 17.64 -2.12
C THR D 92 20.82 18.00 -3.27
N PHE D 93 21.89 18.73 -2.97
CA PHE D 93 22.90 19.11 -3.97
C PHE D 93 23.58 17.88 -4.58
N ARG D 94 24.15 17.01 -3.72
CA ARG D 94 24.70 15.72 -4.17
C ARG D 94 23.72 14.90 -5.02
N GLU D 95 22.49 14.73 -4.53
CA GLU D 95 21.52 13.85 -5.20
C GLU D 95 21.01 14.45 -6.52
N GLU D 96 20.63 15.73 -6.49
CA GLU D 96 20.11 16.41 -7.69
C GLU D 96 21.15 16.49 -8.81
N ASN D 97 22.42 16.68 -8.45
CA ASN D 97 23.54 16.54 -9.38
C ASN D 97 23.61 15.13 -9.99
N THR D 98 23.44 14.11 -9.16
CA THR D 98 23.36 12.72 -9.63
C THR D 98 22.21 12.56 -10.62
N ILE D 99 21.04 13.08 -10.25
CA ILE D 99 19.86 13.05 -11.14
C ILE D 99 20.16 13.77 -12.46
N ALA D 100 20.85 14.91 -12.37
CA ALA D 100 21.28 15.65 -13.55
C ALA D 100 22.27 14.88 -14.43
N PHE D 101 23.20 14.16 -13.79
CA PHE D 101 24.15 13.32 -14.52
C PHE D 101 23.49 12.16 -15.26
N ARG D 102 22.43 11.59 -14.68
CA ARG D 102 21.67 10.53 -15.35
C ARG D 102 20.98 11.02 -16.62
N HIS D 103 20.46 12.24 -16.58
CA HIS D 103 19.79 12.83 -17.74
C HIS D 103 20.72 13.44 -18.80
N LEU D 104 22.02 13.53 -18.49
CA LEU D 104 23.03 13.87 -19.48
C LEU D 104 23.70 12.60 -20.02
N PHE D 105 24.28 11.80 -19.13
CA PHE D 105 25.13 10.66 -19.51
C PHE D 105 24.46 9.27 -19.52
N LEU D 106 23.13 9.22 -19.69
CA LEU D 106 22.42 7.98 -20.01
C LEU D 106 21.42 8.26 -21.12
N LEU D 107 21.50 7.51 -22.22
CA LEU D 107 20.67 7.75 -23.40
C LEU D 107 19.31 7.07 -23.26
N GLY D 108 18.30 7.88 -22.93
CA GLY D 108 16.91 7.41 -22.78
C GLY D 108 16.39 7.23 -21.36
N TYR D 109 17.19 7.60 -20.36
CA TYR D 109 16.79 7.48 -18.96
C TYR D 109 15.86 8.63 -18.59
N SER D 110 14.66 8.28 -18.11
CA SER D 110 13.76 9.26 -17.47
C SER D 110 13.77 9.03 -15.96
N ASP D 111 13.20 9.97 -15.21
CA ASP D 111 13.09 9.84 -13.75
C ASP D 111 12.04 8.77 -13.46
N GLY D 112 12.53 7.55 -13.22
CA GLY D 112 11.70 6.35 -13.19
C GLY D 112 12.49 5.25 -13.86
N ALA D 113 12.51 4.06 -13.24
CA ALA D 113 13.36 2.95 -13.64
C ALA D 113 14.86 3.27 -13.53
N ASP D 114 15.34 3.36 -12.29
CA ASP D 114 16.76 3.35 -11.99
C ASP D 114 17.26 1.94 -12.28
N ASP D 115 16.65 0.95 -11.62
CA ASP D 115 16.72 -0.45 -12.04
C ASP D 115 15.72 -0.64 -13.17
N THR D 116 15.91 -1.69 -13.97
CA THR D 116 15.21 -1.86 -15.25
C THR D 116 15.56 -0.74 -16.25
N PHE D 117 16.82 -0.31 -16.22
CA PHE D 117 17.40 0.53 -17.28
C PHE D 117 18.68 -0.11 -17.77
N ALA D 118 18.58 -0.78 -18.92
CA ALA D 118 19.64 -1.62 -19.44
C ALA D 118 19.69 -1.55 -20.97
N ALA D 119 20.83 -1.95 -21.52
CA ALA D 119 20.96 -2.16 -22.95
C ALA D 119 20.56 -3.61 -23.28
N TYR D 120 19.85 -3.77 -24.40
CA TYR D 120 19.51 -5.08 -24.94
C TYR D 120 20.11 -5.38 -26.34
N THR D 121 20.66 -4.35 -27.00
CA THR D 121 21.20 -4.44 -28.35
C THR D 121 22.60 -3.83 -28.43
N ARG D 122 23.44 -4.39 -29.29
CA ARG D 122 24.84 -4.01 -29.47
C ARG D 122 25.03 -2.52 -29.80
N GLU D 123 24.43 -2.10 -30.92
CA GLU D 123 24.48 -0.69 -31.37
C GLU D 123 23.82 0.26 -30.36
N GLN D 124 22.82 -0.26 -29.65
CA GLN D 124 22.11 0.49 -28.62
C GLN D 124 22.99 0.75 -27.38
N LEU D 125 23.71 -0.30 -26.95
CA LEU D 125 24.77 -0.19 -25.94
C LEU D 125 25.91 0.73 -26.40
N TYR D 126 26.36 0.54 -27.64
CA TYR D 126 27.34 1.47 -28.26
C TYR D 126 26.87 2.92 -28.15
N GLN D 127 25.63 3.16 -28.57
CA GLN D 127 25.01 4.49 -28.44
C GLN D 127 24.95 4.97 -27.00
N ALA D 128 24.61 4.08 -26.07
CA ALA D 128 24.65 4.42 -24.64
C ALA D 128 26.06 4.87 -24.21
N ILE D 129 27.07 4.10 -24.60
CA ILE D 129 28.48 4.42 -24.24
C ILE D 129 28.96 5.72 -24.90
N PHE D 130 28.71 5.85 -26.20
CA PHE D 130 29.04 7.07 -26.95
C PHE D 130 28.27 8.30 -26.46
N HIS D 131 27.04 8.13 -25.98
CA HIS D 131 26.25 9.27 -25.50
C HIS D 131 26.88 9.92 -24.27
N ALA D 132 27.31 9.07 -23.33
CA ALA D 132 28.06 9.52 -22.15
C ALA D 132 29.31 10.31 -22.53
N VAL D 133 30.10 9.78 -23.47
CA VAL D 133 31.33 10.43 -23.92
C VAL D 133 31.04 11.72 -24.69
N ASP D 134 30.03 11.69 -25.56
CA ASP D 134 29.56 12.87 -26.31
C ASP D 134 29.17 13.98 -25.33
N GLN D 135 28.33 13.62 -24.36
CA GLN D 135 27.84 14.58 -23.37
C GLN D 135 28.94 15.02 -22.39
N TYR D 136 29.95 14.17 -22.18
CA TYR D 136 31.15 14.57 -21.45
C TYR D 136 31.97 15.60 -22.25
N LEU D 137 32.18 15.33 -23.54
CA LEU D 137 32.87 16.26 -24.44
C LEU D 137 32.14 17.59 -24.62
N ALA D 138 30.82 17.55 -24.72
CA ALA D 138 30.00 18.77 -24.89
C ALA D 138 29.21 19.13 -23.61
N LEU D 139 29.89 19.07 -22.46
CA LEU D 139 29.24 19.29 -21.15
C LEU D 139 28.92 20.77 -20.87
N PRO D 140 29.93 21.67 -20.90
CA PRO D 140 29.62 23.09 -20.59
C PRO D 140 28.73 23.80 -21.62
N ASP D 141 28.65 23.24 -22.84
CA ASP D 141 27.67 23.69 -23.83
C ASP D 141 26.25 23.38 -23.36
N VAL D 142 25.99 22.10 -23.12
CA VAL D 142 24.63 21.61 -22.87
C VAL D 142 24.14 21.86 -21.43
N SER D 143 25.00 21.66 -20.44
CA SER D 143 24.54 21.66 -19.04
C SER D 143 23.97 22.99 -18.52
N LEU D 144 23.16 22.88 -17.47
CA LEU D 144 22.55 24.04 -16.81
C LEU D 144 23.41 24.55 -15.66
N GLY D 145 24.07 23.64 -14.96
CA GLY D 145 24.96 24.00 -13.85
C GLY D 145 26.31 24.54 -14.27
N ARG D 146 27.37 23.96 -13.72
CA ARG D 146 28.73 24.44 -13.93
C ARG D 146 29.66 23.35 -13.43
N TYR D 147 30.22 22.59 -14.36
CA TYR D 147 31.07 21.44 -14.06
C TYR D 147 32.45 21.61 -14.69
N ALA D 148 33.46 21.78 -13.84
CA ALA D 148 34.83 21.85 -14.32
C ALA D 148 35.40 20.44 -14.33
N TYR D 149 36.25 20.17 -15.32
CA TYR D 149 36.88 18.87 -15.47
C TYR D 149 38.05 18.68 -14.51
N VAL D 150 38.68 17.50 -14.56
CA VAL D 150 39.89 17.18 -13.80
C VAL D 150 40.95 16.50 -14.67
N ARG D 151 42.22 16.77 -14.38
CA ARG D 151 43.34 16.07 -15.02
C ARG D 151 43.70 14.83 -14.20
N GLY D 152 44.17 13.79 -14.90
CA GLY D 152 44.34 12.46 -14.31
C GLY D 152 45.44 12.30 -13.28
N GLY D 153 45.07 12.39 -12.01
CA GLY D 153 45.96 12.10 -10.88
C GLY D 153 45.90 10.65 -10.43
N GLY D 154 44.70 10.09 -10.40
CA GLY D 154 44.47 8.73 -9.90
C GLY D 154 44.93 7.59 -10.79
N ASP D 155 44.47 6.39 -10.46
CA ASP D 155 44.93 5.14 -11.09
C ASP D 155 44.19 4.73 -12.38
N PRO D 156 42.85 4.93 -12.45
CA PRO D 156 42.17 4.74 -13.75
C PRO D 156 42.54 5.74 -14.86
N TRP D 157 43.22 6.83 -14.51
CA TRP D 157 43.60 7.89 -15.46
C TRP D 157 45.11 7.99 -15.66
N THR D 158 45.52 8.29 -16.89
CA THR D 158 46.92 8.62 -17.20
C THR D 158 47.15 10.12 -16.94
N ASN D 159 48.41 10.54 -16.97
CA ASN D 159 48.80 11.92 -16.67
C ASN D 159 48.31 12.86 -17.78
N GLY D 160 47.07 13.33 -17.64
CA GLY D 160 46.42 14.21 -18.62
C GLY D 160 44.96 13.93 -18.87
N SER D 161 44.54 12.67 -18.72
CA SER D 161 43.18 12.24 -19.08
C SER D 161 42.11 12.66 -18.06
N GLY D 162 40.87 12.71 -18.53
CA GLY D 162 39.71 13.14 -17.72
C GLY D 162 38.60 12.10 -17.70
N LEU D 163 38.08 11.77 -18.88
CA LEU D 163 37.16 10.64 -19.07
C LEU D 163 37.97 9.42 -19.47
N ALA D 164 37.59 8.27 -18.92
CA ALA D 164 38.33 7.03 -19.13
C ALA D 164 37.44 5.79 -19.07
N LEU D 165 36.89 5.41 -20.23
CA LEU D 165 36.03 4.23 -20.31
C LEU D 165 36.91 2.99 -20.36
N CYS D 166 36.61 2.03 -19.49
CA CYS D 166 37.45 0.84 -19.29
C CYS D 166 36.68 -0.47 -19.44
N GLN D 167 37.01 -1.24 -20.48
CA GLN D 167 36.41 -2.56 -20.68
C GLN D 167 37.06 -3.58 -19.74
N ARG D 168 36.30 -4.08 -18.77
CA ARG D 168 36.66 -5.30 -18.05
C ARG D 168 36.22 -6.46 -18.94
N TYR D 169 37.17 -7.20 -19.51
CA TYR D 169 36.87 -8.37 -20.35
C TYR D 169 37.85 -9.50 -20.07
N TYR D 170 37.43 -10.73 -20.41
CA TYR D 170 38.23 -11.93 -20.10
C TYR D 170 39.51 -11.98 -20.91
N HIS D 171 40.59 -12.46 -20.28
CA HIS D 171 41.88 -12.64 -20.96
C HIS D 171 41.81 -13.79 -21.96
N ARG D 172 41.37 -14.95 -21.48
CA ARG D 172 41.12 -16.13 -22.32
C ARG D 172 39.61 -16.30 -22.51
N GLY D 173 39.19 -16.62 -23.73
CA GLY D 173 37.78 -16.87 -24.02
C GLY D 173 37.51 -17.29 -25.45
N HIS D 174 36.72 -18.35 -25.63
CA HIS D 174 36.32 -18.80 -26.96
C HIS D 174 34.94 -19.51 -26.91
N VAL D 175 33.97 -18.84 -26.27
CA VAL D 175 32.63 -19.41 -26.07
C VAL D 175 31.84 -19.63 -27.37
N ASP D 176 31.23 -20.80 -27.50
CA ASP D 176 30.43 -21.17 -28.68
C ASP D 176 29.54 -22.37 -28.31
N PRO D 177 28.31 -22.12 -27.82
CA PRO D 177 27.45 -23.18 -27.22
C PRO D 177 27.34 -24.49 -28.00
N ALA D 178 27.33 -24.40 -29.34
CA ALA D 178 27.28 -25.60 -30.19
C ALA D 178 28.54 -26.46 -30.11
N ASN D 179 29.68 -25.91 -30.57
CA ASN D 179 30.93 -26.69 -30.72
C ASN D 179 31.77 -26.69 -29.43
N ASP D 180 32.76 -27.58 -29.40
CA ASP D 180 33.57 -27.83 -28.18
C ASP D 180 34.73 -26.84 -28.01
N THR D 181 35.29 -26.84 -26.80
CA THR D 181 36.51 -26.08 -26.44
C THR D 181 36.31 -24.55 -26.44
N PHE D 182 36.12 -23.98 -25.25
CA PHE D 182 36.04 -22.51 -25.08
C PHE D 182 37.20 -21.91 -24.28
N ASP D 183 37.67 -22.61 -23.25
CA ASP D 183 38.91 -22.29 -22.54
C ASP D 183 38.89 -20.87 -21.93
N ILE D 184 38.19 -20.74 -20.81
CA ILE D 184 38.04 -19.47 -20.09
C ILE D 184 38.72 -19.55 -18.73
N ASP D 185 39.44 -18.49 -18.37
CA ASP D 185 39.90 -18.29 -17.00
C ASP D 185 39.60 -16.84 -16.57
N PRO D 186 39.16 -16.64 -15.31
CA PRO D 186 38.83 -15.29 -14.85
C PRO D 186 40.06 -14.43 -14.59
N MET D 187 40.59 -13.85 -15.66
CA MET D 187 41.62 -12.82 -15.59
C MET D 187 41.10 -11.62 -16.38
N VAL D 188 40.67 -10.59 -15.66
CA VAL D 188 40.07 -9.40 -16.29
C VAL D 188 41.15 -8.46 -16.84
N VAL D 189 41.18 -8.32 -18.17
CA VAL D 189 42.07 -7.37 -18.84
C VAL D 189 41.34 -6.04 -18.89
N THR D 190 42.03 -4.96 -18.50
CA THR D 190 41.42 -3.64 -18.39
C THR D 190 41.85 -2.72 -19.55
N ASP D 191 41.10 -2.80 -20.65
CA ASP D 191 41.28 -1.91 -21.80
C ASP D 191 40.63 -0.55 -21.48
N CYS D 192 41.44 0.39 -21.00
CA CYS D 192 41.01 1.76 -20.69
C CYS D 192 41.35 2.71 -21.83
N ILE D 193 40.35 3.44 -22.32
CA ILE D 193 40.55 4.41 -23.39
C ILE D 193 40.42 5.82 -22.79
N GLN D 194 41.55 6.53 -22.74
CA GLN D 194 41.62 7.84 -22.10
C GLN D 194 41.23 8.97 -23.05
N VAL D 195 40.49 9.96 -22.54
CA VAL D 195 40.15 11.16 -23.32
C VAL D 195 39.77 12.33 -22.42
N ASP D 196 40.38 13.49 -22.65
CA ASP D 196 40.08 14.73 -21.91
C ASP D 196 39.59 15.80 -22.88
N PRO D 197 38.74 16.73 -22.40
CA PRO D 197 38.04 17.65 -23.29
C PRO D 197 38.85 18.92 -23.60
N PRO D 198 38.49 19.64 -24.68
CA PRO D 198 39.15 20.90 -25.00
C PRO D 198 38.47 22.07 -24.29
N GLU D 199 39.27 23.01 -23.80
CA GLU D 199 38.77 24.23 -23.16
C GLU D 199 38.32 25.24 -24.21
N ARG D 200 37.70 26.33 -23.76
CA ARG D 200 37.16 27.36 -24.68
C ARG D 200 38.19 28.13 -25.53
N PRO D 201 39.46 28.25 -25.07
CA PRO D 201 40.54 28.72 -25.93
C PRO D 201 41.43 27.54 -26.39
N PRO D 202 41.30 27.10 -27.67
CA PRO D 202 42.13 26.00 -28.16
C PRO D 202 43.57 26.47 -28.48
N PRO D 203 44.60 25.80 -27.88
CA PRO D 203 45.98 26.16 -28.23
C PRO D 203 46.38 25.78 -29.67
N PRO D 204 47.05 26.70 -30.41
CA PRO D 204 47.60 26.34 -31.72
C PRO D 204 48.69 25.25 -31.71
N PRO D 205 49.58 25.21 -30.69
CA PRO D 205 50.53 24.09 -30.62
C PRO D 205 49.88 22.75 -30.30
N SER D 216 37.42 10.68 -32.07
CA SER D 216 38.85 10.48 -31.89
C SER D 216 39.11 9.32 -30.93
N SER D 217 39.76 8.28 -31.44
CA SER D 217 40.19 7.10 -30.64
C SER D 217 39.03 6.23 -30.13
N TYR D 218 38.18 6.79 -29.27
CA TYR D 218 37.02 6.06 -28.72
C TYR D 218 35.91 5.72 -29.75
N LYS D 219 35.93 6.37 -30.92
CA LYS D 219 35.05 5.98 -32.04
C LYS D 219 35.43 4.63 -32.65
N ASN D 220 36.70 4.21 -32.48
CA ASN D 220 37.17 2.89 -32.93
C ASN D 220 36.87 1.77 -31.91
N LEU D 221 36.16 2.09 -30.82
CA LEU D 221 35.96 1.14 -29.71
C LEU D 221 35.21 -0.12 -30.10
N THR D 222 35.72 -1.27 -29.65
CA THR D 222 35.06 -2.57 -29.84
C THR D 222 35.15 -3.38 -28.54
N LEU D 223 34.02 -3.98 -28.14
CA LEU D 223 33.85 -4.51 -26.78
C LEU D 223 34.21 -5.99 -26.61
N LYS D 224 33.97 -6.80 -27.65
CA LYS D 224 34.12 -8.27 -27.59
C LYS D 224 33.14 -8.85 -26.57
N PHE D 225 31.87 -8.80 -26.96
CA PHE D 225 30.72 -8.92 -26.05
C PHE D 225 30.60 -10.29 -25.41
N HIS D 226 31.02 -11.33 -26.14
CA HIS D 226 31.14 -12.67 -25.60
C HIS D 226 32.14 -12.78 -24.45
N LYS D 227 33.20 -11.96 -24.47
CA LYS D 227 34.21 -11.94 -23.40
C LYS D 227 34.01 -10.81 -22.37
N LEU D 228 32.94 -10.04 -22.51
CA LEU D 228 32.76 -8.79 -21.77
C LEU D 228 32.26 -9.06 -20.36
N VAL D 229 32.99 -8.56 -19.36
CA VAL D 229 32.55 -8.58 -17.96
C VAL D 229 31.78 -7.29 -17.69
N ASN D 230 32.32 -6.14 -18.11
CA ASN D 230 31.59 -4.86 -18.06
C ASN D 230 32.35 -3.74 -18.78
N VAL D 231 31.71 -2.58 -18.87
CA VAL D 231 32.34 -1.32 -19.30
C VAL D 231 32.07 -0.29 -18.21
N THR D 232 33.13 0.41 -17.81
CA THR D 232 33.06 1.39 -16.71
C THR D 232 33.62 2.73 -17.17
N ILE D 233 32.74 3.73 -17.23
CA ILE D 233 33.07 5.09 -17.57
C ILE D 233 33.26 5.82 -16.26
N HIS D 234 34.52 6.21 -15.99
CA HIS D 234 34.86 7.02 -14.83
C HIS D 234 35.20 8.43 -15.29
N PHE D 235 34.63 9.43 -14.62
CA PHE D 235 35.07 10.82 -14.75
C PHE D 235 34.62 11.60 -13.53
N ARG D 236 35.44 12.56 -13.11
CA ARG D 236 35.09 13.42 -11.98
C ARG D 236 34.77 14.82 -12.47
N LEU D 237 33.85 15.49 -11.78
CA LEU D 237 33.45 16.87 -12.09
C LEU D 237 33.51 17.73 -10.84
N LYS D 238 34.31 18.80 -10.91
CA LYS D 238 34.39 19.78 -9.84
C LYS D 238 33.26 20.78 -10.02
N THR D 239 32.64 21.17 -8.91
CA THR D 239 31.61 22.23 -8.92
C THR D 239 31.72 23.12 -7.68
N ILE D 240 31.08 24.28 -7.75
CA ILE D 240 30.99 25.23 -6.64
C ILE D 240 29.53 25.26 -6.22
N ASN D 241 29.24 24.70 -5.04
CA ASN D 241 27.88 24.63 -4.52
C ASN D 241 27.38 26.00 -4.06
N LEU D 242 26.62 26.68 -4.94
CA LEU D 242 26.04 27.99 -4.66
C LEU D 242 24.69 27.94 -3.94
N GLN D 243 24.24 26.74 -3.57
CA GLN D 243 23.02 26.59 -2.77
C GLN D 243 23.24 27.07 -1.34
N SER D 244 24.47 26.94 -0.86
CA SER D 244 24.84 27.40 0.48
C SER D 244 25.03 28.93 0.58
N LEU D 245 23.94 29.67 0.34
CA LEU D 245 23.86 31.10 0.67
C LEU D 245 22.52 31.40 1.39
N ILE D 246 22.01 30.41 2.12
CA ILE D 246 20.88 30.57 3.03
C ILE D 246 21.45 30.75 4.44
N ASN D 247 22.33 29.84 4.83
CA ASN D 247 23.18 30.01 6.01
C ASN D 247 24.44 30.86 5.77
N ASN D 248 24.74 31.17 4.50
CA ASN D 248 25.88 32.01 4.11
C ASN D 248 27.22 31.37 4.44
N GLU D 249 27.46 30.21 3.85
CA GLU D 249 28.78 29.60 3.77
C GLU D 249 29.04 29.18 2.32
N ILE D 250 29.54 30.13 1.54
CA ILE D 250 29.74 29.94 0.09
C ILE D 250 30.78 28.86 -0.22
N PRO D 251 31.89 28.80 0.55
CA PRO D 251 32.93 27.79 0.29
C PRO D 251 32.46 26.32 0.47
N ASP D 252 31.80 25.80 -0.57
CA ASP D 252 31.45 24.40 -0.68
C ASP D 252 31.81 23.96 -2.10
N CYS D 253 33.10 23.71 -2.32
CA CYS D 253 33.63 23.36 -3.64
C CYS D 253 33.70 21.83 -3.79
N TYR D 254 32.64 21.25 -4.35
CA TYR D 254 32.49 19.79 -4.48
C TYR D 254 33.30 19.23 -5.66
N THR D 255 33.57 17.93 -5.59
CA THR D 255 34.12 17.17 -6.71
C THR D 255 33.43 15.80 -6.79
N PHE D 256 32.45 15.67 -7.70
CA PHE D 256 31.72 14.42 -7.88
C PHE D 256 32.55 13.44 -8.69
N SER D 257 32.39 12.15 -8.39
CA SER D 257 33.10 11.07 -9.09
C SER D 257 32.10 10.13 -9.78
N VAL D 258 31.75 10.47 -11.02
CA VAL D 258 30.73 9.74 -11.78
C VAL D 258 31.28 8.39 -12.23
N LEU D 259 30.59 7.31 -11.85
CA LEU D 259 30.89 5.96 -12.34
C LEU D 259 29.69 5.41 -13.11
N ILE D 260 29.74 5.54 -14.44
CA ILE D 260 28.72 4.95 -15.32
C ILE D 260 29.14 3.51 -15.59
N THR D 261 28.34 2.56 -15.09
CA THR D 261 28.68 1.14 -15.14
C THR D 261 27.70 0.39 -16.03
N PHE D 262 28.22 -0.19 -17.11
CA PHE D 262 27.50 -1.15 -17.93
C PHE D 262 27.81 -2.55 -17.39
N ASP D 263 27.08 -2.92 -16.33
CA ASP D 263 27.36 -4.15 -15.59
C ASP D 263 26.84 -5.36 -16.36
N ASN D 264 27.76 -6.23 -16.79
CA ASN D 264 27.43 -7.49 -17.46
C ASN D 264 28.08 -8.69 -16.74
N LYS D 265 27.85 -8.78 -15.43
CA LYS D 265 28.28 -9.94 -14.64
C LYS D 265 27.38 -11.16 -14.88
N ALA D 266 26.17 -10.93 -15.40
CA ALA D 266 25.19 -11.99 -15.68
C ALA D 266 25.41 -12.74 -17.01
N HIS D 267 25.83 -12.01 -18.05
CA HIS D 267 25.91 -12.52 -19.43
C HIS D 267 24.53 -12.97 -19.93
N SER D 268 23.50 -12.23 -19.52
CA SER D 268 22.12 -12.61 -19.73
C SER D 268 21.46 -11.85 -20.89
N GLY D 269 22.27 -11.26 -21.78
CA GLY D 269 21.76 -10.42 -22.86
C GLY D 269 21.09 -9.12 -22.39
N ARG D 270 21.45 -8.68 -21.19
CA ARG D 270 20.88 -7.48 -20.59
C ARG D 270 21.90 -6.88 -19.64
N ILE D 271 22.39 -5.69 -19.97
CA ILE D 271 23.50 -5.05 -19.27
C ILE D 271 22.97 -3.82 -18.54
N PRO D 272 22.59 -3.96 -17.26
CA PRO D 272 22.09 -2.81 -16.48
C PRO D 272 23.03 -1.60 -16.47
N ILE D 273 22.51 -0.46 -16.93
CA ILE D 273 23.28 0.78 -17.03
C ILE D 273 22.94 1.61 -15.79
N SER D 274 23.95 1.99 -15.01
CA SER D 274 23.73 2.81 -13.81
C SER D 274 24.84 3.84 -13.62
N LEU D 275 24.53 4.87 -12.83
CA LEU D 275 25.41 6.01 -12.61
C LEU D 275 25.47 6.38 -11.12
N GLU D 276 26.65 6.19 -10.53
CA GLU D 276 26.88 6.44 -9.10
C GLU D 276 27.88 7.59 -8.92
N THR D 277 27.69 8.38 -7.86
CA THR D 277 28.52 9.55 -7.57
C THR D 277 29.02 9.56 -6.13
N GLN D 278 30.33 9.79 -5.97
CA GLN D 278 30.94 10.08 -4.68
C GLN D 278 31.34 11.56 -4.69
N ALA D 279 30.87 12.29 -3.69
CA ALA D 279 31.25 13.68 -3.48
C ALA D 279 32.63 13.78 -2.79
N HIS D 280 33.16 15.00 -2.78
CA HIS D 280 34.45 15.30 -2.19
C HIS D 280 34.56 16.82 -2.02
N ILE D 281 34.58 17.29 -0.77
CA ILE D 281 34.28 18.70 -0.44
C ILE D 281 35.42 19.38 0.33
N GLN D 282 35.84 20.55 -0.15
CA GLN D 282 36.66 21.50 0.64
C GLN D 282 36.54 22.91 0.05
N GLU D 283 37.16 23.90 0.70
CA GLU D 283 37.06 25.30 0.28
C GLU D 283 37.95 25.62 -0.92
N CYS D 284 37.71 26.76 -1.55
CA CYS D 284 38.47 27.19 -2.73
C CYS D 284 38.61 28.73 -2.88
N LYS D 285 39.16 29.35 -1.84
CA LYS D 285 39.60 30.76 -1.84
C LYS D 285 38.51 31.80 -2.12
N HIS D 286 37.74 32.13 -1.07
CA HIS D 286 36.87 33.30 -1.05
C HIS D 286 36.49 33.67 0.39
N PRO D 287 37.32 34.49 1.06
CA PRO D 287 37.00 35.03 2.39
C PRO D 287 36.34 36.41 2.33
N SER D 288 35.29 36.61 3.12
CA SER D 288 34.64 37.91 3.34
C SER D 288 33.88 38.48 2.13
N VAL D 289 32.55 38.39 2.16
CA VAL D 289 31.67 39.12 1.23
C VAL D 289 30.33 39.54 1.88
N PHE D 290 29.68 38.62 2.59
CA PHE D 290 28.51 38.91 3.42
C PHE D 290 28.35 37.80 4.47
N GLN D 291 29.36 37.71 5.35
CA GLN D 291 29.56 36.55 6.23
C GLN D 291 29.81 36.90 7.72
N HIS D 292 29.61 38.17 8.11
CA HIS D 292 30.06 38.67 9.42
C HIS D 292 29.31 38.07 10.62
N GLY D 293 27.99 38.12 10.58
CA GLY D 293 27.16 37.71 11.72
C GLY D 293 27.09 36.20 11.92
N ASP D 294 26.68 35.49 10.87
CA ASP D 294 26.44 34.03 10.94
C ASP D 294 27.66 33.22 11.43
N ASN D 295 28.86 33.68 11.08
CA ASN D 295 30.09 33.08 11.59
C ASN D 295 30.21 33.21 13.12
N SER D 296 29.75 34.34 13.67
CA SER D 296 29.74 34.54 15.12
C SER D 296 28.54 33.88 15.82
N PHE D 297 27.35 33.97 15.23
CA PHE D 297 26.12 33.45 15.85
C PHE D 297 26.10 31.91 16.00
N ARG D 298 26.39 31.20 14.91
CA ARG D 298 26.40 29.74 14.92
C ARG D 298 27.53 29.18 15.79
N LEU D 299 28.66 29.88 15.80
CA LEU D 299 29.76 29.63 16.74
C LEU D 299 29.32 29.84 18.19
N LEU D 300 28.65 30.97 18.44
CA LEU D 300 28.13 31.28 19.79
C LEU D 300 27.00 30.35 20.26
N PHE D 301 26.27 29.75 19.33
CA PHE D 301 25.17 28.83 19.66
C PHE D 301 25.69 27.47 20.16
N ASP D 302 26.56 26.84 19.36
CA ASP D 302 27.09 25.50 19.70
C ASP D 302 28.00 25.47 20.95
N VAL D 303 28.72 26.56 21.22
CA VAL D 303 29.49 26.67 22.48
C VAL D 303 28.56 26.74 23.70
N VAL D 304 27.37 27.35 23.54
CA VAL D 304 26.35 27.35 24.59
C VAL D 304 25.76 25.94 24.76
N VAL D 305 25.61 25.20 23.66
CA VAL D 305 25.18 23.80 23.70
C VAL D 305 26.23 22.98 24.46
N ILE D 306 27.50 23.18 24.11
CA ILE D 306 28.62 22.56 24.81
C ILE D 306 28.63 22.93 26.30
N LEU D 307 28.39 24.20 26.60
CA LEU D 307 28.30 24.68 28.00
C LEU D 307 27.17 23.99 28.75
N THR D 308 25.97 23.98 28.16
CA THR D 308 24.80 23.36 28.78
C THR D 308 24.95 21.85 28.97
N CYS D 309 25.52 21.18 27.96
CA CYS D 309 25.80 19.75 28.04
C CYS D 309 26.89 19.42 29.05
N SER D 310 27.98 20.21 29.05
CA SER D 310 29.07 20.01 30.02
C SER D 310 28.64 20.31 31.46
N LEU D 311 27.84 21.37 31.64
CA LEU D 311 27.32 21.73 32.97
C LEU D 311 26.40 20.63 33.51
N SER D 312 25.52 20.11 32.66
CA SER D 312 24.67 18.96 33.01
C SER D 312 25.49 17.68 33.25
N PHE D 313 26.52 17.48 32.43
CA PHE D 313 27.44 16.34 32.59
C PHE D 313 28.22 16.42 33.91
N LEU D 314 28.62 17.62 34.32
CA LEU D 314 29.28 17.84 35.61
C LEU D 314 28.32 17.54 36.77
N LEU D 315 27.11 18.12 36.70
CA LEU D 315 26.06 17.88 37.70
C LEU D 315 25.65 16.40 37.77
N CYS D 316 25.70 15.71 36.64
CA CYS D 316 25.51 14.25 36.64
C CYS D 316 26.72 13.54 37.24
N ALA D 317 27.92 13.99 36.92
CA ALA D 317 29.14 13.47 37.56
C ALA D 317 29.08 13.60 39.08
N ARG D 318 28.52 14.71 39.57
CA ARG D 318 28.24 14.86 41.01
C ARG D 318 27.19 13.85 41.52
N SER D 319 26.17 13.56 40.69
CA SER D 319 25.15 12.56 41.04
C SER D 319 25.70 11.13 41.08
N LEU D 320 26.60 10.80 40.16
CA LEU D 320 27.32 9.52 40.18
C LEU D 320 28.35 9.47 41.32
N LEU D 321 28.99 10.61 41.62
CA LEU D 321 29.90 10.73 42.77
C LEU D 321 29.23 10.31 44.09
N ARG D 322 27.95 10.66 44.25
CA ARG D 322 27.14 10.18 45.38
C ARG D 322 26.93 8.66 45.33
N GLY D 323 26.79 8.11 44.12
CA GLY D 323 26.63 6.67 43.89
C GLY D 323 27.71 5.81 44.53
N PHE D 324 28.97 6.21 44.37
CA PHE D 324 30.09 5.46 44.96
C PHE D 324 30.16 5.41 46.47
N LEU D 325 29.69 6.47 47.16
CA LEU D 325 29.70 6.52 48.62
C LEU D 325 28.79 5.46 49.22
N LEU D 326 27.56 5.36 48.70
CA LEU D 326 26.60 4.35 49.19
C LEU D 326 27.18 2.95 49.12
N GLN D 327 27.79 2.61 47.99
CA GLN D 327 28.51 1.33 47.84
C GLN D 327 29.55 1.13 48.95
N ASN D 328 30.21 2.23 49.37
CA ASN D 328 31.17 2.18 50.47
C ASN D 328 30.51 2.03 51.86
N GLU D 329 29.20 2.24 51.95
CA GLU D 329 28.45 1.93 53.19
C GLU D 329 28.15 0.43 53.34
N PHE D 330 28.04 -0.28 52.20
CA PHE D 330 27.76 -1.72 52.16
C PHE D 330 26.49 -2.08 52.96
N VAL D 331 25.36 -1.53 52.51
CA VAL D 331 24.06 -1.61 53.20
C VAL D 331 24.22 -1.57 54.74
N GLY D 332 24.88 -0.52 55.21
CA GLY D 332 25.18 -0.29 56.63
C GLY D 332 25.76 -1.50 57.34
N PHE D 333 26.68 -2.19 56.65
CA PHE D 333 27.19 -3.50 57.10
C PHE D 333 26.06 -4.37 57.69
N MET D 334 25.03 -4.58 56.87
CA MET D 334 23.84 -5.35 57.27
C MET D 334 23.17 -4.76 58.53
N TRP D 335 23.09 -3.43 58.61
CA TRP D 335 22.61 -2.70 59.81
C TRP D 335 23.43 -3.02 61.08
N ARG D 336 24.68 -3.46 60.91
CA ARG D 336 25.50 -4.01 62.00
C ARG D 336 24.83 -5.19 62.78
N GLN D 337 23.92 -5.90 62.12
CA GLN D 337 23.16 -7.01 62.73
C GLN D 337 23.25 -8.34 61.96
N ARG D 338 23.94 -8.34 60.81
CA ARG D 338 24.01 -9.49 59.89
C ARG D 338 22.64 -9.99 59.38
N GLY D 339 21.65 -9.08 59.35
CA GLY D 339 20.27 -9.42 59.04
C GLY D 339 20.05 -9.63 57.55
N ARG D 340 18.97 -10.34 57.22
CA ARG D 340 18.51 -10.62 55.84
C ARG D 340 19.35 -11.54 54.93
N VAL D 341 20.64 -11.74 55.22
CA VAL D 341 21.56 -12.47 54.34
C VAL D 341 21.52 -11.91 52.91
N ILE D 342 22.03 -10.69 52.74
CA ILE D 342 21.96 -9.97 51.47
C ILE D 342 23.02 -10.50 50.51
N SER D 343 22.64 -10.69 49.25
CA SER D 343 23.48 -11.39 48.25
C SER D 343 24.36 -10.49 47.37
N LEU D 344 24.13 -9.17 47.43
CA LEU D 344 24.94 -8.18 46.69
C LEU D 344 24.83 -8.29 45.15
N TRP D 345 23.65 -8.68 44.65
CA TRP D 345 23.31 -8.61 43.23
C TRP D 345 22.41 -7.40 42.95
N GLU D 346 21.38 -7.21 43.77
CA GLU D 346 20.57 -5.99 43.77
C GLU D 346 21.39 -4.69 43.95
N ARG D 347 22.55 -4.81 44.60
CA ARG D 347 23.53 -3.71 44.67
C ARG D 347 24.03 -3.25 43.29
N LEU D 348 24.05 -4.14 42.31
CA LEU D 348 24.39 -3.75 40.93
C LEU D 348 23.25 -2.96 40.27
N GLU D 349 22.02 -3.40 40.48
CA GLU D 349 20.83 -2.70 39.96
C GLU D 349 20.49 -1.42 40.73
N PHE D 350 21.01 -1.27 41.95
CA PHE D 350 20.82 -0.09 42.81
C PHE D 350 20.93 1.29 42.14
N VAL D 351 22.05 1.49 41.41
CA VAL D 351 22.41 2.80 40.85
C VAL D 351 21.51 3.16 39.66
N ASN D 352 21.07 4.42 39.64
CA ASN D 352 20.14 4.98 38.65
C ASN D 352 20.67 5.03 37.19
N GLY D 353 19.93 4.40 36.32
CA GLY D 353 20.28 4.29 34.90
C GLY D 353 20.00 5.53 34.07
N TRP D 354 18.98 6.29 34.47
CA TRP D 354 18.57 7.49 33.71
C TRP D 354 19.71 8.50 33.58
N TYR D 355 20.53 8.59 34.63
CA TYR D 355 21.77 9.37 34.59
C TYR D 355 22.76 8.80 33.58
N ILE D 356 22.91 7.47 33.55
CA ILE D 356 23.79 6.80 32.57
C ILE D 356 23.32 7.05 31.14
N LEU D 357 22.01 7.01 30.91
CA LEU D 357 21.42 7.38 29.61
C LEU D 357 21.63 8.87 29.30
N LEU D 358 21.42 9.72 30.30
CA LEU D 358 21.65 11.16 30.18
C LEU D 358 23.09 11.48 29.77
N VAL D 359 24.06 10.81 30.40
CA VAL D 359 25.49 10.96 30.06
C VAL D 359 25.79 10.45 28.65
N THR D 360 25.22 9.30 28.29
CA THR D 360 25.35 8.75 26.94
C THR D 360 24.83 9.75 25.92
N SER D 361 23.65 10.30 26.17
CA SER D 361 23.10 11.35 25.30
C SER D 361 23.92 12.64 25.27
N ASP D 362 24.48 13.03 26.42
CA ASP D 362 25.41 14.18 26.46
C ASP D 362 26.60 14.01 25.53
N VAL D 363 27.27 12.86 25.67
CA VAL D 363 28.47 12.52 24.87
C VAL D 363 28.18 12.70 23.37
N LEU D 364 27.04 12.17 22.93
CA LEU D 364 26.58 12.34 21.54
C LEU D 364 26.34 13.81 21.19
N THR D 365 25.79 14.59 22.12
CA THR D 365 25.56 16.01 21.88
C THR D 365 26.88 16.78 21.72
N ILE D 366 27.78 16.59 22.68
CA ILE D 366 29.06 17.32 22.71
C ILE D 366 30.04 16.84 21.63
N SER D 367 30.02 15.54 21.33
CA SER D 367 30.73 14.98 20.16
C SER D 367 30.11 15.48 18.86
N GLY D 368 28.78 15.61 18.86
CA GLY D 368 28.04 16.21 17.74
C GLY D 368 28.50 17.64 17.48
N THR D 369 28.34 18.51 18.46
CA THR D 369 28.68 19.94 18.31
C THR D 369 30.13 20.22 17.86
N ILE D 370 31.09 19.45 18.37
CA ILE D 370 32.49 19.57 17.87
C ILE D 370 32.61 19.09 16.42
N MET D 371 31.82 18.09 16.03
CA MET D 371 31.74 17.65 14.63
C MET D 371 31.09 18.71 13.74
N LYS D 372 30.08 19.40 14.28
CA LYS D 372 29.38 20.48 13.60
C LYS D 372 30.27 21.71 13.42
N ILE D 373 30.97 22.11 14.49
CA ILE D 373 31.91 23.25 14.41
C ILE D 373 32.95 22.94 13.34
N GLY D 374 33.46 21.70 13.36
CA GLY D 374 34.41 21.21 12.37
C GLY D 374 33.88 21.23 10.95
N ILE D 375 32.77 20.53 10.71
CA ILE D 375 32.19 20.42 9.37
C ILE D 375 31.70 21.76 8.81
N GLU D 376 31.19 22.63 9.68
CA GLU D 376 30.72 23.95 9.26
C GLU D 376 31.92 24.87 9.00
N ALA D 377 32.74 25.06 10.04
CA ALA D 377 33.79 26.09 10.00
C ALA D 377 35.23 25.59 9.89
N LYS D 378 35.44 24.39 9.32
CA LYS D 378 36.78 23.81 9.19
C LYS D 378 36.78 22.68 8.17
N ASN D 379 37.93 22.04 7.97
CA ASN D 379 38.13 21.03 6.91
C ASN D 379 37.35 19.69 7.01
N LEU D 380 36.47 19.52 8.00
CA LEU D 380 35.78 18.24 8.20
C LEU D 380 34.63 18.09 7.20
N ALA D 381 34.27 16.85 6.90
CA ALA D 381 33.25 16.56 5.88
C ALA D 381 32.61 15.18 6.04
N SER D 382 31.69 15.07 6.98
CA SER D 382 30.83 13.88 7.11
C SER D 382 29.54 14.25 7.86
N TYR D 383 28.52 14.64 7.09
CA TYR D 383 27.22 15.03 7.64
C TYR D 383 26.46 13.85 8.27
N ASP D 384 26.50 12.69 7.60
CA ASP D 384 25.89 11.43 8.09
C ASP D 384 26.18 11.09 9.57
N VAL D 385 27.44 11.22 9.98
CA VAL D 385 27.86 10.85 11.35
C VAL D 385 27.31 11.87 12.35
N CYS D 386 27.54 13.15 12.07
CA CYS D 386 27.03 14.26 12.88
C CYS D 386 25.49 14.26 13.03
N SER D 387 24.80 13.97 11.93
CA SER D 387 23.33 13.83 11.95
C SER D 387 22.87 12.69 12.85
N ILE D 388 23.48 11.52 12.72
CA ILE D 388 23.18 10.38 13.61
C ILE D 388 23.48 10.77 15.06
N LEU D 389 24.64 11.39 15.27
CA LEU D 389 25.06 11.83 16.61
C LEU D 389 24.06 12.80 17.25
N LEU D 390 23.90 13.98 16.65
CA LEU D 390 22.95 14.99 17.18
C LEU D 390 21.50 14.47 17.22
N GLY D 391 21.12 13.66 16.22
CA GLY D 391 19.79 13.05 16.17
C GLY D 391 19.49 12.07 17.29
N THR D 392 20.42 11.14 17.52
CA THR D 392 20.31 10.20 18.63
C THR D 392 20.42 10.93 19.96
N SER D 393 21.29 11.95 19.99
CA SER D 393 21.38 12.87 21.13
C SER D 393 20.04 13.51 21.46
N THR D 394 19.34 14.04 20.44
CA THR D 394 18.03 14.66 20.66
C THR D 394 16.94 13.64 20.96
N LEU D 395 16.98 12.49 20.30
CA LEU D 395 16.10 11.36 20.60
C LEU D 395 16.21 10.96 22.07
N LEU D 396 17.45 10.73 22.52
CA LEU D 396 17.72 10.37 23.91
C LEU D 396 17.50 11.52 24.91
N VAL D 397 17.69 12.78 24.47
CA VAL D 397 17.43 13.95 25.32
C VAL D 397 15.92 14.16 25.53
N TRP D 398 15.15 14.09 24.43
CA TRP D 398 13.69 14.27 24.54
C TRP D 398 13.06 13.23 25.47
N VAL D 399 13.50 11.96 25.39
CA VAL D 399 13.04 10.94 26.35
C VAL D 399 13.50 11.19 27.80
N GLY D 400 14.45 12.11 27.97
CA GLY D 400 14.81 12.63 29.29
C GLY D 400 13.70 13.35 30.06
N VAL D 401 12.66 13.81 29.36
CA VAL D 401 11.50 14.43 30.00
C VAL D 401 10.73 13.39 30.82
N ILE D 402 10.69 12.15 30.35
CA ILE D 402 10.07 11.05 31.12
C ILE D 402 10.66 11.02 32.54
N ARG D 403 11.99 11.10 32.65
CA ARG D 403 12.69 11.24 33.94
C ARG D 403 12.12 12.40 34.78
N TYR D 404 11.91 13.55 34.14
CA TYR D 404 11.23 14.69 34.78
C TYR D 404 9.78 14.38 35.20
N LEU D 405 9.10 13.49 34.46
CA LEU D 405 7.71 13.10 34.78
C LEU D 405 7.63 11.98 35.84
N THR D 406 7.56 12.41 37.10
CA THR D 406 7.32 11.50 38.25
C THR D 406 6.34 12.15 39.25
N PHE D 407 5.33 12.86 38.73
CA PHE D 407 4.40 13.65 39.56
C PHE D 407 3.09 12.88 39.81
N PHE D 408 2.51 13.06 41.00
CA PHE D 408 1.33 12.30 41.48
C PHE D 408 1.51 10.77 41.62
N HIS D 409 2.73 10.26 41.47
CA HIS D 409 3.03 8.81 41.52
C HIS D 409 2.17 7.94 40.58
N ASN D 410 1.81 8.48 39.42
CA ASN D 410 0.92 7.79 38.45
C ASN D 410 1.50 7.59 37.05
N TYR D 411 2.39 8.48 36.60
CA TYR D 411 3.12 8.30 35.33
C TYR D 411 4.03 7.06 35.40
N ASN D 412 4.76 6.94 36.50
CA ASN D 412 5.67 5.81 36.73
C ASN D 412 4.97 4.45 36.90
N ILE D 413 3.67 4.44 37.14
CA ILE D 413 2.86 3.22 37.03
C ILE D 413 2.75 2.79 35.55
N LEU D 414 2.53 3.77 34.66
CA LEU D 414 2.44 3.52 33.22
C LEU D 414 3.81 3.26 32.59
N ILE D 415 4.84 3.98 33.04
CA ILE D 415 6.19 3.86 32.47
C ILE D 415 6.91 2.58 32.91
N ALA D 416 6.93 2.33 34.22
CA ALA D 416 7.70 1.22 34.80
C ALA D 416 7.10 -0.20 34.63
N THR D 417 5.94 -0.29 33.98
CA THR D 417 5.41 -1.60 33.53
C THR D 417 6.35 -2.31 32.55
N LEU D 418 7.10 -1.52 31.77
CA LEU D 418 8.14 -2.06 30.88
C LEU D 418 9.32 -2.65 31.67
N ARG D 419 9.69 -2.03 32.78
CA ARG D 419 10.71 -2.59 33.69
C ARG D 419 10.27 -3.90 34.35
N VAL D 420 8.97 -4.05 34.60
CA VAL D 420 8.40 -5.32 35.07
C VAL D 420 8.32 -6.34 33.93
N ALA D 421 7.89 -5.91 32.75
CA ALA D 421 7.67 -6.80 31.60
C ALA D 421 8.96 -7.31 30.93
N LEU D 422 9.96 -6.42 30.81
CA LEU D 422 11.23 -6.71 30.11
C LEU D 422 11.87 -8.07 30.42
N PRO D 423 11.88 -8.50 31.71
CA PRO D 423 12.29 -9.87 32.04
C PRO D 423 11.56 -10.97 31.23
N SER D 424 10.23 -10.92 31.20
CA SER D 424 9.44 -11.90 30.44
C SER D 424 9.48 -11.64 28.92
N VAL D 425 9.50 -10.37 28.53
CA VAL D 425 9.56 -9.97 27.11
C VAL D 425 10.88 -10.42 26.47
N MET D 426 12.00 -10.26 27.18
CA MET D 426 13.30 -10.78 26.73
C MET D 426 13.27 -12.28 26.50
N ARG D 427 12.77 -13.01 27.51
CA ARG D 427 12.67 -14.47 27.44
C ARG D 427 11.72 -14.96 26.35
N PHE D 428 10.60 -14.26 26.15
CA PHE D 428 9.66 -14.58 25.06
C PHE D 428 10.23 -14.25 23.68
N CYS D 429 10.85 -13.07 23.57
CA CYS D 429 11.48 -12.58 22.33
C CYS D 429 12.50 -13.55 21.73
N CYS D 430 13.27 -14.25 22.57
CA CYS D 430 14.26 -15.24 22.11
C CYS D 430 13.63 -16.34 21.24
N CYS D 431 12.60 -16.99 21.77
CA CYS D 431 11.91 -18.09 21.08
C CYS D 431 11.20 -17.66 19.79
N VAL D 432 10.63 -16.45 19.81
CA VAL D 432 9.99 -15.87 18.63
C VAL D 432 11.04 -15.47 17.59
N ALA D 433 12.16 -14.89 18.02
CA ALA D 433 13.28 -14.55 17.13
C ALA D 433 13.92 -15.80 16.51
N VAL D 434 14.03 -16.85 17.32
CA VAL D 434 14.47 -18.17 16.89
C VAL D 434 13.64 -18.67 15.70
N ILE D 435 12.31 -18.58 15.82
CA ILE D 435 11.40 -18.95 14.72
C ILE D 435 11.55 -17.96 13.57
N TYR D 436 11.64 -16.66 13.92
CA TYR D 436 11.81 -15.58 12.95
C TYR D 436 12.98 -15.82 12.00
N LEU D 437 14.16 -16.10 12.57
CA LEU D 437 15.37 -16.37 11.78
C LEU D 437 15.24 -17.61 10.88
N GLY D 438 14.44 -18.57 11.32
CA GLY D 438 14.10 -19.74 10.50
C GLY D 438 13.40 -19.33 9.21
N TYR D 439 12.35 -18.51 9.34
CA TYR D 439 11.63 -17.98 8.18
C TYR D 439 12.50 -17.00 7.39
N CYS D 440 13.33 -16.24 8.11
CA CYS D 440 14.21 -15.25 7.51
C CYS D 440 15.29 -15.88 6.62
N PHE D 441 16.00 -16.88 7.15
CA PHE D 441 17.00 -17.62 6.38
C PHE D 441 16.38 -18.49 5.29
N CYS D 442 15.20 -19.05 5.57
CA CYS D 442 14.48 -19.87 4.59
C CYS D 442 13.99 -19.04 3.40
N GLY D 443 13.26 -17.97 3.70
CA GLY D 443 12.70 -17.09 2.66
C GLY D 443 13.72 -16.29 1.87
N TRP D 444 14.90 -16.08 2.46
CA TRP D 444 16.00 -15.40 1.77
C TRP D 444 16.47 -16.22 0.57
N ILE D 445 16.89 -17.46 0.81
CA ILE D 445 17.45 -18.31 -0.24
C ILE D 445 16.39 -18.93 -1.15
N VAL D 446 15.20 -19.23 -0.62
CA VAL D 446 14.14 -19.91 -1.39
C VAL D 446 13.36 -18.92 -2.25
N LEU D 447 12.90 -17.83 -1.64
CA LEU D 447 12.05 -16.83 -2.32
C LEU D 447 12.82 -15.66 -2.96
N GLY D 448 13.99 -15.35 -2.42
CA GLY D 448 14.83 -14.24 -2.91
C GLY D 448 15.24 -14.31 -4.38
N PRO D 449 15.53 -15.52 -4.89
CA PRO D 449 15.76 -15.69 -6.32
C PRO D 449 14.57 -15.26 -7.19
N TYR D 450 13.37 -15.66 -6.78
CA TYR D 450 12.16 -15.46 -7.59
C TYR D 450 11.43 -14.13 -7.34
N HIS D 451 11.76 -13.41 -6.27
CA HIS D 451 10.94 -12.27 -5.82
C HIS D 451 11.73 -11.03 -5.42
N VAL D 452 11.00 -9.92 -5.33
CA VAL D 452 11.57 -8.60 -5.11
C VAL D 452 11.89 -8.35 -3.64
N LYS D 453 10.95 -8.68 -2.75
CA LYS D 453 11.07 -8.35 -1.32
C LYS D 453 12.07 -9.19 -0.50
N PHE D 454 12.58 -10.29 -1.06
CA PHE D 454 13.49 -11.20 -0.33
C PHE D 454 14.92 -11.25 -0.89
N ARG D 455 15.34 -10.24 -1.66
CA ARG D 455 16.65 -10.25 -2.32
C ARG D 455 17.85 -10.18 -1.36
N SER D 456 17.63 -9.72 -0.12
CA SER D 456 18.62 -9.82 0.95
C SER D 456 17.96 -10.02 2.31
N LEU D 457 18.70 -10.65 3.22
CA LEU D 457 18.27 -10.89 4.61
C LEU D 457 17.76 -9.62 5.32
N SER D 458 18.35 -8.47 4.98
CA SER D 458 17.84 -7.16 5.42
C SER D 458 16.39 -6.98 4.96
N MET D 459 16.16 -7.12 3.65
CA MET D 459 14.81 -6.97 3.07
C MET D 459 13.85 -8.04 3.58
N VAL D 460 14.35 -9.25 3.81
CA VAL D 460 13.54 -10.32 4.40
C VAL D 460 13.12 -9.93 5.82
N SER D 461 14.09 -9.43 6.59
CA SER D 461 13.83 -9.00 7.96
C SER D 461 12.95 -7.75 8.04
N GLU D 462 12.96 -6.93 6.98
CA GLU D 462 12.01 -5.82 6.84
C GLU D 462 10.61 -6.33 6.49
N CYS D 463 10.54 -7.20 5.47
CA CYS D 463 9.29 -7.73 4.93
C CYS D 463 8.53 -8.59 5.93
N LEU D 464 9.24 -9.53 6.54
CA LEU D 464 8.70 -10.35 7.63
C LEU D 464 8.20 -9.52 8.83
N PHE D 465 8.87 -8.41 9.13
CA PHE D 465 8.47 -7.53 10.23
C PHE D 465 7.26 -6.68 9.85
N SER D 466 7.24 -6.19 8.61
CA SER D 466 6.05 -5.51 8.07
C SER D 466 4.83 -6.44 7.91
N LEU D 467 5.10 -7.73 7.70
CA LEU D 467 4.05 -8.76 7.66
C LEU D 467 3.34 -8.93 9.00
N ILE D 468 4.10 -9.05 10.10
CA ILE D 468 3.51 -9.29 11.44
C ILE D 468 2.69 -8.14 12.02
N ASN D 469 2.75 -6.96 11.40
CA ASN D 469 1.79 -5.88 11.65
C ASN D 469 0.77 -5.77 10.51
N GLY D 470 1.22 -6.04 9.28
CA GLY D 470 0.33 -6.15 8.13
C GLY D 470 0.45 -4.95 7.21
N ASP D 471 1.57 -4.87 6.50
CA ASP D 471 1.72 -3.99 5.35
C ASP D 471 2.48 -4.70 4.24
N ASP D 472 2.06 -4.45 3.00
CA ASP D 472 2.46 -5.24 1.83
C ASP D 472 2.27 -6.74 2.05
N MET D 473 1.18 -7.10 2.73
CA MET D 473 0.86 -8.50 3.01
C MET D 473 0.23 -9.16 1.78
N PHE D 474 -0.61 -8.43 1.05
CA PHE D 474 -1.10 -8.89 -0.25
C PHE D 474 -0.06 -8.83 -1.37
N VAL D 475 0.82 -7.83 -1.34
CA VAL D 475 1.82 -7.63 -2.41
C VAL D 475 2.83 -8.79 -2.46
N THR D 476 3.18 -9.31 -1.28
CA THR D 476 4.03 -10.53 -1.18
C THR D 476 3.42 -11.74 -1.90
N PHE D 477 2.15 -12.02 -1.61
CA PHE D 477 1.37 -13.03 -2.35
C PHE D 477 1.19 -12.68 -3.83
N ALA D 478 1.11 -11.38 -4.13
CA ALA D 478 0.98 -10.88 -5.51
C ALA D 478 2.26 -11.05 -6.33
N ALA D 479 3.42 -11.02 -5.67
CA ALA D 479 4.70 -11.40 -6.31
C ALA D 479 4.70 -12.86 -6.83
N MET D 480 3.98 -13.73 -6.11
CA MET D 480 3.91 -15.17 -6.44
C MET D 480 3.08 -15.47 -7.69
N GLN D 481 2.18 -14.55 -8.08
CA GLN D 481 1.28 -14.80 -9.22
C GLN D 481 1.99 -14.92 -10.58
N ALA D 482 3.18 -14.35 -10.68
CA ALA D 482 4.10 -14.62 -11.80
C ALA D 482 4.63 -16.06 -11.74
N GLN D 483 4.95 -16.52 -10.53
CA GLN D 483 5.49 -17.88 -10.30
C GLN D 483 4.44 -19.01 -10.24
N GLN D 484 3.16 -18.70 -10.45
CA GLN D 484 2.10 -19.72 -10.51
C GLN D 484 2.23 -20.65 -11.73
N GLY D 485 2.77 -20.13 -12.84
CA GLY D 485 3.04 -20.91 -14.05
C GLY D 485 4.52 -21.13 -14.37
N ARG D 486 5.36 -21.15 -13.32
CA ARG D 486 6.78 -21.42 -13.46
C ARG D 486 7.37 -21.68 -12.06
N SER D 487 7.84 -22.90 -11.83
CA SER D 487 8.26 -23.38 -10.50
C SER D 487 7.10 -23.35 -9.50
N SER D 488 6.01 -24.03 -9.85
CA SER D 488 4.80 -24.13 -9.03
C SER D 488 5.03 -24.70 -7.62
N LEU D 489 6.10 -25.48 -7.45
CA LEU D 489 6.53 -25.92 -6.12
C LEU D 489 7.02 -24.75 -5.25
N VAL D 490 7.67 -23.76 -5.85
CA VAL D 490 8.14 -22.56 -5.13
C VAL D 490 6.93 -21.69 -4.74
N TRP D 491 6.01 -21.52 -5.70
CA TRP D 491 4.72 -20.87 -5.46
C TRP D 491 3.94 -21.55 -4.34
N LEU D 492 3.77 -22.87 -4.44
CA LEU D 492 3.04 -23.66 -3.45
C LEU D 492 3.75 -23.71 -2.10
N PHE D 493 5.08 -23.63 -2.11
CA PHE D 493 5.87 -23.49 -0.88
C PHE D 493 5.66 -22.12 -0.24
N SER D 494 5.75 -21.07 -1.05
CA SER D 494 5.61 -19.69 -0.58
C SER D 494 4.25 -19.37 0.05
N GLN D 495 3.18 -19.98 -0.47
CA GLN D 495 1.85 -19.89 0.16
C GLN D 495 1.95 -20.44 1.57
N LEU D 496 2.40 -21.69 1.69
CA LEU D 496 2.57 -22.38 2.99
C LEU D 496 3.49 -21.62 3.93
N TYR D 497 4.50 -20.97 3.36
CA TYR D 497 5.46 -20.13 4.09
C TYR D 497 4.80 -18.87 4.65
N LEU D 498 4.23 -18.07 3.74
CA LEU D 498 3.61 -16.78 4.10
C LEU D 498 2.34 -16.93 4.96
N TYR D 499 1.51 -17.94 4.68
CA TYR D 499 0.33 -18.21 5.53
C TYR D 499 0.79 -18.57 6.93
N SER D 500 1.66 -19.58 7.01
CA SER D 500 2.16 -20.08 8.30
C SER D 500 2.84 -18.99 9.11
N PHE D 501 3.73 -18.25 8.44
CA PHE D 501 4.52 -17.22 9.10
C PHE D 501 3.67 -16.12 9.75
N ILE D 502 2.71 -15.58 9.00
CA ILE D 502 1.88 -14.47 9.51
C ILE D 502 0.71 -14.97 10.36
N SER D 503 0.18 -16.17 10.09
CA SER D 503 -0.80 -16.81 10.98
C SER D 503 -0.19 -17.14 12.34
N LEU D 504 1.04 -17.64 12.33
CA LEU D 504 1.79 -17.89 13.58
C LEU D 504 2.08 -16.61 14.39
N PHE D 505 2.59 -15.57 13.73
CA PHE D 505 3.00 -14.35 14.43
C PHE D 505 1.90 -13.31 14.67
N ILE D 506 1.04 -13.04 13.69
CA ILE D 506 -0.03 -12.05 13.89
C ILE D 506 -1.05 -12.53 14.93
N TYR D 507 -1.34 -13.83 14.94
CA TYR D 507 -2.32 -14.38 15.90
C TYR D 507 -1.66 -15.09 17.07
N MET D 508 -0.96 -16.19 16.81
CA MET D 508 -0.54 -17.12 17.87
C MET D 508 0.61 -16.60 18.74
N VAL D 509 1.40 -15.67 18.22
CA VAL D 509 2.60 -15.16 18.91
C VAL D 509 2.44 -13.72 19.42
N LEU D 510 1.92 -12.82 18.57
CA LEU D 510 1.66 -11.42 18.98
C LEU D 510 0.77 -11.36 20.24
N SER D 511 -0.30 -12.15 20.25
CA SER D 511 -1.23 -12.26 21.39
C SER D 511 -0.55 -12.49 22.75
N LEU D 512 0.48 -13.34 22.77
CA LEU D 512 1.31 -13.54 23.96
C LEU D 512 2.08 -12.27 24.34
N PHE D 513 2.60 -11.55 23.34
CA PHE D 513 3.32 -10.29 23.55
C PHE D 513 2.40 -9.16 24.06
N ILE D 514 1.17 -9.12 23.55
CA ILE D 514 0.13 -8.23 24.06
C ILE D 514 -0.24 -8.66 25.49
N ALA D 515 -0.39 -9.97 25.71
CA ALA D 515 -0.71 -10.52 27.03
C ALA D 515 0.39 -10.31 28.08
N LEU D 516 1.64 -10.23 27.64
CA LEU D 516 2.79 -9.93 28.53
C LEU D 516 2.77 -8.47 28.98
N ILE D 517 2.58 -7.57 28.01
CA ILE D 517 2.59 -6.14 28.29
C ILE D 517 1.32 -5.72 29.05
N THR D 518 0.16 -6.25 28.64
CA THR D 518 -1.09 -6.05 29.40
C THR D 518 -1.06 -6.77 30.75
N GLY D 519 -0.41 -7.93 30.80
CA GLY D 519 -0.20 -8.67 32.04
C GLY D 519 0.73 -7.98 33.03
N ALA D 520 1.72 -7.26 32.52
CA ALA D 520 2.56 -6.39 33.36
C ALA D 520 1.76 -5.19 33.89
N TYR D 521 0.94 -4.60 33.02
CA TYR D 521 0.00 -3.55 33.42
C TYR D 521 -1.03 -4.04 34.45
N ASP D 522 -1.45 -5.30 34.36
CA ASP D 522 -2.31 -5.92 35.37
C ASP D 522 -1.62 -6.02 36.74
N THR D 523 -0.34 -6.37 36.75
CA THR D 523 0.44 -6.47 38.00
C THR D 523 0.85 -5.12 38.58
N ILE D 524 1.27 -4.18 37.72
CA ILE D 524 1.78 -2.88 38.18
C ILE D 524 0.74 -2.00 38.90
N LYS D 525 -0.53 -2.07 38.46
CA LYS D 525 -1.60 -1.24 39.05
C LYS D 525 -2.02 -1.63 40.47
N HIS D 526 -1.71 -2.86 40.90
CA HIS D 526 -1.97 -3.31 42.27
C HIS D 526 -0.98 -2.68 43.25
#